data_9VIX
#
_entry.id   9VIX
#
_cell.length_a   1.00
_cell.length_b   1.00
_cell.length_c   1.00
_cell.angle_alpha   90.00
_cell.angle_beta   90.00
_cell.angle_gamma   90.00
#
_symmetry.space_group_name_H-M   'P 1'
#
loop_
_entity.id
_entity.type
_entity.pdbx_description
1 polymer 'Neuronal acetylcholine receptor subunit alpha-7'
2 branched 2-acetamido-2-deoxy-beta-D-glucopyranose-(1-4)-2-acetamido-2-deoxy-beta-D-glucopyranose
3 non-polymer (S)-3-(1-METHYLPYRROLIDIN-2-YL)PYRIDINE
4 non-polymer 2-acetamido-2-deoxy-beta-D-glucopyranose
5 water water
#
_entity_poly.entity_id   1
_entity_poly.type   'polypeptide(L)'
_entity_poly.pdbx_seq_one_letter_code
;MRCSPGGVWLALAASLLHVSLQGEFQRKLYKELVKNYNPLERPVANDSQPLTVYFSLSLLQIMDVDEKNQVLTTNIWLQM
SWTDHYLQWNVSEYPGVKTVRFPDGQIWKPDILLYNSADERFDATFHTNVLVNSSGHCQYLPPGIFKSSCYIDVRWFPFD
VQHCKLKFGSWSYGGWSLDLQMQEADISGYIPNGEWDLVGIPGKRSERFYECCKEPYPDVTFTVTMRRRTLYYGLNLLIP
CVLISALALLVFLLPADSGEKISLGITVLLSLTVFMLAVAEIMPATSDSVPLIAQYFASTMIIVGLSVVVTVIVLQYHHH
DPDGGKMPKWTRVILLNWCAWFLRMKRPGEDKVRPACQHKQRRCSLASVEMSAVAPPPASNGNLLYIGFRGLDGVHCVPT
PDSGVVCGRMACSPTHDEHLLHGGQPPEGDPDLAKILEEVRYIANRFRCQDESEAVCSEWKFAACVVDRLCLMAFSVFTI
ICTIGILMSAPNFVEAVSKDFAGGDYKDDDDK
;
_entity_poly.pdbx_strand_id   A,B,C,D,E
#
loop_
_chem_comp.id
_chem_comp.type
_chem_comp.name
_chem_comp.formula
NAG D-saccharide, beta linking 2-acetamido-2-deoxy-beta-D-glucopyranose 'C8 H15 N O6'
NCT non-polymer (S)-3-(1-METHYLPYRROLIDIN-2-YL)PYRIDINE 'C10 H14 N2'
#
# COMPACT_ATOMS: atom_id res chain seq x y z
N GLY A 23 -12.79 -39.15 39.91
CA GLY A 23 -13.13 -40.26 40.78
C GLY A 23 -11.98 -40.70 41.65
N GLU A 24 -12.26 -41.54 42.64
CA GLU A 24 -11.21 -42.02 43.53
C GLU A 24 -10.19 -42.86 42.77
N PHE A 25 -10.65 -43.72 41.86
CA PHE A 25 -9.72 -44.53 41.08
C PHE A 25 -8.85 -43.68 40.19
N GLN A 26 -9.44 -42.69 39.51
CA GLN A 26 -8.65 -41.82 38.65
C GLN A 26 -7.65 -41.01 39.45
N ARG A 27 -8.06 -40.50 40.63
CA ARG A 27 -7.15 -39.74 41.47
C ARG A 27 -5.98 -40.60 41.93
N LYS A 28 -6.28 -41.83 42.37
CA LYS A 28 -5.21 -42.74 42.78
C LYS A 28 -4.27 -43.06 41.63
N LEU A 29 -4.84 -43.29 40.43
CA LEU A 29 -4.01 -43.61 39.28
C LEU A 29 -3.10 -42.45 38.93
N TYR A 30 -3.62 -41.22 38.96
CA TYR A 30 -2.80 -40.05 38.67
C TYR A 30 -1.71 -39.87 39.73
N LYS A 31 -2.06 -40.09 41.01
CA LYS A 31 -1.07 -39.94 42.07
C LYS A 31 0.05 -40.98 41.93
N GLU A 32 -0.31 -42.22 41.62
CA GLU A 32 0.70 -43.28 41.55
C GLU A 32 1.52 -43.21 40.27
N LEU A 33 0.90 -42.81 39.16
CA LEU A 33 1.57 -42.83 37.87
C LEU A 33 2.69 -41.80 37.80
N VAL A 34 2.46 -40.61 38.35
CA VAL A 34 3.47 -39.56 38.29
C VAL A 34 4.61 -39.83 39.29
N LYS A 35 4.38 -40.69 40.27
CA LYS A 35 5.41 -40.98 41.27
C LYS A 35 6.66 -41.55 40.59
N ASN A 36 7.82 -40.98 40.95
CA ASN A 36 9.11 -41.40 40.40
C ASN A 36 9.13 -41.34 38.88
N TYR A 37 8.56 -40.27 38.33
CA TYR A 37 8.55 -40.06 36.89
C TYR A 37 9.38 -38.84 36.55
N ASN A 38 10.31 -38.99 35.61
CA ASN A 38 11.18 -37.90 35.18
C ASN A 38 10.81 -37.50 33.76
N PRO A 39 10.30 -36.29 33.54
CA PRO A 39 9.90 -35.89 32.18
C PRO A 39 11.05 -35.84 31.19
N LEU A 40 12.29 -35.72 31.66
CA LEU A 40 13.44 -35.67 30.76
C LEU A 40 13.80 -37.03 30.20
N GLU A 41 13.59 -38.09 30.97
CA GLU A 41 14.04 -39.41 30.58
C GLU A 41 13.27 -39.93 29.37
N ARG A 42 13.99 -40.54 28.43
CA ARG A 42 13.36 -41.19 27.30
C ARG A 42 12.63 -42.43 27.77
N PRO A 43 11.34 -42.57 27.50
CA PRO A 43 10.55 -43.68 28.07
C PRO A 43 10.73 -45.02 27.35
N VAL A 44 11.86 -45.66 27.62
CA VAL A 44 12.16 -46.97 27.07
C VAL A 44 12.56 -47.91 28.20
N ALA A 45 12.24 -49.20 28.02
CA ALA A 45 12.63 -50.19 29.01
C ALA A 45 14.12 -50.50 28.92
N ASN A 46 14.63 -50.63 27.70
CA ASN A 46 16.05 -50.89 27.45
C ASN A 46 16.66 -49.65 26.84
N ASP A 47 17.67 -49.09 27.51
CA ASP A 47 18.25 -47.82 27.09
C ASP A 47 18.91 -47.93 25.72
N SER A 48 19.56 -49.05 25.44
CA SER A 48 20.27 -49.21 24.17
C SER A 48 19.31 -49.19 22.98
N GLN A 49 18.14 -49.77 23.14
CA GLN A 49 17.20 -49.84 22.02
C GLN A 49 16.59 -48.45 21.75
N PRO A 50 16.51 -48.05 20.49
CA PRO A 50 15.87 -46.76 20.18
C PRO A 50 14.37 -46.82 20.40
N LEU A 51 13.79 -45.64 20.55
CA LEU A 51 12.35 -45.50 20.75
C LEU A 51 11.69 -45.22 19.40
N THR A 52 10.67 -46.00 19.07
CA THR A 52 9.99 -45.85 17.80
C THR A 52 8.91 -44.78 17.92
N VAL A 53 8.96 -43.77 17.07
CA VAL A 53 7.98 -42.70 17.04
C VAL A 53 7.38 -42.65 15.63
N TYR A 54 6.07 -42.77 15.55
CA TYR A 54 5.36 -42.73 14.27
C TYR A 54 4.86 -41.30 14.04
N PHE A 55 5.48 -40.60 13.11
CA PHE A 55 5.15 -39.23 12.80
C PHE A 55 4.32 -39.16 11.53
N SER A 56 3.22 -38.41 11.57
CA SER A 56 2.36 -38.23 10.41
C SER A 56 1.99 -36.75 10.34
N LEU A 57 1.03 -36.44 9.47
CA LEU A 57 0.59 -35.06 9.30
C LEU A 57 -0.84 -35.09 8.77
N SER A 58 -1.62 -34.08 9.15
CA SER A 58 -3.01 -33.95 8.75
C SER A 58 -3.22 -32.54 8.19
N LEU A 59 -3.03 -32.38 6.90
CA LEU A 59 -3.25 -31.09 6.26
C LEU A 59 -4.73 -30.74 6.27
N LEU A 60 -5.03 -29.50 6.67
CA LEU A 60 -6.41 -29.03 6.73
C LEU A 60 -6.71 -27.93 5.72
N GLN A 61 -5.84 -26.93 5.60
CA GLN A 61 -6.10 -25.81 4.72
C GLN A 61 -4.80 -25.13 4.35
N ILE A 62 -4.68 -24.71 3.10
CA ILE A 62 -3.54 -23.92 2.64
C ILE A 62 -4.00 -22.46 2.74
N MET A 63 -3.79 -21.86 3.90
CA MET A 63 -4.36 -20.54 4.15
C MET A 63 -3.78 -19.48 3.22
N ASP A 64 -2.47 -19.50 3.01
CA ASP A 64 -1.84 -18.46 2.22
C ASP A 64 -0.49 -18.94 1.73
N VAL A 65 -0.15 -18.55 0.49
CA VAL A 65 1.19 -18.72 -0.06
C VAL A 65 1.64 -17.37 -0.58
N ASP A 66 2.88 -17.00 -0.27
CA ASP A 66 3.42 -15.69 -0.60
C ASP A 66 4.50 -15.87 -1.66
N GLU A 67 4.16 -15.60 -2.91
CA GLU A 67 5.16 -15.67 -3.97
C GLU A 67 6.26 -14.65 -3.75
N LYS A 68 5.90 -13.44 -3.33
CA LYS A 68 6.89 -12.39 -3.08
C LYS A 68 7.80 -12.75 -1.92
N ASN A 69 7.25 -13.29 -0.85
CA ASN A 69 8.01 -13.61 0.35
C ASN A 69 8.55 -15.03 0.36
N GLN A 70 8.16 -15.87 -0.61
CA GLN A 70 8.60 -17.27 -0.68
C GLN A 70 8.29 -18.01 0.62
N VAL A 71 7.10 -17.78 1.17
CA VAL A 71 6.65 -18.44 2.39
C VAL A 71 5.34 -19.14 2.10
N LEU A 72 5.10 -20.25 2.79
CA LEU A 72 3.87 -21.00 2.67
C LEU A 72 3.23 -21.15 4.04
N THR A 73 1.99 -20.69 4.18
CA THR A 73 1.26 -20.73 5.43
C THR A 73 0.20 -21.81 5.36
N THR A 74 0.31 -22.80 6.24
CA THR A 74 -0.59 -23.94 6.24
C THR A 74 -1.15 -24.18 7.63
N ASN A 75 -2.31 -24.81 7.67
CA ASN A 75 -2.99 -25.18 8.91
C ASN A 75 -2.99 -26.70 8.96
N ILE A 76 -2.09 -27.27 9.77
CA ILE A 76 -1.92 -28.71 9.81
C ILE A 76 -1.93 -29.19 11.25
N TRP A 77 -2.24 -30.48 11.42
CA TRP A 77 -2.20 -31.16 12.70
C TRP A 77 -1.08 -32.19 12.64
N LEU A 78 0.00 -31.95 13.39
CA LEU A 78 1.02 -32.97 13.52
C LEU A 78 0.46 -34.16 14.27
N GLN A 79 0.95 -35.35 13.93
CA GLN A 79 0.50 -36.59 14.57
C GLN A 79 1.73 -37.38 15.00
N MET A 80 1.91 -37.52 16.31
CA MET A 80 2.98 -38.35 16.85
C MET A 80 2.37 -39.42 17.74
N SER A 81 3.06 -40.55 17.83
CA SER A 81 2.60 -41.67 18.63
C SER A 81 3.81 -42.52 19.02
N TRP A 82 3.86 -42.91 20.29
CA TRP A 82 4.97 -43.72 20.78
C TRP A 82 4.51 -44.49 22.00
N THR A 83 5.27 -45.53 22.33
CA THR A 83 4.96 -46.39 23.46
C THR A 83 5.77 -45.94 24.67
N ASP A 84 5.07 -45.67 25.77
CA ASP A 84 5.70 -45.25 27.02
C ASP A 84 5.72 -46.43 27.98
N HIS A 85 6.92 -46.77 28.47
CA HIS A 85 7.06 -47.93 29.33
C HIS A 85 6.52 -47.67 30.73
N TYR A 86 6.55 -46.42 31.18
CA TYR A 86 6.20 -46.10 32.56
C TYR A 86 4.73 -45.76 32.74
N LEU A 87 4.03 -45.39 31.67
CA LEU A 87 2.64 -44.94 31.76
C LEU A 87 1.68 -46.11 31.49
N GLN A 88 1.83 -47.16 32.28
CA GLN A 88 1.05 -48.38 32.13
C GLN A 88 0.36 -48.72 33.44
N TRP A 89 -0.83 -49.28 33.33
CA TRP A 89 -1.58 -49.71 34.51
C TRP A 89 -2.57 -50.79 34.11
N ASN A 90 -3.05 -51.51 35.12
CA ASN A 90 -4.03 -52.57 34.92
C ASN A 90 -5.43 -52.01 35.13
N VAL A 91 -6.31 -52.19 34.14
CA VAL A 91 -7.66 -51.65 34.22
C VAL A 91 -8.47 -52.33 35.32
N SER A 92 -8.05 -53.51 35.76
CA SER A 92 -8.78 -54.20 36.82
C SER A 92 -8.78 -53.39 38.11
N GLU A 93 -7.65 -52.78 38.45
CA GLU A 93 -7.57 -51.95 39.65
C GLU A 93 -8.13 -50.55 39.46
N TYR A 94 -8.35 -50.12 38.22
CA TYR A 94 -8.94 -48.82 37.92
C TYR A 94 -10.10 -49.05 36.95
N PRO A 95 -11.26 -49.46 37.46
CA PRO A 95 -12.32 -49.95 36.57
C PRO A 95 -12.79 -48.93 35.54
N GLY A 96 -12.87 -47.66 35.90
CA GLY A 96 -13.46 -46.68 35.00
C GLY A 96 -12.47 -45.92 34.15
N VAL A 97 -11.19 -45.99 34.49
CA VAL A 97 -10.17 -45.19 33.83
C VAL A 97 -9.56 -45.99 32.69
N LYS A 98 -9.70 -45.47 31.47
CA LYS A 98 -9.11 -46.09 30.29
C LYS A 98 -8.01 -45.24 29.65
N THR A 99 -8.10 -43.92 29.72
CA THR A 99 -7.07 -43.04 29.20
C THR A 99 -6.83 -41.91 30.20
N VAL A 100 -5.61 -41.38 30.18
CA VAL A 100 -5.26 -40.22 30.98
C VAL A 100 -4.56 -39.22 30.08
N ARG A 101 -4.59 -37.95 30.49
CA ARG A 101 -4.10 -36.85 29.68
C ARG A 101 -3.09 -36.04 30.48
N PHE A 102 -1.95 -35.74 29.87
CA PHE A 102 -0.93 -34.93 30.50
C PHE A 102 -0.64 -33.68 29.69
N PRO A 103 -0.51 -32.53 30.34
CA PRO A 103 -0.23 -31.28 29.63
C PRO A 103 1.25 -31.19 29.27
N ASP A 104 1.63 -30.04 28.73
CA ASP A 104 3.01 -29.81 28.34
C ASP A 104 3.92 -29.79 29.56
N GLY A 105 5.08 -30.40 29.44
CA GLY A 105 6.10 -30.32 30.45
C GLY A 105 5.98 -31.31 31.60
N GLN A 106 5.04 -32.24 31.55
CA GLN A 106 4.89 -33.23 32.61
C GLN A 106 5.19 -34.66 32.18
N ILE A 107 5.17 -34.96 30.89
CA ILE A 107 5.64 -36.24 30.38
C ILE A 107 6.52 -35.99 29.17
N TRP A 108 7.35 -36.98 28.85
CA TRP A 108 8.30 -36.85 27.75
C TRP A 108 7.56 -36.71 26.42
N LYS A 109 8.01 -35.76 25.61
CA LYS A 109 7.49 -35.56 24.27
C LYS A 109 8.65 -35.37 23.30
N PRO A 110 8.55 -35.94 22.09
CA PRO A 110 9.60 -35.70 21.10
C PRO A 110 9.63 -34.24 20.69
N ASP A 111 10.84 -33.71 20.55
CA ASP A 111 11.04 -32.33 20.12
C ASP A 111 11.16 -32.31 18.60
N ILE A 112 10.05 -32.64 17.95
CA ILE A 112 9.98 -32.68 16.49
C ILE A 112 9.63 -31.29 16.00
N LEU A 113 10.58 -30.64 15.34
CA LEU A 113 10.43 -29.27 14.88
C LEU A 113 10.41 -29.24 13.36
N LEU A 114 9.79 -28.19 12.82
CA LEU A 114 9.80 -27.95 11.38
C LEU A 114 11.11 -27.27 11.02
N TYR A 115 11.98 -27.98 10.30
CA TYR A 115 13.32 -27.47 10.03
C TYR A 115 13.27 -26.18 9.23
N ASN A 116 12.52 -26.17 8.13
CA ASN A 116 12.48 -25.02 7.23
C ASN A 116 11.33 -24.09 7.59
N SER A 117 11.37 -23.59 8.83
CA SER A 117 10.31 -22.73 9.34
C SER A 117 10.69 -21.27 9.16
N ALA A 118 9.76 -20.49 8.59
CA ALA A 118 9.96 -19.06 8.41
C ALA A 118 9.18 -18.24 9.43
N ASP A 119 8.68 -18.87 10.49
CA ASP A 119 7.94 -18.18 11.52
C ASP A 119 8.88 -17.48 12.48
N GLU A 120 8.43 -16.35 13.03
CA GLU A 120 9.26 -15.58 13.95
C GLU A 120 9.67 -16.42 15.16
N ARG A 121 8.72 -17.15 15.73
CA ARG A 121 9.04 -18.21 16.67
C ARG A 121 9.16 -19.52 15.90
N PHE A 122 10.28 -20.22 16.11
CA PHE A 122 10.58 -21.38 15.27
C PHE A 122 9.52 -22.46 15.40
N ASP A 123 8.94 -22.64 16.58
CA ASP A 123 7.91 -23.65 16.81
C ASP A 123 6.55 -22.95 16.80
N ALA A 124 5.70 -23.33 15.84
CA ALA A 124 4.37 -22.76 15.72
C ALA A 124 3.29 -23.66 16.28
N THR A 125 3.65 -24.83 16.81
CA THR A 125 2.66 -25.74 17.35
C THR A 125 2.03 -25.17 18.60
N PHE A 126 0.77 -25.55 18.83
CA PHE A 126 0.07 -25.24 20.08
C PHE A 126 0.10 -26.51 20.92
N HIS A 127 0.80 -26.46 22.05
CA HIS A 127 1.01 -27.64 22.87
C HIS A 127 -0.29 -28.02 23.57
N THR A 128 -0.89 -29.12 23.15
CA THR A 128 -2.13 -29.63 23.74
C THR A 128 -1.82 -30.80 24.66
N ASN A 129 -2.87 -31.40 25.19
CA ASN A 129 -2.72 -32.54 26.08
C ASN A 129 -2.23 -33.75 25.30
N VAL A 130 -1.83 -34.78 26.05
CA VAL A 130 -1.27 -36.00 25.50
C VAL A 130 -2.05 -37.18 26.06
N LEU A 131 -2.75 -37.92 25.20
CA LEU A 131 -3.49 -39.08 25.65
C LEU A 131 -2.57 -40.27 25.84
N VAL A 132 -2.99 -41.19 26.71
CA VAL A 132 -2.19 -42.37 27.05
C VAL A 132 -3.13 -43.57 27.10
N ASN A 133 -2.70 -44.68 26.50
CA ASN A 133 -3.43 -45.94 26.57
C ASN A 133 -3.49 -46.46 28.00
N SER A 134 -4.22 -47.54 28.21
CA SER A 134 -4.05 -48.33 29.43
C SER A 134 -2.86 -49.27 29.32
N SER A 135 -2.23 -49.36 28.16
CA SER A 135 -1.09 -50.22 27.93
C SER A 135 0.20 -49.43 27.67
N GLY A 136 0.16 -48.12 27.84
CA GLY A 136 1.33 -47.28 27.69
C GLY A 136 1.43 -46.54 26.37
N HIS A 137 0.68 -46.96 25.36
CA HIS A 137 0.74 -46.28 24.07
CA HIS A 137 0.73 -46.28 24.07
C HIS A 137 0.27 -44.84 24.21
N CYS A 138 0.94 -43.95 23.49
CA CYS A 138 0.70 -42.52 23.60
C CYS A 138 0.30 -41.92 22.26
N GLN A 139 -0.38 -40.77 22.34
CA GLN A 139 -0.80 -40.02 21.18
C GLN A 139 -0.55 -38.54 21.42
N TYR A 140 -0.33 -37.80 20.35
CA TYR A 140 -0.05 -36.37 20.47
C TYR A 140 -0.37 -35.71 19.13
N LEU A 141 -1.37 -34.83 19.12
CA LEU A 141 -1.80 -34.15 17.91
C LEU A 141 -1.84 -32.65 18.16
N PRO A 142 -0.68 -32.00 18.15
CA PRO A 142 -0.65 -30.56 18.37
C PRO A 142 -0.99 -29.81 17.09
N PRO A 143 -1.99 -28.94 17.12
CA PRO A 143 -2.32 -28.12 15.95
C PRO A 143 -1.33 -26.98 15.81
N GLY A 144 -1.59 -26.13 14.85
CA GLY A 144 -0.77 -24.95 14.66
C GLY A 144 -0.73 -24.53 13.20
N ILE A 145 -0.47 -23.24 13.00
CA ILE A 145 -0.33 -22.66 11.67
C ILE A 145 1.14 -22.47 11.38
N PHE A 146 1.64 -23.18 10.37
CA PHE A 146 3.07 -23.28 10.11
C PHE A 146 3.44 -22.38 8.93
N LYS A 147 4.48 -21.58 9.11
CA LYS A 147 5.05 -20.78 8.04
C LYS A 147 6.38 -21.39 7.64
N SER A 148 6.43 -21.99 6.47
CA SER A 148 7.62 -22.64 5.95
C SER A 148 8.14 -21.89 4.75
N SER A 149 9.46 -21.79 4.64
CA SER A 149 10.10 -21.09 3.52
C SER A 149 10.34 -22.12 2.42
N CYS A 150 9.50 -22.10 1.40
CA CYS A 150 9.61 -23.00 0.27
C CYS A 150 9.94 -22.21 -0.98
N TYR A 151 10.85 -22.75 -1.79
CA TYR A 151 11.24 -22.09 -3.03
C TYR A 151 10.08 -22.15 -4.02
N ILE A 152 9.72 -20.98 -4.57
CA ILE A 152 8.53 -20.84 -5.41
C ILE A 152 8.98 -20.43 -6.80
N ASP A 153 8.59 -21.23 -7.80
CA ASP A 153 8.93 -20.98 -9.19
C ASP A 153 7.83 -20.14 -9.83
N VAL A 154 8.21 -18.97 -10.35
CA VAL A 154 7.31 -18.11 -11.10
C VAL A 154 7.63 -18.11 -12.58
N ARG A 155 8.46 -19.05 -13.04
CA ARG A 155 8.81 -19.12 -14.45
C ARG A 155 7.59 -19.36 -15.32
N TRP A 156 6.68 -20.23 -14.89
CA TRP A 156 5.49 -20.56 -15.65
C TRP A 156 4.24 -19.87 -15.10
N PHE A 157 4.43 -18.79 -14.34
CA PHE A 157 3.30 -18.07 -13.76
C PHE A 157 2.42 -17.52 -14.87
N PRO A 158 1.08 -17.59 -14.72
CA PRO A 158 0.31 -18.16 -13.61
C PRO A 158 -0.02 -19.64 -13.78
N PHE A 159 0.61 -20.34 -14.71
CA PHE A 159 0.31 -21.74 -14.98
C PHE A 159 1.31 -22.68 -14.31
N ASP A 160 1.74 -22.33 -13.11
CA ASP A 160 2.80 -23.04 -12.42
C ASP A 160 2.24 -24.02 -11.39
N VAL A 161 2.95 -25.13 -11.22
CA VAL A 161 2.68 -26.10 -10.16
C VAL A 161 3.83 -26.03 -9.17
N GLN A 162 3.50 -25.98 -7.88
CA GLN A 162 4.47 -25.70 -6.83
C GLN A 162 4.69 -26.93 -5.97
N HIS A 163 5.95 -27.18 -5.63
CA HIS A 163 6.33 -28.28 -4.73
C HIS A 163 7.02 -27.67 -3.52
N CYS A 164 6.23 -27.28 -2.52
CA CYS A 164 6.76 -26.72 -1.28
C CYS A 164 6.96 -27.85 -0.27
N LYS A 165 8.16 -27.92 0.30
CA LYS A 165 8.56 -29.01 1.18
C LYS A 165 8.39 -28.61 2.63
N LEU A 166 7.92 -29.57 3.44
CA LEU A 166 7.88 -29.44 4.89
C LEU A 166 8.78 -30.51 5.47
N LYS A 167 9.80 -30.09 6.23
CA LYS A 167 10.80 -31.00 6.76
C LYS A 167 10.65 -31.08 8.27
N PHE A 168 10.36 -32.27 8.78
CA PHE A 168 10.17 -32.51 10.20
C PHE A 168 11.17 -33.56 10.67
N GLY A 169 11.68 -33.36 11.87
CA GLY A 169 12.60 -34.32 12.45
C GLY A 169 12.99 -33.91 13.85
N SER A 170 13.42 -34.90 14.63
CA SER A 170 13.84 -34.63 15.99
C SER A 170 15.05 -33.70 16.00
N TRP A 171 15.08 -32.80 16.98
CA TRP A 171 16.16 -31.82 17.04
C TRP A 171 17.37 -32.32 17.82
N SER A 172 17.16 -33.07 18.90
CA SER A 172 18.25 -33.49 19.77
C SER A 172 18.43 -34.99 19.86
N TYR A 173 17.62 -35.77 19.15
CA TYR A 173 17.68 -37.22 19.21
C TYR A 173 18.08 -37.77 17.85
N GLY A 174 19.07 -38.65 17.84
CA GLY A 174 19.58 -39.24 16.63
C GLY A 174 18.90 -40.54 16.27
N GLY A 175 19.55 -41.30 15.39
CA GLY A 175 18.99 -42.56 14.94
C GLY A 175 18.92 -43.60 16.04
N TRP A 176 19.97 -43.69 16.85
CA TRP A 176 20.00 -44.68 17.91
C TRP A 176 19.12 -44.34 19.09
N SER A 177 18.56 -43.13 19.13
CA SER A 177 17.72 -42.70 20.25
C SER A 177 16.24 -42.67 19.88
N LEU A 178 15.87 -41.95 18.82
CA LEU A 178 14.49 -41.77 18.42
C LEU A 178 14.32 -42.27 16.99
N ASP A 179 13.87 -43.52 16.85
CA ASP A 179 13.65 -44.13 15.54
C ASP A 179 12.38 -43.55 14.94
N LEU A 180 12.52 -42.39 14.30
CA LEU A 180 11.38 -41.75 13.66
C LEU A 180 10.89 -42.58 12.49
N GLN A 181 9.57 -42.66 12.35
CA GLN A 181 8.94 -43.40 11.27
C GLN A 181 7.90 -42.51 10.60
N MET A 182 7.58 -42.85 9.36
CA MET A 182 6.66 -42.08 8.54
C MET A 182 5.32 -42.78 8.46
N GLN A 183 4.25 -41.99 8.52
CA GLN A 183 2.91 -42.46 8.21
C GLN A 183 2.30 -41.54 7.16
N GLU A 184 1.44 -42.12 6.32
CA GLU A 184 0.90 -41.37 5.19
C GLU A 184 0.12 -40.16 5.65
N ALA A 185 0.33 -39.03 4.98
CA ALA A 185 -0.36 -37.80 5.31
C ALA A 185 -1.86 -37.96 5.09
N ASP A 186 -2.65 -37.33 5.96
CA ASP A 186 -4.10 -37.45 5.93
C ASP A 186 -4.68 -36.15 5.39
N ILE A 187 -5.53 -36.26 4.37
CA ILE A 187 -6.15 -35.11 3.75
C ILE A 187 -7.66 -35.31 3.69
N SER A 188 -8.19 -36.14 4.57
CA SER A 188 -9.64 -36.37 4.60
C SER A 188 -10.38 -35.10 5.01
N GLY A 189 -9.86 -34.38 5.99
CA GLY A 189 -10.45 -33.15 6.45
C GLY A 189 -10.02 -31.90 5.71
N TYR A 190 -9.24 -32.04 4.66
CA TYR A 190 -8.76 -30.87 3.91
C TYR A 190 -9.93 -30.13 3.28
N ILE A 191 -9.98 -28.82 3.49
CA ILE A 191 -11.00 -27.98 2.89
C ILE A 191 -10.42 -27.31 1.65
N PRO A 192 -11.09 -27.38 0.51
CA PRO A 192 -10.51 -26.83 -0.72
C PRO A 192 -10.24 -25.34 -0.60
N ASN A 193 -9.14 -24.90 -1.19
CA ASN A 193 -8.78 -23.50 -1.25
C ASN A 193 -9.29 -22.89 -2.54
N GLY A 194 -9.66 -21.62 -2.48
CA GLY A 194 -10.22 -20.96 -3.64
C GLY A 194 -9.24 -20.60 -4.73
N GLU A 195 -7.95 -20.77 -4.48
CA GLU A 195 -6.91 -20.39 -5.42
C GLU A 195 -6.04 -21.55 -5.86
N TRP A 196 -5.72 -22.48 -4.96
CA TRP A 196 -4.78 -23.55 -5.23
C TRP A 196 -5.49 -24.90 -5.19
N ASP A 197 -5.23 -25.72 -6.21
CA ASP A 197 -5.78 -27.07 -6.30
C ASP A 197 -4.69 -28.02 -5.82
N LEU A 198 -4.97 -28.76 -4.76
CA LEU A 198 -4.00 -29.68 -4.19
C LEU A 198 -3.85 -30.91 -5.09
N VAL A 199 -2.62 -31.22 -5.46
CA VAL A 199 -2.34 -32.43 -6.22
C VAL A 199 -2.06 -33.61 -5.30
N GLY A 200 -1.25 -33.40 -4.27
CA GLY A 200 -0.99 -34.44 -3.30
C GLY A 200 0.05 -33.96 -2.31
N ILE A 201 0.18 -34.71 -1.22
CA ILE A 201 1.16 -34.40 -0.19
C ILE A 201 1.91 -35.68 0.16
N PRO A 202 2.74 -36.20 -0.73
CA PRO A 202 3.51 -37.40 -0.41
C PRO A 202 4.65 -37.09 0.53
N GLY A 203 5.12 -38.13 1.23
CA GLY A 203 6.20 -37.98 2.18
C GLY A 203 7.38 -38.85 1.81
N LYS A 204 8.49 -38.62 2.51
CA LYS A 204 9.70 -39.40 2.30
C LYS A 204 10.56 -39.30 3.56
N ARG A 205 10.93 -40.46 4.11
CA ARG A 205 11.74 -40.52 5.32
C ARG A 205 13.20 -40.69 4.91
N SER A 206 14.04 -39.73 5.29
CA SER A 206 15.44 -39.72 4.90
C SER A 206 16.32 -39.61 6.13
N GLU A 207 17.52 -40.16 6.01
CA GLU A 207 18.51 -40.15 7.09
C GLU A 207 19.68 -39.28 6.65
N ARG A 208 19.99 -38.25 7.44
CA ARG A 208 21.00 -37.27 7.08
C ARG A 208 21.99 -37.07 8.23
N PHE A 209 23.27 -37.06 7.89
CA PHE A 209 24.33 -36.80 8.86
C PHE A 209 24.50 -35.30 9.07
N TYR A 210 25.19 -34.95 10.15
CA TYR A 210 25.47 -33.55 10.47
C TYR A 210 26.92 -33.40 10.93
N GLU A 211 27.45 -32.19 10.71
CA GLU A 211 28.84 -31.91 11.05
C GLU A 211 29.07 -31.88 12.56
N CYS A 212 28.03 -31.63 13.35
CA CYS A 212 28.18 -31.63 14.80
C CYS A 212 28.64 -32.98 15.32
N CYS A 213 27.96 -34.03 14.88
CA CYS A 213 27.95 -35.29 15.61
C CYS A 213 28.05 -36.44 14.62
N LYS A 214 28.52 -37.58 15.12
CA LYS A 214 28.65 -38.79 14.31
C LYS A 214 27.38 -39.65 14.32
N GLU A 215 26.24 -39.03 14.61
CA GLU A 215 24.98 -39.74 14.75
C GLU A 215 24.01 -39.29 13.65
N PRO A 216 23.49 -40.19 12.82
CA PRO A 216 22.51 -39.78 11.81
C PRO A 216 21.22 -39.30 12.45
N TYR A 217 20.59 -38.34 11.79
CA TYR A 217 19.32 -37.77 12.28
C TYR A 217 18.23 -38.01 11.26
N PRO A 218 17.42 -39.05 11.42
CA PRO A 218 16.33 -39.29 10.46
C PRO A 218 15.30 -38.18 10.52
N ASP A 219 14.65 -37.95 9.38
CA ASP A 219 13.64 -36.91 9.25
C ASP A 219 12.53 -37.40 8.34
N VAL A 220 11.43 -36.63 8.31
CA VAL A 220 10.30 -36.92 7.45
C VAL A 220 9.98 -35.65 6.67
N THR A 221 10.04 -35.73 5.34
CA THR A 221 9.81 -34.59 4.48
C THR A 221 8.50 -34.79 3.72
N PHE A 222 7.60 -33.82 3.83
CA PHE A 222 6.33 -33.85 3.12
C PHE A 222 6.34 -32.79 2.04
N THR A 223 6.15 -33.20 0.79
CA THR A 223 6.14 -32.28 -0.35
C THR A 223 4.70 -31.98 -0.71
N VAL A 224 4.31 -30.71 -0.59
CA VAL A 224 2.95 -30.28 -0.86
C VAL A 224 2.90 -29.81 -2.31
N THR A 225 2.45 -30.69 -3.20
CA THR A 225 2.33 -30.36 -4.62
C THR A 225 1.02 -29.61 -4.84
N MET A 226 1.12 -28.34 -5.22
CA MET A 226 -0.05 -27.49 -5.40
C MET A 226 -0.08 -26.95 -6.83
N ARG A 227 -1.26 -26.97 -7.44
CA ARG A 227 -1.46 -26.40 -8.76
C ARG A 227 -2.33 -25.16 -8.65
N ARG A 228 -1.87 -24.07 -9.25
CA ARG A 228 -2.60 -22.81 -9.19
C ARG A 228 -3.78 -22.83 -10.15
N ARG A 229 -4.95 -22.44 -9.65
CA ARG A 229 -6.13 -22.30 -10.50
C ARG A 229 -6.05 -20.97 -11.22
N THR A 230 -6.05 -21.01 -12.55
CA THR A 230 -5.70 -19.86 -13.37
C THR A 230 -6.89 -19.08 -13.90
N LEU A 231 -8.10 -19.37 -13.43
CA LEU A 231 -9.26 -18.66 -13.93
C LEU A 231 -9.19 -17.17 -13.60
N TYR A 232 -8.94 -16.84 -12.33
CA TYR A 232 -8.89 -15.45 -11.92
C TYR A 232 -7.76 -14.71 -12.61
N TYR A 233 -6.58 -15.33 -12.67
CA TYR A 233 -5.44 -14.66 -13.28
C TYR A 233 -5.65 -14.47 -14.78
N GLY A 234 -6.17 -15.50 -15.47
CA GLY A 234 -6.46 -15.34 -16.87
C GLY A 234 -7.51 -14.28 -17.15
N LEU A 235 -8.49 -14.14 -16.26
CA LEU A 235 -9.54 -13.16 -16.47
C LEU A 235 -9.08 -11.74 -16.14
N ASN A 236 -8.17 -11.58 -15.18
CA ASN A 236 -7.84 -10.26 -14.67
C ASN A 236 -6.49 -9.74 -15.13
N LEU A 237 -5.61 -10.59 -15.67
CA LEU A 237 -4.29 -10.18 -16.11
C LEU A 237 -4.07 -10.40 -17.60
N LEU A 238 -4.38 -11.59 -18.10
CA LEU A 238 -4.10 -11.89 -19.50
C LEU A 238 -5.11 -11.23 -20.43
N ILE A 239 -6.41 -11.50 -20.20
CA ILE A 239 -7.45 -10.99 -21.10
C ILE A 239 -7.39 -9.46 -21.25
N PRO A 240 -7.28 -8.68 -20.18
CA PRO A 240 -7.17 -7.22 -20.38
C PRO A 240 -5.99 -6.83 -21.25
N CYS A 241 -4.87 -7.54 -21.14
CA CYS A 241 -3.72 -7.20 -21.98
C CYS A 241 -3.98 -7.54 -23.45
N VAL A 242 -4.62 -8.67 -23.72
CA VAL A 242 -4.99 -8.98 -25.11
C VAL A 242 -5.89 -7.87 -25.65
N LEU A 243 -6.88 -7.46 -24.84
CA LEU A 243 -7.83 -6.45 -25.32
C LEU A 243 -7.14 -5.12 -25.58
N ILE A 244 -6.28 -4.68 -24.66
CA ILE A 244 -5.62 -3.39 -24.83
C ILE A 244 -4.63 -3.43 -25.98
N SER A 245 -3.89 -4.53 -26.14
CA SER A 245 -2.97 -4.65 -27.26
C SER A 245 -3.72 -4.63 -28.59
N ALA A 246 -4.86 -5.34 -28.66
CA ALA A 246 -5.65 -5.32 -29.88
C ALA A 246 -6.22 -3.93 -30.14
N LEU A 247 -6.60 -3.22 -29.08
CA LEU A 247 -7.11 -1.87 -29.24
C LEU A 247 -6.02 -0.90 -29.68
N ALA A 248 -4.77 -1.18 -29.33
CA ALA A 248 -3.66 -0.37 -29.82
C ALA A 248 -3.51 -0.45 -31.32
N LEU A 249 -3.93 -1.56 -31.93
CA LEU A 249 -3.84 -1.72 -33.38
C LEU A 249 -4.85 -0.86 -34.13
N LEU A 250 -5.82 -0.28 -33.44
CA LEU A 250 -6.79 0.58 -34.10
C LEU A 250 -6.17 1.83 -34.70
N VAL A 251 -4.97 2.20 -34.25
CA VAL A 251 -4.28 3.35 -34.83
C VAL A 251 -4.11 3.15 -36.33
N PHE A 252 -3.97 1.91 -36.76
CA PHE A 252 -3.81 1.58 -38.16
C PHE A 252 -5.13 1.54 -38.92
N LEU A 253 -6.24 1.95 -38.29
CA LEU A 253 -7.48 2.18 -38.99
C LEU A 253 -7.92 3.62 -38.98
N LEU A 254 -7.42 4.42 -38.04
CA LEU A 254 -7.74 5.84 -38.01
C LEU A 254 -7.17 6.53 -39.25
N PRO A 255 -7.97 7.29 -39.99
CA PRO A 255 -7.42 8.11 -41.05
C PRO A 255 -6.49 9.16 -40.48
N ALA A 256 -5.41 9.44 -41.22
CA ALA A 256 -4.39 10.36 -40.73
C ALA A 256 -4.89 11.80 -40.66
N ASP A 257 -5.99 12.12 -41.35
CA ASP A 257 -6.48 13.49 -41.35
C ASP A 257 -6.90 13.92 -39.95
N SER A 258 -7.52 13.03 -39.19
CA SER A 258 -7.84 13.30 -37.80
C SER A 258 -6.57 13.09 -36.98
N GLY A 259 -5.97 14.19 -36.51
CA GLY A 259 -4.71 14.11 -35.80
C GLY A 259 -4.87 13.55 -34.42
N GLU A 260 -5.12 12.24 -34.34
CA GLU A 260 -5.51 11.59 -33.10
C GLU A 260 -4.83 10.23 -32.94
N LYS A 261 -4.08 9.81 -33.96
CA LYS A 261 -3.41 8.51 -33.96
C LYS A 261 -2.39 8.41 -32.83
N ILE A 262 -1.58 9.45 -32.67
CA ILE A 262 -0.56 9.46 -31.63
C ILE A 262 -1.23 9.47 -30.26
N SER A 263 -2.31 10.24 -30.11
CA SER A 263 -3.05 10.24 -28.85
C SER A 263 -3.54 8.84 -28.51
N LEU A 264 -4.15 8.16 -29.49
CA LEU A 264 -4.64 6.80 -29.27
C LEU A 264 -3.53 5.87 -28.82
N GLY A 265 -2.46 5.80 -29.61
CA GLY A 265 -1.39 4.85 -29.31
C GLY A 265 -0.71 5.13 -27.99
N ILE A 266 -0.43 6.42 -27.72
CA ILE A 266 0.30 6.77 -26.52
C ILE A 266 -0.56 6.61 -25.27
N THR A 267 -1.85 6.95 -25.33
CA THR A 267 -2.70 6.71 -24.18
C THR A 267 -2.86 5.22 -23.91
N VAL A 268 -2.92 4.41 -24.97
CA VAL A 268 -2.94 2.96 -24.78
C VAL A 268 -1.66 2.50 -24.10
N LEU A 269 -0.52 3.05 -24.52
CA LEU A 269 0.75 2.69 -23.90
C LEU A 269 0.77 3.08 -22.42
N LEU A 270 0.23 4.26 -22.09
CA LEU A 270 0.19 4.70 -20.69
C LEU A 270 -0.70 3.79 -19.85
N SER A 271 -1.86 3.40 -20.39
CA SER A 271 -2.73 2.47 -19.67
C SER A 271 -2.04 1.14 -19.45
N LEU A 272 -1.32 0.65 -20.46
CA LEU A 272 -0.58 -0.60 -20.29
C LEU A 272 0.53 -0.44 -19.25
N THR A 273 1.14 0.74 -19.20
CA THR A 273 2.17 0.99 -18.18
C THR A 273 1.57 0.89 -16.79
N VAL A 274 0.41 1.50 -16.58
CA VAL A 274 -0.26 1.41 -15.28
C VAL A 274 -0.58 -0.05 -14.95
N PHE A 275 -1.13 -0.78 -15.92
CA PHE A 275 -1.50 -2.17 -15.68
C PHE A 275 -0.29 -3.03 -15.32
N MET A 276 0.79 -2.90 -16.09
CA MET A 276 1.96 -3.73 -15.83
C MET A 276 2.63 -3.36 -14.52
N LEU A 277 2.60 -2.08 -14.15
CA LEU A 277 3.14 -1.67 -12.85
C LEU A 277 2.35 -2.31 -11.72
N ALA A 278 1.02 -2.24 -11.80
CA ALA A 278 0.19 -2.85 -10.76
C ALA A 278 0.41 -4.35 -10.68
N VAL A 279 0.57 -5.00 -11.84
CA VAL A 279 0.77 -6.45 -11.83
C VAL A 279 2.13 -6.80 -11.23
N ALA A 280 3.18 -6.10 -11.67
CA ALA A 280 4.52 -6.37 -11.14
C ALA A 280 4.64 -6.03 -9.66
N GLU A 281 3.70 -5.25 -9.12
CA GLU A 281 3.70 -5.02 -7.68
C GLU A 281 3.55 -6.31 -6.87
N ILE A 282 3.00 -7.38 -7.47
CA ILE A 282 2.66 -8.60 -6.75
C ILE A 282 3.63 -9.74 -7.02
N MET A 283 4.73 -9.49 -7.70
CA MET A 283 5.60 -10.57 -8.13
C MET A 283 6.93 -10.56 -7.36
N PRO A 284 7.49 -11.73 -7.05
CA PRO A 284 8.79 -11.77 -6.37
C PRO A 284 9.89 -11.21 -7.24
N ALA A 285 10.89 -10.61 -6.59
CA ALA A 285 12.04 -10.05 -7.29
C ALA A 285 13.12 -11.12 -7.47
N THR A 286 12.70 -12.24 -8.05
CA THR A 286 13.60 -13.35 -8.31
C THR A 286 14.29 -13.16 -9.66
N SER A 287 15.48 -13.75 -9.79
CA SER A 287 16.26 -13.64 -11.02
C SER A 287 16.70 -14.98 -11.56
N ASP A 288 16.07 -16.08 -11.11
CA ASP A 288 16.38 -17.39 -11.67
C ASP A 288 16.00 -17.46 -13.14
N SER A 289 14.84 -16.93 -13.49
CA SER A 289 14.37 -16.95 -14.87
C SER A 289 13.32 -15.87 -15.06
N VAL A 290 13.07 -15.53 -16.31
CA VAL A 290 12.07 -14.53 -16.67
C VAL A 290 10.68 -15.16 -16.56
N PRO A 291 9.76 -14.58 -15.79
CA PRO A 291 8.42 -15.14 -15.71
C PRO A 291 7.70 -15.09 -17.05
N LEU A 292 6.81 -16.06 -17.26
CA LEU A 292 6.05 -16.12 -18.51
C LEU A 292 5.24 -14.86 -18.72
N ILE A 293 4.56 -14.38 -17.66
CA ILE A 293 3.79 -13.16 -17.81
C ILE A 293 4.72 -11.96 -18.03
N ALA A 294 5.95 -12.02 -17.51
CA ALA A 294 6.90 -10.96 -17.81
C ALA A 294 7.27 -10.93 -19.28
N GLN A 295 7.51 -12.11 -19.89
CA GLN A 295 7.77 -12.14 -21.32
C GLN A 295 6.55 -11.66 -22.11
N TYR A 296 5.37 -12.04 -21.65
CA TYR A 296 4.14 -11.61 -22.32
C TYR A 296 4.00 -10.09 -22.27
N PHE A 297 4.25 -9.48 -21.12
CA PHE A 297 4.17 -8.04 -21.00
C PHE A 297 5.24 -7.36 -21.84
N ALA A 298 6.44 -7.94 -21.89
CA ALA A 298 7.48 -7.38 -22.76
C ALA A 298 7.04 -7.41 -24.21
N SER A 299 6.41 -8.50 -24.64
CA SER A 299 5.93 -8.58 -26.01
C SER A 299 4.86 -7.52 -26.28
N THR A 300 3.93 -7.34 -25.34
CA THR A 300 2.90 -6.33 -25.52
C THR A 300 3.48 -4.92 -25.58
N MET A 301 4.43 -4.61 -24.68
CA MET A 301 5.07 -3.31 -24.68
C MET A 301 5.81 -3.06 -25.98
N ILE A 302 6.54 -4.06 -26.47
CA ILE A 302 7.28 -3.92 -27.72
C ILE A 302 6.32 -3.70 -28.87
N ILE A 303 5.21 -4.44 -28.89
CA ILE A 303 4.23 -4.29 -29.98
C ILE A 303 3.64 -2.89 -29.98
N VAL A 304 3.27 -2.37 -28.81
CA VAL A 304 2.70 -1.04 -28.74
C VAL A 304 3.71 0.02 -29.14
N GLY A 305 4.94 -0.10 -28.66
CA GLY A 305 5.97 0.87 -29.03
C GLY A 305 6.26 0.86 -30.51
N LEU A 306 6.35 -0.33 -31.12
CA LEU A 306 6.56 -0.41 -32.55
C LEU A 306 5.38 0.14 -33.32
N SER A 307 4.16 -0.04 -32.79
CA SER A 307 3.00 0.57 -33.43
C SER A 307 3.10 2.09 -33.42
N VAL A 308 3.56 2.65 -32.30
CA VAL A 308 3.73 4.10 -32.23
C VAL A 308 4.80 4.57 -33.21
N VAL A 309 5.90 3.81 -33.32
CA VAL A 309 6.96 4.17 -34.26
C VAL A 309 6.44 4.13 -35.69
N VAL A 310 5.69 3.09 -36.04
CA VAL A 310 5.13 2.98 -37.38
C VAL A 310 4.13 4.11 -37.63
N THR A 311 3.39 4.50 -36.60
CA THR A 311 2.47 5.63 -36.74
C THR A 311 3.22 6.91 -37.03
N VAL A 312 4.37 7.11 -36.38
CA VAL A 312 5.19 8.29 -36.66
C VAL A 312 5.68 8.26 -38.10
N ILE A 313 6.11 7.08 -38.57
CA ILE A 313 6.55 6.97 -39.97
C ILE A 313 5.40 7.26 -40.92
N VAL A 314 4.20 6.76 -40.61
CA VAL A 314 3.04 6.98 -41.45
C VAL A 314 2.69 8.47 -41.50
N LEU A 315 2.79 9.15 -40.37
CA LEU A 315 2.52 10.58 -40.36
C LEU A 315 3.60 11.37 -41.10
N GLN A 316 4.84 10.89 -41.07
CA GLN A 316 5.86 11.49 -41.93
C GLN A 316 5.49 11.36 -43.39
N TYR A 317 5.02 10.18 -43.79
CA TYR A 317 4.63 9.97 -45.18
C TYR A 317 3.40 10.81 -45.55
N HIS A 318 2.47 10.97 -44.63
CA HIS A 318 1.23 11.70 -44.92
C HIS A 318 1.49 13.19 -45.09
N HIS A 319 2.22 13.78 -44.14
CA HIS A 319 2.53 15.21 -44.19
C HIS A 319 3.89 15.43 -44.84
N HIS A 320 3.95 15.08 -46.13
CA HIS A 320 5.16 15.28 -46.93
C HIS A 320 4.91 16.42 -47.90
N ASP A 321 5.67 17.49 -47.75
CA ASP A 321 5.49 18.64 -48.61
C ASP A 321 5.83 18.28 -50.05
N PRO A 322 4.99 18.65 -51.02
CA PRO A 322 5.29 18.34 -52.42
C PRO A 322 6.60 18.95 -52.91
N ASP A 323 6.99 20.10 -52.39
CA ASP A 323 8.24 20.74 -52.78
C ASP A 323 9.45 20.12 -52.10
N GLY A 324 9.26 19.20 -51.15
CA GLY A 324 10.39 18.61 -50.46
C GLY A 324 11.28 17.80 -51.38
N GLY A 325 10.68 17.07 -52.32
CA GLY A 325 11.43 16.28 -53.26
C GLY A 325 10.60 15.17 -53.84
N LYS A 326 11.01 14.71 -55.02
CA LYS A 326 10.31 13.63 -55.68
C LYS A 326 10.47 12.33 -54.90
N MET A 327 9.39 11.54 -54.86
CA MET A 327 9.45 10.27 -54.16
C MET A 327 10.41 9.31 -54.88
N PRO A 328 11.26 8.60 -54.13
CA PRO A 328 12.24 7.73 -54.78
C PRO A 328 11.57 6.67 -55.64
N LYS A 329 12.25 6.33 -56.74
CA LYS A 329 11.65 5.45 -57.74
C LYS A 329 11.36 4.07 -57.16
N TRP A 330 12.27 3.53 -56.35
CA TRP A 330 12.09 2.18 -55.82
C TRP A 330 10.87 2.11 -54.90
N THR A 331 10.83 2.99 -53.89
CA THR A 331 9.70 2.97 -52.98
C THR A 331 8.40 3.31 -53.71
N ARG A 332 8.47 4.21 -54.69
CA ARG A 332 7.29 4.55 -55.48
C ARG A 332 6.74 3.31 -56.17
N VAL A 333 7.59 2.59 -56.91
CA VAL A 333 7.11 1.46 -57.68
C VAL A 333 6.60 0.36 -56.77
N ILE A 334 7.33 0.04 -55.69
CA ILE A 334 6.88 -1.05 -54.83
C ILE A 334 5.56 -0.68 -54.14
N LEU A 335 5.48 0.52 -53.54
CA LEU A 335 4.33 0.88 -52.74
C LEU A 335 3.11 1.24 -53.58
N LEU A 336 3.29 1.53 -54.87
CA LEU A 336 2.15 1.83 -55.71
C LEU A 336 1.78 0.70 -56.66
N ASN A 337 2.62 -0.33 -56.79
CA ASN A 337 2.28 -1.48 -57.62
C ASN A 337 2.13 -2.76 -56.80
N TRP A 338 3.17 -3.17 -56.07
CA TRP A 338 3.15 -4.51 -55.47
C TRP A 338 2.16 -4.57 -54.32
N CYS A 339 2.20 -3.60 -53.42
CA CYS A 339 1.28 -3.61 -52.30
C CYS A 339 -0.16 -3.32 -52.74
N ALA A 340 -0.32 -2.47 -53.75
CA ALA A 340 -1.65 -2.23 -54.30
C ALA A 340 -2.25 -3.48 -54.91
N TRP A 341 -1.43 -4.24 -55.65
CA TRP A 341 -1.88 -5.51 -56.22
C TRP A 341 -2.19 -6.51 -55.11
N PHE A 342 -1.37 -6.53 -54.06
CA PHE A 342 -1.59 -7.45 -52.95
C PHE A 342 -2.88 -7.11 -52.22
N LEU A 343 -3.05 -5.84 -51.85
CA LEU A 343 -4.17 -5.42 -51.02
C LEU A 343 -5.40 -5.01 -51.84
N ARG A 344 -5.30 -5.02 -53.17
CA ARG A 344 -6.41 -4.67 -54.06
C ARG A 344 -6.98 -3.28 -53.73
N MET A 345 -6.09 -2.34 -53.44
CA MET A 345 -6.51 -0.98 -53.16
C MET A 345 -6.72 -0.20 -54.46
N LYS A 346 -7.68 0.72 -54.41
CA LYS A 346 -8.03 1.53 -55.58
C LYS A 346 -7.10 2.72 -55.68
N ARG A 347 -6.47 2.87 -56.83
CA ARG A 347 -5.57 3.99 -57.09
C ARG A 347 -6.40 5.18 -57.60
N PRO A 348 -6.45 6.30 -56.87
CA PRO A 348 -7.22 7.45 -57.36
C PRO A 348 -6.67 7.99 -58.66
N GLY A 349 -7.58 8.46 -59.51
CA GLY A 349 -7.22 9.02 -60.80
C GLY A 349 -6.82 7.96 -61.81
N ASP A 430 -6.40 47.87 -77.57
CA ASP A 430 -5.86 46.59 -78.01
C ASP A 430 -4.87 45.96 -77.01
N PRO A 431 -3.87 46.71 -76.54
CA PRO A 431 -2.96 46.13 -75.54
C PRO A 431 -3.65 45.70 -74.27
N ASP A 432 -4.72 46.40 -73.87
CA ASP A 432 -5.41 46.06 -72.63
C ASP A 432 -5.98 44.65 -72.68
N LEU A 433 -6.59 44.28 -73.81
CA LEU A 433 -7.18 42.95 -73.94
C LEU A 433 -6.11 41.87 -73.77
N ALA A 434 -4.99 42.01 -74.47
CA ALA A 434 -3.93 41.02 -74.40
C ALA A 434 -3.28 40.99 -73.02
N LYS A 435 -3.22 42.13 -72.34
CA LYS A 435 -2.54 42.15 -71.05
C LYS A 435 -3.43 41.51 -69.98
N ILE A 436 -4.74 41.78 -70.04
CA ILE A 436 -5.69 41.04 -69.22
C ILE A 436 -5.59 39.56 -69.51
N LEU A 437 -5.42 39.22 -70.79
CA LEU A 437 -5.29 37.82 -71.19
C LEU A 437 -4.10 37.15 -70.51
N GLU A 438 -2.93 37.82 -70.54
CA GLU A 438 -1.76 37.22 -69.91
C GLU A 438 -1.92 37.14 -68.40
N GLU A 439 -2.65 38.09 -67.81
CA GLU A 439 -2.86 38.08 -66.37
C GLU A 439 -3.77 36.93 -65.94
N VAL A 440 -4.86 36.72 -66.69
CA VAL A 440 -5.72 35.57 -66.44
C VAL A 440 -4.96 34.29 -66.71
N ARG A 441 -4.04 34.31 -67.68
CA ARG A 441 -3.14 33.18 -67.89
C ARG A 441 -2.30 32.92 -66.64
N TYR A 442 -1.80 33.98 -66.01
CA TYR A 442 -1.06 33.79 -64.76
C TYR A 442 -1.91 33.13 -63.70
N ILE A 443 -3.16 33.60 -63.54
CA ILE A 443 -4.01 33.04 -62.51
C ILE A 443 -4.28 31.54 -62.78
N ALA A 444 -4.58 31.21 -64.04
CA ALA A 444 -4.85 29.82 -64.38
C ALA A 444 -3.61 28.95 -64.21
N ASN A 445 -2.44 29.48 -64.57
CA ASN A 445 -1.21 28.71 -64.39
C ASN A 445 -0.92 28.47 -62.92
N ARG A 446 -1.20 29.46 -62.08
CA ARG A 446 -1.07 29.27 -60.64
C ARG A 446 -2.00 28.18 -60.15
N PHE A 447 -3.25 28.17 -60.65
CA PHE A 447 -4.19 27.14 -60.25
C PHE A 447 -3.73 25.75 -60.72
N ARG A 448 -3.17 25.67 -61.93
CA ARG A 448 -2.67 24.39 -62.44
C ARG A 448 -1.50 23.88 -61.62
N CYS A 449 -0.57 24.77 -61.24
CA CYS A 449 0.54 24.36 -60.40
C CYS A 449 0.05 23.90 -59.03
N GLN A 450 -0.95 24.59 -58.49
CA GLN A 450 -1.56 24.17 -57.23
C GLN A 450 -2.17 22.79 -57.37
N ASP A 451 -2.84 22.52 -58.49
CA ASP A 451 -3.44 21.20 -58.71
C ASP A 451 -2.38 20.12 -58.81
N GLU A 452 -1.27 20.41 -59.49
CA GLU A 452 -0.19 19.43 -59.58
C GLU A 452 0.40 19.12 -58.20
N SER A 453 0.62 20.16 -57.40
CA SER A 453 1.13 19.93 -56.05
C SER A 453 0.13 19.13 -55.21
N GLU A 454 -1.16 19.42 -55.37
CA GLU A 454 -2.19 18.67 -54.65
C GLU A 454 -2.18 17.21 -55.07
N ALA A 455 -2.01 16.94 -56.36
CA ALA A 455 -1.95 15.55 -56.83
C ALA A 455 -0.74 14.82 -56.26
N VAL A 456 0.41 15.49 -56.22
CA VAL A 456 1.60 14.86 -55.64
C VAL A 456 1.37 14.55 -54.17
N CYS A 457 0.80 15.51 -53.43
CA CYS A 457 0.53 15.29 -52.01
C CYS A 457 -0.48 14.16 -51.81
N SER A 458 -1.48 14.06 -52.70
CA SER A 458 -2.45 12.98 -52.60
C SER A 458 -1.80 11.62 -52.85
N GLU A 459 -0.87 11.57 -53.79
CA GLU A 459 -0.13 10.32 -54.01
C GLU A 459 0.68 9.95 -52.78
N TRP A 460 1.29 10.93 -52.13
CA TRP A 460 2.00 10.68 -50.88
C TRP A 460 1.06 10.15 -49.81
N LYS A 461 -0.14 10.74 -49.70
CA LYS A 461 -1.11 10.28 -48.72
C LYS A 461 -1.53 8.85 -48.99
N PHE A 462 -1.73 8.49 -50.26
CA PHE A 462 -2.09 7.12 -50.60
C PHE A 462 -0.97 6.15 -50.24
N ALA A 463 0.28 6.57 -50.46
CA ALA A 463 1.41 5.74 -50.05
C ALA A 463 1.40 5.52 -48.54
N ALA A 464 1.11 6.58 -47.78
CA ALA A 464 1.01 6.44 -46.34
C ALA A 464 -0.10 5.46 -45.95
N CYS A 465 -1.25 5.55 -46.62
CA CYS A 465 -2.34 4.63 -46.33
C CYS A 465 -1.96 3.19 -46.63
N VAL A 466 -1.24 2.96 -47.73
CA VAL A 466 -0.84 1.60 -48.09
C VAL A 466 0.12 1.05 -47.05
N VAL A 467 1.10 1.85 -46.64
CA VAL A 467 2.02 1.42 -45.59
C VAL A 467 1.25 1.10 -44.32
N ASP A 468 0.29 1.95 -43.96
CA ASP A 468 -0.48 1.76 -42.74
C ASP A 468 -1.24 0.44 -42.79
N ARG A 469 -1.89 0.15 -43.92
CA ARG A 469 -2.70 -1.06 -44.03
C ARG A 469 -1.82 -2.32 -43.95
N LEU A 470 -0.72 -2.33 -44.70
CA LEU A 470 0.15 -3.51 -44.68
C LEU A 470 0.72 -3.71 -43.28
N CYS A 471 1.08 -2.63 -42.60
CA CYS A 471 1.61 -2.76 -41.26
C CYS A 471 0.54 -3.20 -40.27
N LEU A 472 -0.71 -2.82 -40.50
CA LEU A 472 -1.81 -3.33 -39.68
C LEU A 472 -1.90 -4.84 -39.78
N MET A 473 -1.88 -5.35 -41.02
CA MET A 473 -1.95 -6.80 -41.20
C MET A 473 -0.75 -7.48 -40.51
N ALA A 474 0.44 -6.94 -40.71
CA ALA A 474 1.63 -7.53 -40.11
C ALA A 474 1.55 -7.53 -38.60
N PHE A 475 1.14 -6.41 -38.00
CA PHE A 475 1.07 -6.31 -36.55
C PHE A 475 0.02 -7.25 -35.98
N SER A 476 -1.15 -7.35 -36.62
CA SER A 476 -2.17 -8.25 -36.12
C SER A 476 -1.67 -9.70 -36.14
N VAL A 477 -1.08 -10.11 -37.26
CA VAL A 477 -0.59 -11.48 -37.36
C VAL A 477 0.50 -11.73 -36.32
N PHE A 478 1.42 -10.79 -36.16
CA PHE A 478 2.53 -10.96 -35.22
C PHE A 478 2.01 -11.03 -33.79
N THR A 479 1.06 -10.18 -33.43
CA THR A 479 0.51 -10.19 -32.07
C THR A 479 -0.17 -11.52 -31.77
N ILE A 480 -1.01 -11.99 -32.71
CA ILE A 480 -1.71 -13.25 -32.49
C ILE A 480 -0.71 -14.39 -32.34
N ILE A 481 0.28 -14.45 -33.25
CA ILE A 481 1.26 -15.53 -33.22
C ILE A 481 2.06 -15.51 -31.93
N CYS A 482 2.52 -14.32 -31.53
CA CYS A 482 3.36 -14.22 -30.34
C CYS A 482 2.59 -14.60 -29.09
N THR A 483 1.36 -14.09 -28.93
CA THR A 483 0.59 -14.45 -27.75
C THR A 483 0.29 -15.95 -27.71
N ILE A 484 -0.10 -16.52 -28.85
CA ILE A 484 -0.38 -17.95 -28.90
C ILE A 484 0.86 -18.75 -28.54
N GLY A 485 2.01 -18.38 -29.09
CA GLY A 485 3.23 -19.11 -28.79
C GLY A 485 3.65 -19.00 -27.35
N ILE A 486 3.56 -17.80 -26.78
CA ILE A 486 3.95 -17.61 -25.38
C ILE A 486 3.05 -18.43 -24.46
N LEU A 487 1.73 -18.42 -24.71
CA LEU A 487 0.84 -19.20 -23.87
C LEU A 487 1.00 -20.70 -24.10
N MET A 488 1.37 -21.11 -25.31
CA MET A 488 1.64 -22.52 -25.58
C MET A 488 2.90 -22.99 -24.88
N SER A 489 3.90 -22.11 -24.71
CA SER A 489 5.18 -22.52 -24.17
C SER A 489 5.06 -23.09 -22.77
N ALA A 490 4.11 -22.61 -21.99
CA ALA A 490 3.93 -23.11 -20.64
C ALA A 490 3.45 -24.56 -20.68
N PRO A 491 4.14 -25.48 -20.02
CA PRO A 491 3.62 -26.85 -19.90
C PRO A 491 2.36 -26.87 -19.05
N ASN A 492 1.60 -27.95 -19.23
CA ASN A 492 0.31 -28.18 -18.56
C ASN A 492 -0.67 -27.02 -18.75
N PHE A 493 -0.41 -26.15 -19.73
CA PHE A 493 -1.34 -25.07 -20.02
C PHE A 493 -2.68 -25.62 -20.52
N VAL A 494 -2.62 -26.64 -21.38
CA VAL A 494 -3.86 -27.19 -21.94
C VAL A 494 -4.72 -27.80 -20.83
N GLU A 495 -4.10 -28.56 -19.92
CA GLU A 495 -4.88 -29.17 -18.85
C GLU A 495 -5.33 -28.12 -17.84
N ALA A 496 -4.54 -27.07 -17.62
CA ALA A 496 -4.98 -25.98 -16.76
C ALA A 496 -6.23 -25.31 -17.32
N VAL A 497 -6.22 -25.03 -18.62
CA VAL A 497 -7.39 -24.43 -19.27
C VAL A 497 -8.58 -25.38 -19.17
N SER A 498 -8.38 -26.66 -19.46
CA SER A 498 -9.46 -27.62 -19.42
C SER A 498 -10.07 -27.72 -18.03
N LYS A 499 -9.23 -27.69 -16.99
CA LYS A 499 -9.72 -27.82 -15.64
C LYS A 499 -10.38 -26.55 -15.12
N ASP A 500 -9.89 -25.38 -15.54
CA ASP A 500 -10.44 -24.12 -15.02
C ASP A 500 -11.62 -23.62 -15.83
N PHE A 501 -11.41 -23.36 -17.12
CA PHE A 501 -12.46 -22.75 -17.94
C PHE A 501 -13.51 -23.79 -18.34
N ALA A 502 -13.09 -24.83 -19.05
CA ALA A 502 -14.00 -25.88 -19.49
C ALA A 502 -14.50 -26.70 -18.30
N GLY B 23 14.63 -46.07 30.93
CA GLY B 23 15.33 -47.19 31.55
C GLY B 23 15.76 -46.90 32.96
N GLU B 24 16.04 -47.96 33.72
CA GLU B 24 16.46 -47.78 35.10
C GLU B 24 17.80 -47.05 35.19
N PHE B 25 18.75 -47.41 34.31
CA PHE B 25 20.04 -46.75 34.32
C PHE B 25 19.90 -45.27 33.95
N GLN B 26 19.09 -44.97 32.93
CA GLN B 26 18.90 -43.57 32.55
C GLN B 26 18.22 -42.78 33.66
N ARG B 27 17.23 -43.37 34.32
CA ARG B 27 16.57 -42.68 35.42
C ARG B 27 17.53 -42.43 36.57
N LYS B 28 18.35 -43.42 36.92
CA LYS B 28 19.33 -43.22 37.99
C LYS B 28 20.34 -42.15 37.61
N LEU B 29 20.80 -42.16 36.35
CA LEU B 29 21.77 -41.16 35.92
C LEU B 29 21.19 -39.76 35.97
N TYR B 30 19.94 -39.61 35.52
CA TYR B 30 19.31 -38.30 35.57
C TYR B 30 19.07 -37.84 37.00
N LYS B 31 18.71 -38.77 37.88
CA LYS B 31 18.51 -38.42 39.29
C LYS B 31 19.80 -37.97 39.95
N GLU B 32 20.90 -38.68 39.67
CA GLU B 32 22.16 -38.36 40.32
C GLU B 32 22.85 -37.16 39.67
N LEU B 33 22.59 -36.91 38.40
CA LEU B 33 23.27 -35.82 37.69
C LEU B 33 22.80 -34.46 38.17
N VAL B 34 21.48 -34.31 38.38
CA VAL B 34 20.94 -33.02 38.79
C VAL B 34 21.21 -32.75 40.27
N LYS B 35 21.54 -33.78 41.04
CA LYS B 35 21.79 -33.60 42.47
C LYS B 35 22.93 -32.62 42.69
N ASN B 36 22.70 -31.64 43.58
CA ASN B 36 23.69 -30.62 43.93
C ASN B 36 24.23 -29.91 42.70
N TYR B 37 23.34 -29.56 41.78
CA TYR B 37 23.71 -28.85 40.55
C TYR B 37 23.02 -27.49 40.53
N ASN B 38 23.82 -26.44 40.32
CA ASN B 38 23.30 -25.08 40.28
C ASN B 38 23.38 -24.56 38.84
N PRO B 39 22.25 -24.28 38.20
CA PRO B 39 22.30 -23.78 36.81
C PRO B 39 23.00 -22.44 36.68
N LEU B 40 23.11 -21.67 37.75
CA LEU B 40 23.76 -20.36 37.66
C LEU B 40 25.27 -20.48 37.62
N GLU B 41 25.83 -21.49 38.27
CA GLU B 41 27.28 -21.60 38.39
C GLU B 41 27.92 -21.90 37.05
N ARG B 42 29.03 -21.24 36.77
CA ARG B 42 29.80 -21.53 35.57
C ARG B 42 30.48 -22.89 35.74
N PRO B 43 30.28 -23.83 34.82
CA PRO B 43 30.78 -25.21 34.99
C PRO B 43 32.27 -25.37 34.70
N VAL B 44 33.09 -24.96 35.65
CA VAL B 44 34.54 -25.10 35.55
C VAL B 44 35.06 -25.76 36.83
N ALA B 45 36.12 -26.55 36.68
CA ALA B 45 36.74 -27.16 37.85
C ALA B 45 37.54 -26.14 38.65
N ASN B 46 38.27 -25.27 37.97
CA ASN B 46 39.04 -24.21 38.60
C ASN B 46 38.38 -22.88 38.26
N ASP B 47 37.97 -22.15 39.31
CA ASP B 47 37.21 -20.92 39.11
C ASP B 47 38.03 -19.86 38.39
N SER B 48 39.33 -19.77 38.69
CA SER B 48 40.16 -18.74 38.09
C SER B 48 40.29 -18.92 36.58
N GLN B 49 40.37 -20.15 36.11
CA GLN B 49 40.53 -20.40 34.68
C GLN B 49 39.25 -20.05 33.94
N PRO B 50 39.35 -19.39 32.78
CA PRO B 50 38.16 -19.13 31.98
C PRO B 50 37.62 -20.40 31.34
N LEU B 51 36.36 -20.34 30.95
CA LEU B 51 35.68 -21.45 30.29
C LEU B 51 35.72 -21.23 28.79
N THR B 52 36.21 -22.23 28.06
CA THR B 52 36.32 -22.13 26.61
C THR B 52 34.99 -22.49 25.96
N VAL B 53 34.46 -21.59 25.14
CA VAL B 53 33.22 -21.82 24.41
C VAL B 53 33.51 -21.62 22.93
N TYR B 54 33.22 -22.64 22.13
CA TYR B 54 33.44 -22.60 20.68
C TYR B 54 32.13 -22.19 20.02
N PHE B 55 32.07 -20.97 19.51
CA PHE B 55 30.87 -20.44 18.88
C PHE B 55 31.02 -20.48 17.37
N SER B 56 29.99 -20.97 16.68
CA SER B 56 29.98 -21.03 15.23
C SER B 56 28.62 -20.56 14.75
N LEU B 57 28.36 -20.76 13.46
CA LEU B 57 27.09 -20.36 12.87
C LEU B 57 26.83 -21.24 11.65
N SER B 58 25.55 -21.48 11.38
CA SER B 58 25.12 -22.32 10.25
C SER B 58 24.04 -21.57 9.49
N LEU B 59 24.47 -20.78 8.49
CA LEU B 59 23.52 -20.05 7.67
C LEU B 59 22.71 -21.01 6.80
N LEU B 60 21.40 -20.80 6.77
CA LEU B 60 20.52 -21.63 5.95
C LEU B 60 19.85 -20.88 4.82
N GLN B 61 19.38 -19.66 5.06
CA GLN B 61 18.66 -18.92 4.04
C GLN B 61 18.65 -17.44 4.40
N ILE B 62 18.86 -16.58 3.41
CA ILE B 62 18.67 -15.15 3.57
C ILE B 62 17.22 -14.89 3.21
N MET B 63 16.34 -15.00 4.22
CA MET B 63 14.91 -14.95 3.95
C MET B 63 14.49 -13.60 3.36
N ASP B 64 15.02 -12.51 3.88
CA ASP B 64 14.61 -11.20 3.42
C ASP B 64 15.64 -10.17 3.83
N VAL B 65 15.92 -9.23 2.93
CA VAL B 65 16.68 -8.02 3.25
C VAL B 65 15.81 -6.83 2.89
N ASP B 66 15.79 -5.82 3.75
CA ASP B 66 14.93 -4.67 3.58
C ASP B 66 15.81 -3.44 3.41
N GLU B 67 15.98 -2.99 2.17
CA GLU B 67 16.76 -1.80 1.91
C GLU B 67 16.14 -0.58 2.57
N LYS B 68 14.81 -0.47 2.53
CA LYS B 68 14.13 0.67 3.11
C LYS B 68 14.30 0.70 4.63
N ASN B 69 14.20 -0.45 5.28
CA ASN B 69 14.30 -0.53 6.74
C ASN B 69 15.70 -0.83 7.24
N GLN B 70 16.66 -1.11 6.34
CA GLN B 70 18.03 -1.41 6.73
C GLN B 70 18.11 -2.57 7.72
N VAL B 71 17.29 -3.59 7.49
CA VAL B 71 17.27 -4.78 8.34
C VAL B 71 17.51 -6.01 7.47
N LEU B 72 18.19 -7.00 8.02
CA LEU B 72 18.46 -8.25 7.32
C LEU B 72 17.86 -9.40 8.11
N THR B 73 17.01 -10.19 7.44
CA THR B 73 16.32 -11.32 8.06
C THR B 73 16.98 -12.60 7.56
N THR B 74 17.53 -13.38 8.48
CA THR B 74 18.24 -14.61 8.15
C THR B 74 17.74 -15.75 9.01
N ASN B 75 17.88 -16.96 8.47
CA ASN B 75 17.50 -18.19 9.17
C ASN B 75 18.80 -18.95 9.42
N ILE B 76 19.30 -18.90 10.66
CA ILE B 76 20.59 -19.47 10.99
C ILE B 76 20.46 -20.35 12.22
N TRP B 77 21.43 -21.25 12.38
CA TRP B 77 21.56 -22.10 13.55
C TRP B 77 22.84 -21.73 14.28
N LEU B 78 22.71 -21.14 15.45
CA LEU B 78 23.89 -20.92 16.28
C LEU B 78 24.45 -22.26 16.72
N GLN B 79 25.77 -22.34 16.82
CA GLN B 79 26.45 -23.55 17.26
C GLN B 79 27.37 -23.22 18.42
N MET B 80 27.08 -23.78 19.58
CA MET B 80 27.87 -23.54 20.77
C MET B 80 28.31 -24.87 21.36
N SER B 81 29.49 -24.87 21.97
CA SER B 81 30.05 -26.09 22.53
C SER B 81 31.00 -25.72 23.67
N TRP B 82 30.86 -26.44 24.79
CA TRP B 82 31.71 -26.20 25.94
C TRP B 82 31.79 -27.48 26.76
N THR B 83 32.81 -27.56 27.61
CA THR B 83 33.03 -28.71 28.46
C THR B 83 32.43 -28.43 29.84
N ASP B 84 31.55 -29.31 30.29
CA ASP B 84 30.92 -29.18 31.60
C ASP B 84 31.60 -30.16 32.56
N HIS B 85 32.11 -29.64 33.68
CA HIS B 85 32.85 -30.49 34.61
C HIS B 85 31.92 -31.37 35.42
N TYR B 86 30.70 -30.93 35.68
CA TYR B 86 29.79 -31.65 36.56
C TYR B 86 28.95 -32.69 35.83
N LEU B 87 28.76 -32.55 34.52
CA LEU B 87 27.89 -33.46 33.76
C LEU B 87 28.71 -34.60 33.15
N GLN B 88 29.33 -35.37 34.03
CA GLN B 88 30.19 -36.47 33.63
C GLN B 88 29.78 -37.74 34.36
N TRP B 89 29.93 -38.87 33.68
CA TRP B 89 29.61 -40.16 34.28
C TRP B 89 30.39 -41.25 33.56
N ASN B 90 30.48 -42.39 34.21
CA ASN B 90 31.15 -43.56 33.64
C ASN B 90 30.13 -44.45 32.94
N VAL B 91 30.39 -44.74 31.67
CA VAL B 91 29.46 -45.54 30.88
C VAL B 91 29.34 -46.96 31.42
N SER B 92 30.34 -47.43 32.16
CA SER B 92 30.29 -48.78 32.72
C SER B 92 29.10 -48.94 33.66
N GLU B 93 28.81 -47.94 34.48
CA GLU B 93 27.70 -48.00 35.41
C GLU B 93 26.36 -47.69 34.75
N TYR B 94 26.37 -47.10 33.56
CA TYR B 94 25.15 -46.81 32.79
C TYR B 94 25.35 -47.35 31.39
N PRO B 95 25.16 -48.66 31.20
CA PRO B 95 25.59 -49.28 29.93
C PRO B 95 24.93 -48.70 28.69
N GLY B 96 23.65 -48.34 28.77
CA GLY B 96 22.94 -47.92 27.58
C GLY B 96 22.95 -46.42 27.33
N VAL B 97 23.29 -45.63 28.35
CA VAL B 97 23.18 -44.19 28.27
C VAL B 97 24.51 -43.62 27.77
N LYS B 98 24.46 -42.92 26.64
CA LYS B 98 25.61 -42.23 26.10
C LYS B 98 25.46 -40.72 26.05
N THR B 99 24.24 -40.21 25.88
CA THR B 99 24.00 -38.78 25.89
C THR B 99 22.74 -38.49 26.70
N VAL B 100 22.69 -37.29 27.27
CA VAL B 100 21.51 -36.81 27.96
C VAL B 100 21.22 -35.39 27.50
N ARG B 101 19.95 -35.02 27.52
CA ARG B 101 19.51 -33.72 27.02
C ARG B 101 18.80 -32.97 28.13
N PHE B 102 19.16 -31.70 28.32
CA PHE B 102 18.54 -30.85 29.30
C PHE B 102 17.85 -29.67 28.63
N PRO B 103 16.66 -29.30 29.07
CA PRO B 103 15.95 -28.18 28.47
C PRO B 103 16.47 -26.85 29.00
N ASP B 104 15.80 -25.78 28.59
CA ASP B 104 16.19 -24.43 29.01
C ASP B 104 15.99 -24.29 30.51
N GLY B 105 16.95 -23.61 31.15
CA GLY B 105 16.82 -23.26 32.55
C GLY B 105 17.23 -24.32 33.55
N GLN B 106 17.77 -25.46 33.11
CA GLN B 106 18.18 -26.50 34.02
C GLN B 106 19.69 -26.76 34.04
N ILE B 107 20.42 -26.34 33.01
CA ILE B 107 21.87 -26.38 33.04
C ILE B 107 22.39 -25.05 32.52
N TRP B 108 23.64 -24.74 32.89
CA TRP B 108 24.25 -23.47 32.52
C TRP B 108 24.41 -23.38 31.01
N LYS B 109 24.00 -22.25 30.45
CA LYS B 109 24.16 -21.98 29.03
C LYS B 109 24.75 -20.59 28.85
N PRO B 110 25.66 -20.41 27.89
CA PRO B 110 26.17 -19.07 27.61
C PRO B 110 25.06 -18.17 27.09
N ASP B 111 25.04 -16.93 27.59
CA ASP B 111 24.06 -15.95 27.17
C ASP B 111 24.62 -15.15 25.99
N ILE B 112 24.80 -15.86 24.88
CA ILE B 112 25.39 -15.27 23.69
C ILE B 112 24.25 -14.66 22.87
N LEU B 113 24.23 -13.33 22.81
CA LEU B 113 23.17 -12.60 22.13
C LEU B 113 23.72 -11.94 20.88
N LEU B 114 22.82 -11.65 19.94
CA LEU B 114 23.17 -10.91 18.74
C LEU B 114 23.13 -9.43 19.07
N TYR B 115 24.30 -8.79 19.08
CA TYR B 115 24.39 -7.41 19.56
C TYR B 115 23.56 -6.46 18.70
N ASN B 116 23.72 -6.53 17.38
CA ASN B 116 23.03 -5.63 16.47
C ASN B 116 21.71 -6.24 15.99
N SER B 117 20.83 -6.49 16.95
CA SER B 117 19.55 -7.13 16.65
C SER B 117 18.46 -6.08 16.47
N ALA B 118 17.72 -6.20 15.37
CA ALA B 118 16.61 -5.31 15.08
C ALA B 118 15.26 -5.99 15.28
N ASP B 119 15.21 -7.07 16.05
CA ASP B 119 13.96 -7.76 16.32
C ASP B 119 13.34 -7.23 17.59
N GLU B 120 12.00 -7.19 17.62
CA GLU B 120 11.29 -6.60 18.74
C GLU B 120 11.73 -7.22 20.07
N ARG B 121 11.79 -8.54 20.12
CA ARG B 121 12.47 -9.22 21.22
C ARG B 121 13.94 -9.36 20.86
N PHE B 122 14.81 -8.93 21.79
CA PHE B 122 16.22 -8.81 21.47
C PHE B 122 16.86 -10.17 21.20
N ASP B 123 16.26 -11.24 21.68
CA ASP B 123 16.77 -12.60 21.46
C ASP B 123 15.73 -13.37 20.65
N ALA B 124 16.12 -13.79 19.45
CA ALA B 124 15.22 -14.49 18.54
C ALA B 124 15.49 -15.99 18.48
N THR B 125 16.40 -16.51 19.30
CA THR B 125 16.69 -17.93 19.28
C THR B 125 15.52 -18.72 19.85
N PHE B 126 15.38 -19.96 19.38
CA PHE B 126 14.42 -20.91 19.95
C PHE B 126 15.19 -21.87 20.84
N HIS B 127 14.99 -21.75 22.15
CA HIS B 127 15.76 -22.52 23.12
C HIS B 127 15.39 -23.99 23.02
N THR B 128 16.30 -24.79 22.48
CA THR B 128 16.12 -26.24 22.37
C THR B 128 16.94 -26.93 23.46
N ASN B 129 16.94 -28.26 23.40
CA ASN B 129 17.67 -29.05 24.37
C ASN B 129 19.17 -28.89 24.17
N VAL B 130 19.94 -29.36 25.15
CA VAL B 130 21.39 -29.31 25.13
C VAL B 130 21.91 -30.73 25.27
N LEU B 131 22.54 -31.26 24.22
CA LEU B 131 23.14 -32.58 24.30
C LEU B 131 24.37 -32.54 25.18
N VAL B 132 24.65 -33.67 25.82
CA VAL B 132 25.77 -33.80 26.74
C VAL B 132 26.50 -35.11 26.45
N ASN B 133 27.82 -35.03 26.37
CA ASN B 133 28.67 -36.21 26.21
C ASN B 133 28.57 -37.11 27.43
N SER B 134 29.22 -38.27 27.36
CA SER B 134 29.50 -39.04 28.57
C SER B 134 30.73 -38.53 29.29
N SER B 135 31.46 -37.59 28.68
CA SER B 135 32.66 -37.00 29.26
C SER B 135 32.48 -35.54 29.64
N GLY B 136 31.26 -35.02 29.55
CA GLY B 136 30.97 -33.67 29.98
C GLY B 136 30.82 -32.66 28.86
N HIS B 137 31.25 -33.00 27.65
CA HIS B 137 31.15 -32.05 26.55
CA HIS B 137 31.16 -32.05 26.53
C HIS B 137 29.70 -31.77 26.21
N CYS B 138 29.39 -30.50 25.97
CA CYS B 138 28.04 -30.06 25.71
C CYS B 138 27.91 -29.52 24.29
N GLN B 139 26.69 -29.60 23.76
CA GLN B 139 26.38 -29.08 22.43
C GLN B 139 25.07 -28.31 22.52
N TYR B 140 24.96 -27.27 21.70
CA TYR B 140 23.78 -26.41 21.75
C TYR B 140 23.62 -25.76 20.39
N LEU B 141 22.54 -26.11 19.68
CA LEU B 141 22.26 -25.58 18.36
C LEU B 141 20.85 -24.99 18.36
N PRO B 142 20.69 -23.79 18.92
CA PRO B 142 19.37 -23.17 18.91
C PRO B 142 19.09 -22.49 17.59
N PRO B 143 18.03 -22.87 16.91
CA PRO B 143 17.64 -22.23 15.66
C PRO B 143 16.97 -20.89 15.95
N GLY B 144 16.51 -20.25 14.89
CA GLY B 144 15.79 -19.00 15.03
C GLY B 144 16.04 -18.10 13.85
N ILE B 145 15.10 -17.18 13.64
CA ILE B 145 15.18 -16.21 12.54
C ILE B 145 15.61 -14.88 13.12
N PHE B 146 16.75 -14.38 12.67
CA PHE B 146 17.40 -13.23 13.26
C PHE B 146 17.17 -12.01 12.38
N LYS B 147 16.76 -10.90 13.01
CA LYS B 147 16.66 -9.61 12.33
C LYS B 147 17.77 -8.72 12.84
N SER B 148 18.74 -8.44 11.97
CA SER B 148 19.89 -7.63 12.31
C SER B 148 19.86 -6.34 11.51
N SER B 149 20.21 -5.23 12.16
CA SER B 149 20.24 -3.92 11.51
C SER B 149 21.62 -3.74 10.90
N CYS B 150 21.73 -3.93 9.59
CA CYS B 150 22.98 -3.78 8.87
C CYS B 150 22.88 -2.61 7.92
N TYR B 151 23.96 -1.82 7.86
CA TYR B 151 23.99 -0.66 6.97
C TYR B 151 24.04 -1.12 5.52
N ILE B 152 23.14 -0.60 4.70
CA ILE B 152 22.95 -1.05 3.34
C ILE B 152 23.26 0.09 2.38
N ASP B 153 24.19 -0.16 1.45
CA ASP B 153 24.56 0.82 0.44
C ASP B 153 23.68 0.66 -0.79
N VAL B 154 23.00 1.75 -1.18
CA VAL B 154 22.25 1.81 -2.42
C VAL B 154 22.91 2.74 -3.43
N ARG B 155 24.16 3.13 -3.17
CA ARG B 155 24.87 4.01 -4.11
C ARG B 155 25.04 3.33 -5.46
N TRP B 156 25.25 2.02 -5.46
CA TRP B 156 25.48 1.26 -6.69
C TRP B 156 24.27 0.43 -7.08
N PHE B 157 23.10 0.78 -6.55
CA PHE B 157 21.88 0.05 -6.87
C PHE B 157 21.60 0.08 -8.36
N PRO B 158 21.16 -1.04 -8.96
CA PRO B 158 20.95 -2.37 -8.38
C PRO B 158 22.18 -3.26 -8.45
N PHE B 159 23.36 -2.73 -8.77
CA PHE B 159 24.56 -3.52 -8.95
C PHE B 159 25.43 -3.51 -7.70
N ASP B 160 24.82 -3.54 -6.53
CA ASP B 160 25.52 -3.39 -5.26
C ASP B 160 25.79 -4.75 -4.62
N VAL B 161 26.92 -4.82 -3.92
CA VAL B 161 27.26 -5.96 -3.07
C VAL B 161 27.24 -5.49 -1.62
N GLN B 162 26.62 -6.28 -0.75
CA GLN B 162 26.32 -5.85 0.61
C GLN B 162 27.16 -6.64 1.60
N HIS B 163 27.63 -5.96 2.65
CA HIS B 163 28.38 -6.58 3.74
C HIS B 163 27.61 -6.31 5.02
N CYS B 164 26.65 -7.16 5.34
CA CYS B 164 25.87 -7.06 6.56
C CYS B 164 26.53 -7.87 7.66
N LYS B 165 26.75 -7.25 8.81
CA LYS B 165 27.50 -7.85 9.91
C LYS B 165 26.56 -8.44 10.94
N LEU B 166 26.91 -9.61 11.45
CA LEU B 166 26.24 -10.22 12.59
C LEU B 166 27.24 -10.29 13.73
N LYS B 167 26.93 -9.66 14.85
CA LYS B 167 27.84 -9.56 15.99
C LYS B 167 27.30 -10.38 17.14
N PHE B 168 28.03 -11.42 17.52
CA PHE B 168 27.65 -12.31 18.61
C PHE B 168 28.72 -12.26 19.69
N GLY B 169 28.28 -12.26 20.94
CA GLY B 169 29.20 -12.27 22.06
C GLY B 169 28.43 -12.42 23.36
N SER B 170 29.14 -12.91 24.37
CA SER B 170 28.54 -13.08 25.68
C SER B 170 28.12 -11.73 26.24
N TRP B 171 26.89 -11.68 26.76
CA TRP B 171 26.35 -10.41 27.24
C TRP B 171 26.86 -10.02 28.61
N SER B 172 27.22 -10.98 29.45
CA SER B 172 27.57 -10.68 30.83
C SER B 172 28.83 -11.39 31.32
N TYR B 173 29.50 -12.17 30.48
CA TYR B 173 30.74 -12.82 30.83
C TYR B 173 31.88 -12.17 30.05
N GLY B 174 32.96 -11.86 30.74
CA GLY B 174 34.11 -11.20 30.14
C GLY B 174 35.16 -12.17 29.66
N GLY B 175 36.34 -11.61 29.38
CA GLY B 175 37.43 -12.43 28.86
C GLY B 175 37.92 -13.47 29.85
N TRP B 176 38.08 -13.08 31.11
CA TRP B 176 38.58 -14.00 32.12
C TRP B 176 37.55 -15.05 32.54
N SER B 177 36.29 -14.91 32.11
CA SER B 177 35.24 -15.83 32.49
C SER B 177 34.86 -16.79 31.36
N LEU B 178 34.52 -16.24 30.19
CA LEU B 178 34.04 -17.04 29.06
C LEU B 178 34.95 -16.78 27.86
N ASP B 179 35.94 -17.65 27.68
CA ASP B 179 36.88 -17.52 26.57
C ASP B 179 36.21 -17.95 25.28
N LEU B 180 35.52 -17.01 24.67
CA LEU B 180 34.83 -17.29 23.42
C LEU B 180 35.84 -17.56 22.30
N GLN B 181 35.54 -18.56 21.48
CA GLN B 181 36.37 -18.91 20.34
C GLN B 181 35.50 -19.02 19.09
N MET B 182 36.11 -18.74 17.95
CA MET B 182 35.41 -18.71 16.68
C MET B 182 35.64 -20.02 15.93
N GLN B 183 34.60 -20.49 15.25
CA GLN B 183 34.71 -21.59 14.31
C GLN B 183 34.12 -21.16 12.97
N GLU B 184 34.63 -21.72 11.90
CA GLU B 184 34.22 -21.31 10.56
C GLU B 184 32.73 -21.55 10.36
N ALA B 185 32.06 -20.55 9.79
CA ALA B 185 30.64 -20.67 9.50
C ALA B 185 30.40 -21.77 8.49
N ASP B 186 29.28 -22.49 8.67
CA ASP B 186 28.93 -23.62 7.83
C ASP B 186 27.81 -23.20 6.89
N ILE B 187 28.01 -23.44 5.60
CA ILE B 187 27.03 -23.09 4.59
C ILE B 187 26.74 -24.29 3.70
N SER B 188 26.97 -25.50 4.24
CA SER B 188 26.67 -26.70 3.47
C SER B 188 25.18 -26.84 3.22
N GLY B 189 24.36 -26.51 4.21
CA GLY B 189 22.92 -26.59 4.10
C GLY B 189 22.27 -25.34 3.56
N TYR B 190 23.04 -24.34 3.14
CA TYR B 190 22.46 -23.11 2.63
C TYR B 190 21.66 -23.38 1.37
N ILE B 191 20.43 -22.90 1.34
CA ILE B 191 19.58 -23.00 0.15
C ILE B 191 19.67 -21.68 -0.61
N PRO B 192 19.92 -21.73 -1.92
CA PRO B 192 20.10 -20.47 -2.67
C PRO B 192 18.84 -19.61 -2.64
N ASN B 193 19.06 -18.30 -2.58
CA ASN B 193 17.97 -17.34 -2.62
C ASN B 193 17.78 -16.85 -4.06
N GLY B 194 16.53 -16.54 -4.40
CA GLY B 194 16.22 -16.15 -5.75
C GLY B 194 16.66 -14.75 -6.14
N GLU B 195 17.13 -13.97 -5.19
CA GLU B 195 17.51 -12.58 -5.44
C GLU B 195 18.96 -12.27 -5.13
N TRP B 196 19.52 -12.86 -4.08
CA TRP B 196 20.86 -12.53 -3.61
C TRP B 196 21.79 -13.71 -3.79
N ASP B 197 22.95 -13.45 -4.38
CA ASP B 197 24.01 -14.44 -4.55
C ASP B 197 24.98 -14.28 -3.39
N LEU B 198 25.18 -15.36 -2.63
CA LEU B 198 26.07 -15.32 -1.49
C LEU B 198 27.52 -15.40 -1.94
N VAL B 199 28.33 -14.44 -1.52
CA VAL B 199 29.76 -14.46 -1.80
C VAL B 199 30.52 -15.25 -0.73
N GLY B 200 30.17 -15.04 0.53
CA GLY B 200 30.81 -15.75 1.61
C GLY B 200 30.38 -15.17 2.93
N ILE B 201 30.66 -15.92 3.99
CA ILE B 201 30.33 -15.49 5.34
C ILE B 201 31.55 -15.68 6.24
N PRO B 202 32.59 -14.86 6.08
CA PRO B 202 33.75 -14.98 6.97
C PRO B 202 33.47 -14.36 8.33
N GLY B 203 34.24 -14.80 9.32
CA GLY B 203 34.09 -14.30 10.67
C GLY B 203 35.39 -13.75 11.21
N LYS B 204 35.28 -13.00 12.30
CA LYS B 204 36.46 -12.38 12.91
C LYS B 204 36.22 -12.24 14.40
N ARG B 205 37.12 -12.82 15.20
CA ARG B 205 37.06 -12.74 16.65
C ARG B 205 37.75 -11.46 17.10
N SER B 206 37.04 -10.63 17.85
CA SER B 206 37.57 -9.35 18.30
C SER B 206 37.35 -9.20 19.79
N GLU B 207 38.25 -8.47 20.44
CA GLU B 207 38.19 -8.19 21.86
C GLU B 207 37.99 -6.70 22.04
N ARG B 208 36.91 -6.33 22.75
CA ARG B 208 36.52 -4.93 22.88
C ARG B 208 36.24 -4.59 24.34
N PHE B 209 36.76 -3.45 24.77
CA PHE B 209 36.53 -2.94 26.11
C PHE B 209 35.21 -2.18 26.18
N TYR B 210 34.70 -1.99 27.39
CA TYR B 210 33.46 -1.27 27.60
C TYR B 210 33.61 -0.31 28.77
N GLU B 211 32.87 0.80 28.70
CA GLU B 211 32.95 1.84 29.71
C GLU B 211 32.42 1.40 31.06
N CYS B 212 31.57 0.37 31.09
CA CYS B 212 31.07 -0.13 32.38
C CYS B 212 32.18 -0.63 33.26
N CYS B 213 33.05 -1.48 32.69
CA CYS B 213 33.85 -2.40 33.48
C CYS B 213 35.25 -2.45 32.91
N LYS B 214 36.19 -2.93 33.73
CA LYS B 214 37.58 -3.05 33.34
C LYS B 214 37.91 -4.43 32.80
N GLU B 215 36.95 -5.09 32.17
CA GLU B 215 37.11 -6.46 31.68
C GLU B 215 36.78 -6.51 30.19
N PRO B 216 37.70 -6.97 29.35
CA PRO B 216 37.40 -7.07 27.92
C PRO B 216 36.30 -8.09 27.65
N TYR B 217 35.49 -7.80 26.63
CA TYR B 217 34.39 -8.69 26.25
C TYR B 217 34.61 -9.18 24.82
N PRO B 218 35.19 -10.36 24.65
CA PRO B 218 35.40 -10.88 23.30
C PRO B 218 34.09 -11.20 22.61
N ASP B 219 34.11 -11.09 21.28
CA ASP B 219 32.94 -11.33 20.47
C ASP B 219 33.35 -11.99 19.16
N VAL B 220 32.35 -12.45 18.41
CA VAL B 220 32.56 -13.06 17.10
C VAL B 220 31.65 -12.35 16.11
N THR B 221 32.24 -11.75 15.08
CA THR B 221 31.52 -10.98 14.08
C THR B 221 31.54 -11.72 12.76
N PHE B 222 30.38 -11.99 12.19
CA PHE B 222 30.24 -12.65 10.90
C PHE B 222 29.74 -11.65 9.88
N THR B 223 30.49 -11.48 8.79
CA THR B 223 30.15 -10.56 7.72
C THR B 223 29.54 -11.34 6.57
N VAL B 224 28.25 -11.14 6.33
CA VAL B 224 27.53 -11.85 5.29
C VAL B 224 27.65 -11.04 4.01
N THR B 225 28.66 -11.35 3.20
CA THR B 225 28.85 -10.66 1.92
C THR B 225 27.96 -11.32 0.87
N MET B 226 26.99 -10.58 0.37
CA MET B 226 26.06 -11.10 -0.62
C MET B 226 25.93 -10.11 -1.78
N ARG B 227 25.85 -10.65 -2.99
CA ARG B 227 25.73 -9.85 -4.20
C ARG B 227 24.32 -9.98 -4.77
N ARG B 228 23.74 -8.84 -5.14
CA ARG B 228 22.40 -8.83 -5.68
C ARG B 228 22.40 -9.31 -7.13
N ARG B 229 21.48 -10.21 -7.45
CA ARG B 229 21.29 -10.65 -8.82
C ARG B 229 20.42 -9.64 -9.54
N THR B 230 20.95 -9.06 -10.63
CA THR B 230 20.36 -7.88 -11.24
C THR B 230 19.53 -8.19 -12.48
N LEU B 231 19.21 -9.46 -12.73
CA LEU B 231 18.41 -9.78 -13.91
C LEU B 231 17.02 -9.17 -13.82
N TYR B 232 16.33 -9.39 -12.70
CA TYR B 232 14.98 -8.87 -12.55
C TYR B 232 14.97 -7.35 -12.58
N TYR B 233 15.92 -6.71 -11.88
CA TYR B 233 15.94 -5.26 -11.85
C TYR B 233 16.29 -4.68 -13.21
N GLY B 234 17.25 -5.27 -13.91
CA GLY B 234 17.56 -4.81 -15.25
C GLY B 234 16.41 -4.98 -16.22
N LEU B 235 15.63 -6.05 -16.06
CA LEU B 235 14.51 -6.30 -16.96
C LEU B 235 13.31 -5.42 -16.66
N ASN B 236 13.11 -5.05 -15.39
CA ASN B 236 11.90 -4.37 -14.98
C ASN B 236 12.08 -2.88 -14.71
N LEU B 237 13.30 -2.39 -14.56
CA LEU B 237 13.55 -0.99 -14.22
C LEU B 237 14.38 -0.28 -15.28
N LEU B 238 15.55 -0.83 -15.64
CA LEU B 238 16.43 -0.15 -16.56
C LEU B 238 15.91 -0.23 -18.00
N ILE B 239 15.47 -1.42 -18.43
CA ILE B 239 15.00 -1.58 -19.80
C ILE B 239 13.77 -0.73 -20.11
N PRO B 240 12.72 -0.73 -19.27
CA PRO B 240 11.57 0.13 -19.59
C PRO B 240 11.93 1.60 -19.71
N CYS B 241 12.84 2.09 -18.87
CA CYS B 241 13.23 3.49 -18.98
C CYS B 241 14.00 3.77 -20.25
N VAL B 242 14.87 2.85 -20.68
CA VAL B 242 15.54 3.00 -21.96
C VAL B 242 14.52 3.08 -23.08
N LEU B 243 13.53 2.18 -23.05
CA LEU B 243 12.53 2.15 -24.12
C LEU B 243 11.69 3.43 -24.13
N ILE B 244 11.27 3.90 -22.95
CA ILE B 244 10.43 5.09 -22.90
C ILE B 244 11.22 6.33 -23.29
N SER B 245 12.47 6.43 -22.86
CA SER B 245 13.31 7.56 -23.28
C SER B 245 13.52 7.55 -24.79
N ALA B 246 13.75 6.37 -25.37
CA ALA B 246 13.92 6.29 -26.82
C ALA B 246 12.62 6.62 -27.54
N LEU B 247 11.48 6.30 -26.94
CA LEU B 247 10.20 6.63 -27.54
C LEU B 247 9.90 8.12 -27.42
N ALA B 248 10.46 8.78 -26.40
CA ALA B 248 10.32 10.23 -26.29
C ALA B 248 11.01 10.96 -27.42
N LEU B 249 12.05 10.37 -28.01
CA LEU B 249 12.76 10.97 -29.13
C LEU B 249 11.95 10.94 -30.42
N LEU B 250 10.84 10.19 -30.47
CA LEU B 250 10.00 10.17 -31.65
C LEU B 250 9.37 11.52 -31.93
N VAL B 251 9.29 12.41 -30.93
CA VAL B 251 8.75 13.74 -31.16
C VAL B 251 9.56 14.45 -32.23
N PHE B 252 10.83 14.09 -32.37
CA PHE B 252 11.70 14.71 -33.35
C PHE B 252 11.57 14.08 -34.74
N LEU B 253 10.69 13.09 -34.91
CA LEU B 253 10.37 12.59 -36.23
C LEU B 253 8.96 12.95 -36.68
N LEU B 254 8.08 13.29 -35.75
CA LEU B 254 6.73 13.69 -36.11
C LEU B 254 6.77 14.99 -36.92
N PRO B 255 6.11 15.05 -38.07
CA PRO B 255 5.97 16.34 -38.77
C PRO B 255 5.15 17.31 -37.93
N ALA B 256 5.54 18.58 -37.96
CA ALA B 256 4.88 19.59 -37.13
C ALA B 256 3.46 19.87 -37.59
N ASP B 257 3.09 19.48 -38.81
CA ASP B 257 1.74 19.76 -39.30
C ASP B 257 0.69 19.05 -38.46
N SER B 258 0.98 17.84 -38.01
CA SER B 258 0.07 17.10 -37.12
C SER B 258 0.33 17.57 -35.70
N GLY B 259 -0.69 18.15 -35.07
CA GLY B 259 -0.52 18.68 -33.73
C GLY B 259 -0.52 17.59 -32.68
N GLU B 260 0.55 16.80 -32.64
CA GLU B 260 0.63 15.69 -31.70
C GLU B 260 1.99 15.61 -31.02
N LYS B 261 2.91 16.51 -31.36
CA LYS B 261 4.25 16.48 -30.78
C LYS B 261 4.23 16.71 -29.27
N ILE B 262 3.51 17.74 -28.83
CA ILE B 262 3.46 18.04 -27.40
C ILE B 262 2.72 16.95 -26.65
N SER B 263 1.67 16.40 -27.25
CA SER B 263 0.95 15.29 -26.63
C SER B 263 1.88 14.10 -26.42
N LEU B 264 2.62 13.73 -27.47
CA LEU B 264 3.58 12.63 -27.36
C LEU B 264 4.59 12.90 -26.25
N GLY B 265 5.25 14.05 -26.29
CA GLY B 265 6.30 14.32 -25.32
C GLY B 265 5.79 14.34 -23.89
N ILE B 266 4.66 15.01 -23.67
CA ILE B 266 4.19 15.21 -22.30
C ILE B 266 3.54 13.96 -21.75
N THR B 267 2.89 13.13 -22.58
CA THR B 267 2.35 11.90 -22.03
C THR B 267 3.46 10.89 -21.77
N VAL B 268 4.52 10.92 -22.58
CA VAL B 268 5.71 10.12 -22.24
C VAL B 268 6.28 10.58 -20.92
N LEU B 269 6.35 11.90 -20.70
CA LEU B 269 6.84 12.41 -19.42
C LEU B 269 5.96 11.97 -18.27
N LEU B 270 4.64 11.97 -18.46
CA LEU B 270 3.73 11.53 -17.40
C LEU B 270 3.92 10.04 -17.08
N SER B 271 4.06 9.22 -18.12
CA SER B 271 4.31 7.80 -17.89
C SER B 271 5.62 7.58 -17.15
N LEU B 272 6.66 8.33 -17.51
CA LEU B 272 7.92 8.24 -16.79
C LEU B 272 7.77 8.70 -15.35
N THR B 273 6.93 9.71 -15.12
CA THR B 273 6.68 10.16 -13.75
C THR B 273 6.06 9.04 -12.92
N VAL B 274 5.07 8.36 -13.49
CA VAL B 274 4.43 7.24 -12.79
C VAL B 274 5.46 6.15 -12.49
N PHE B 275 6.26 5.80 -13.49
CA PHE B 275 7.25 4.72 -13.31
C PHE B 275 8.26 5.08 -12.24
N MET B 276 8.79 6.30 -12.28
CA MET B 276 9.80 6.71 -11.31
C MET B 276 9.21 6.82 -9.91
N LEU B 277 7.94 7.23 -9.81
CA LEU B 277 7.27 7.25 -8.51
C LEU B 277 7.16 5.85 -7.93
N ALA B 278 6.72 4.89 -8.75
CA ALA B 278 6.61 3.52 -8.27
C ALA B 278 7.96 2.95 -7.88
N VAL B 279 9.01 3.29 -8.63
CA VAL B 279 10.34 2.77 -8.28
C VAL B 279 10.83 3.38 -6.98
N ALA B 280 10.71 4.71 -6.85
CA ALA B 280 11.15 5.37 -5.63
C ALA B 280 10.35 4.95 -4.41
N GLU B 281 9.16 4.37 -4.62
CA GLU B 281 8.40 3.82 -3.50
C GLU B 281 9.15 2.73 -2.75
N ILE B 282 10.11 2.06 -3.39
CA ILE B 282 10.78 0.90 -2.81
C ILE B 282 12.21 1.18 -2.40
N MET B 283 12.61 2.44 -2.28
CA MET B 283 14.01 2.67 -2.00
C MET B 283 14.19 3.42 -0.68
N PRO B 284 15.29 3.15 0.04
CA PRO B 284 15.50 3.81 1.33
C PRO B 284 15.67 5.31 1.16
N ALA B 285 15.24 6.04 2.19
CA ALA B 285 15.37 7.50 2.20
C ALA B 285 16.70 7.92 2.82
N THR B 286 17.77 7.33 2.29
CA THR B 286 19.12 7.62 2.77
C THR B 286 19.68 8.83 2.03
N SER B 287 20.61 9.52 2.69
CA SER B 287 21.23 10.71 2.11
C SER B 287 22.75 10.62 2.10
N ASP B 288 23.30 9.41 2.25
CA ASP B 288 24.75 9.26 2.19
C ASP B 288 25.27 9.61 0.80
N SER B 289 24.58 9.17 -0.25
CA SER B 289 25.00 9.46 -1.61
C SER B 289 23.80 9.29 -2.54
N VAL B 290 23.95 9.84 -3.74
CA VAL B 290 22.89 9.75 -4.75
C VAL B 290 22.93 8.35 -5.36
N PRO B 291 21.83 7.60 -5.32
CA PRO B 291 21.84 6.26 -5.90
C PRO B 291 22.05 6.29 -7.40
N LEU B 292 22.65 5.21 -7.92
CA LEU B 292 22.89 5.13 -9.36
C LEU B 292 21.58 5.18 -10.14
N ILE B 293 20.56 4.47 -9.67
CA ILE B 293 19.28 4.53 -10.37
C ILE B 293 18.67 5.92 -10.25
N ALA B 294 18.93 6.63 -9.15
CA ALA B 294 18.46 7.99 -9.03
C ALA B 294 19.11 8.91 -10.06
N GLN B 295 20.43 8.78 -10.25
CA GLN B 295 21.10 9.56 -11.30
C GLN B 295 20.57 9.20 -12.67
N TYR B 296 20.34 7.91 -12.91
CA TYR B 296 19.82 7.46 -14.20
C TYR B 296 18.44 8.04 -14.47
N PHE B 297 17.56 8.03 -13.46
CA PHE B 297 16.23 8.59 -13.63
C PHE B 297 16.29 10.10 -13.81
N ALA B 298 17.20 10.77 -13.11
CA ALA B 298 17.37 12.20 -13.31
C ALA B 298 17.79 12.50 -14.74
N SER B 299 18.71 11.70 -15.28
CA SER B 299 19.14 11.89 -16.66
C SER B 299 17.97 11.70 -17.62
N THR B 300 17.17 10.66 -17.41
CA THR B 300 16.03 10.42 -18.29
C THR B 300 15.01 11.55 -18.20
N MET B 301 14.72 12.03 -17.00
CA MET B 301 13.78 13.12 -16.82
C MET B 301 14.28 14.38 -17.51
N ILE B 302 15.57 14.68 -17.34
CA ILE B 302 16.16 15.86 -17.97
C ILE B 302 16.09 15.74 -19.49
N ILE B 303 16.37 14.56 -20.02
CA ILE B 303 16.33 14.37 -21.47
C ILE B 303 14.92 14.60 -22.00
N VAL B 304 13.92 14.04 -21.32
CA VAL B 304 12.54 14.22 -21.77
C VAL B 304 12.13 15.68 -21.67
N GLY B 305 12.48 16.36 -20.57
CA GLY B 305 12.12 17.76 -20.43
C GLY B 305 12.76 18.64 -21.47
N LEU B 306 14.05 18.42 -21.75
CA LEU B 306 14.70 19.19 -22.81
C LEU B 306 14.13 18.85 -24.18
N SER B 307 13.68 17.61 -24.38
CA SER B 307 13.00 17.29 -25.63
C SER B 307 11.71 18.10 -25.78
N VAL B 308 10.96 18.23 -24.68
CA VAL B 308 9.74 19.04 -24.73
C VAL B 308 10.07 20.51 -25.01
N VAL B 309 11.13 21.02 -24.37
CA VAL B 309 11.54 22.41 -24.60
C VAL B 309 11.93 22.63 -26.06
N VAL B 310 12.71 21.70 -26.62
CA VAL B 310 13.12 21.83 -28.01
C VAL B 310 11.91 21.71 -28.93
N THR B 311 10.93 20.88 -28.57
CA THR B 311 9.72 20.79 -29.37
C THR B 311 8.97 22.12 -29.36
N VAL B 312 8.92 22.78 -28.21
CA VAL B 312 8.29 24.10 -28.14
C VAL B 312 9.02 25.08 -29.04
N ILE B 313 10.35 25.05 -29.01
CA ILE B 313 11.14 25.94 -29.87
C ILE B 313 10.87 25.65 -31.33
N VAL B 314 10.79 24.37 -31.69
CA VAL B 314 10.52 23.99 -33.08
C VAL B 314 9.16 24.48 -33.52
N LEU B 315 8.16 24.34 -32.65
CA LEU B 315 6.82 24.82 -33.00
C LEU B 315 6.78 26.34 -33.09
N GLN B 316 7.61 27.04 -32.30
CA GLN B 316 7.76 28.47 -32.52
C GLN B 316 8.33 28.76 -33.90
N TYR B 317 9.34 27.99 -34.31
CA TYR B 317 9.96 28.21 -35.61
C TYR B 317 9.06 27.79 -36.75
N HIS B 318 8.04 26.98 -36.46
CA HIS B 318 7.18 26.45 -37.52
C HIS B 318 5.99 27.37 -37.77
N HIS B 319 5.27 27.71 -36.70
CA HIS B 319 4.15 28.64 -36.80
C HIS B 319 4.64 30.07 -36.59
N HIS B 320 5.47 30.51 -37.54
CA HIS B 320 6.03 31.86 -37.54
C HIS B 320 5.33 32.67 -38.63
N ASP B 321 4.60 33.70 -38.23
CA ASP B 321 3.88 34.51 -39.20
C ASP B 321 4.86 35.25 -40.11
N PRO B 322 4.65 35.22 -41.43
CA PRO B 322 5.57 35.92 -42.33
C PRO B 322 5.65 37.42 -42.06
N ASP B 323 4.56 38.04 -41.63
CA ASP B 323 4.56 39.46 -41.33
C ASP B 323 5.25 39.80 -40.01
N GLY B 324 5.60 38.78 -39.21
CA GLY B 324 6.24 39.05 -37.94
C GLY B 324 7.60 39.72 -38.09
N GLY B 325 8.33 39.37 -39.12
CA GLY B 325 9.63 39.96 -39.38
C GLY B 325 10.55 38.99 -40.08
N LYS B 326 11.51 39.56 -40.80
CA LYS B 326 12.49 38.75 -41.52
C LYS B 326 13.39 38.02 -40.55
N MET B 327 13.88 36.85 -40.99
CA MET B 327 14.78 36.08 -40.15
C MET B 327 16.09 36.84 -39.95
N PRO B 328 16.73 36.72 -38.78
CA PRO B 328 18.07 37.27 -38.63
C PRO B 328 19.04 36.63 -39.62
N LYS B 329 19.95 37.45 -40.13
CA LYS B 329 20.85 37.00 -41.19
C LYS B 329 21.72 35.84 -40.73
N TRP B 330 22.24 35.91 -39.50
CA TRP B 330 23.13 34.87 -39.02
C TRP B 330 22.43 33.52 -38.93
N THR B 331 21.29 33.48 -38.24
CA THR B 331 20.57 32.21 -38.12
C THR B 331 20.10 31.72 -39.48
N ARG B 332 19.70 32.64 -40.36
CA ARG B 332 19.29 32.26 -41.71
C ARG B 332 20.43 31.54 -42.42
N VAL B 333 21.61 32.16 -42.46
CA VAL B 333 22.71 31.59 -43.24
C VAL B 333 23.15 30.27 -42.63
N ILE B 334 23.28 30.20 -41.30
CA ILE B 334 23.75 28.95 -40.71
C ILE B 334 22.73 27.83 -40.92
N LEU B 335 21.44 28.08 -40.64
CA LEU B 335 20.45 27.03 -40.69
C LEU B 335 20.07 26.64 -42.11
N LEU B 336 20.35 27.48 -43.10
CA LEU B 336 20.04 27.11 -44.47
C LEU B 336 21.27 26.73 -45.28
N ASN B 337 22.47 26.91 -44.75
CA ASN B 337 23.68 26.47 -45.45
C ASN B 337 24.43 25.38 -44.70
N TRP B 338 24.86 25.64 -43.46
CA TRP B 338 25.79 24.72 -42.82
C TRP B 338 25.11 23.42 -42.44
N CYS B 339 23.95 23.51 -41.79
CA CYS B 339 23.23 22.29 -41.40
C CYS B 339 22.67 21.56 -42.61
N ALA B 340 22.26 22.30 -43.65
CA ALA B 340 21.80 21.65 -44.87
C ALA B 340 22.93 20.88 -45.54
N TRP B 341 24.13 21.47 -45.59
CA TRP B 341 25.29 20.78 -46.15
C TRP B 341 25.66 19.57 -45.30
N PHE B 342 25.58 19.71 -43.97
CA PHE B 342 25.92 18.61 -43.08
C PHE B 342 24.90 17.48 -43.23
N LEU B 343 23.61 17.82 -43.15
CA LEU B 343 22.56 16.82 -43.16
C LEU B 343 22.12 16.41 -44.57
N ARG B 344 22.69 17.04 -45.61
CA ARG B 344 22.35 16.73 -47.00
C ARG B 344 20.85 16.85 -47.24
N MET B 345 20.24 17.90 -46.70
CA MET B 345 18.81 18.13 -46.87
C MET B 345 18.54 18.86 -48.18
N LYS B 346 17.39 18.57 -48.78
CA LYS B 346 17.01 19.17 -50.04
C LYS B 346 16.30 20.49 -49.79
N ARG B 347 16.80 21.56 -50.41
CA ARG B 347 16.20 22.88 -50.26
C ARG B 347 15.10 23.04 -51.29
N PRO B 348 13.84 23.21 -50.89
CA PRO B 348 12.76 23.38 -51.88
C PRO B 348 12.96 24.63 -52.71
N GLY B 349 12.56 24.54 -53.98
CA GLY B 349 12.68 25.64 -54.90
C GLY B 349 14.11 25.90 -55.36
N ASP B 430 -14.45 52.20 -73.62
CA ASP B 430 -12.99 52.19 -73.48
C ASP B 430 -12.52 52.23 -72.02
N PRO B 431 -13.04 53.14 -71.18
CA PRO B 431 -12.63 53.14 -69.77
C PRO B 431 -12.97 51.85 -69.04
N ASP B 432 -14.07 51.19 -69.43
CA ASP B 432 -14.45 49.97 -68.76
C ASP B 432 -13.39 48.89 -68.91
N LEU B 433 -12.82 48.75 -70.11
CA LEU B 433 -11.78 47.75 -70.34
C LEU B 433 -10.58 47.99 -69.42
N ALA B 434 -10.11 49.23 -69.36
CA ALA B 434 -8.95 49.53 -68.52
C ALA B 434 -9.26 49.34 -67.05
N LYS B 435 -10.49 49.64 -66.63
CA LYS B 435 -10.76 49.55 -65.20
C LYS B 435 -10.93 48.09 -64.78
N ILE B 436 -11.52 47.26 -65.64
CA ILE B 436 -11.51 45.82 -65.42
C ILE B 436 -10.09 45.30 -65.40
N LEU B 437 -9.23 45.85 -66.27
CA LEU B 437 -7.83 45.47 -66.27
C LEU B 437 -7.18 45.75 -64.93
N GLU B 438 -7.45 46.93 -64.36
CA GLU B 438 -6.87 47.28 -63.07
C GLU B 438 -7.47 46.42 -61.94
N GLU B 439 -8.74 46.03 -62.07
CA GLU B 439 -9.35 45.13 -61.10
C GLU B 439 -8.67 43.77 -61.10
N VAL B 440 -8.49 43.19 -62.28
CA VAL B 440 -7.75 41.94 -62.39
C VAL B 440 -6.31 42.13 -61.93
N ARG B 441 -5.76 43.33 -62.12
CA ARG B 441 -4.45 43.66 -61.58
C ARG B 441 -4.41 43.55 -60.06
N TYR B 442 -5.45 44.07 -59.40
CA TYR B 442 -5.50 43.94 -57.95
C TYR B 442 -5.56 42.48 -57.54
N ILE B 443 -6.41 41.69 -58.21
CA ILE B 443 -6.54 40.28 -57.84
C ILE B 443 -5.22 39.55 -58.03
N ALA B 444 -4.55 39.77 -59.17
CA ALA B 444 -3.30 39.09 -59.45
C ALA B 444 -2.19 39.51 -58.48
N ASN B 445 -2.11 40.81 -58.17
CA ASN B 445 -1.10 41.27 -57.22
C ASN B 445 -1.35 40.70 -55.83
N ARG B 446 -2.62 40.59 -55.44
CA ARG B 446 -2.95 39.95 -54.17
C ARG B 446 -2.49 38.50 -54.16
N PHE B 447 -2.71 37.79 -55.26
CA PHE B 447 -2.26 36.40 -55.33
C PHE B 447 -0.74 36.30 -55.27
N ARG B 448 -0.04 37.21 -55.93
CA ARG B 448 1.43 37.19 -55.89
C ARG B 448 1.94 37.47 -54.48
N CYS B 449 1.35 38.45 -53.78
CA CYS B 449 1.75 38.72 -52.40
C CYS B 449 1.47 37.52 -51.50
N GLN B 450 0.34 36.85 -51.71
CA GLN B 450 0.05 35.63 -50.97
C GLN B 450 1.10 34.57 -51.24
N ASP B 451 1.52 34.43 -52.49
CA ASP B 451 2.55 33.44 -52.82
C ASP B 451 3.88 33.77 -52.15
N GLU B 452 4.24 35.05 -52.12
CA GLU B 452 5.49 35.43 -51.46
C GLU B 452 5.43 35.12 -49.95
N SER B 453 4.31 35.44 -49.31
CA SER B 453 4.16 35.13 -47.89
C SER B 453 4.21 33.62 -47.66
N GLU B 454 3.58 32.85 -48.54
CA GLU B 454 3.62 31.39 -48.41
C GLU B 454 5.03 30.86 -48.56
N ALA B 455 5.81 31.43 -49.49
CA ALA B 455 7.19 31.01 -49.65
C ALA B 455 8.01 31.30 -48.40
N VAL B 456 7.82 32.48 -47.81
CA VAL B 456 8.54 32.82 -46.58
C VAL B 456 8.17 31.85 -45.47
N CYS B 457 6.88 31.55 -45.33
CA CYS B 457 6.44 30.63 -44.28
C CYS B 457 6.99 29.23 -44.52
N SER B 458 7.05 28.80 -45.79
CA SER B 458 7.61 27.49 -46.09
C SER B 458 9.09 27.43 -45.76
N GLU B 459 9.81 28.52 -46.01
CA GLU B 459 11.21 28.56 -45.61
C GLU B 459 11.36 28.46 -44.09
N TRP B 460 10.47 29.14 -43.35
CA TRP B 460 10.49 29.02 -41.90
C TRP B 460 10.23 27.58 -41.46
N LYS B 461 9.28 26.91 -42.13
CA LYS B 461 9.00 25.52 -41.80
C LYS B 461 10.21 24.63 -42.07
N PHE B 462 10.91 24.87 -43.17
CA PHE B 462 12.12 24.10 -43.45
C PHE B 462 13.19 24.34 -42.39
N ALA B 463 13.33 25.58 -41.93
CA ALA B 463 14.27 25.86 -40.85
C ALA B 463 13.89 25.09 -39.59
N ALA B 464 12.60 25.05 -39.28
CA ALA B 464 12.14 24.27 -38.12
C ALA B 464 12.47 22.79 -38.29
N CYS B 465 12.26 22.25 -39.49
CA CYS B 465 12.58 20.84 -39.73
C CYS B 465 14.06 20.56 -39.56
N VAL B 466 14.92 21.47 -40.04
CA VAL B 466 16.36 21.27 -39.93
C VAL B 466 16.79 21.30 -38.46
N VAL B 467 16.28 22.28 -37.71
CA VAL B 467 16.57 22.33 -36.27
C VAL B 467 16.11 21.04 -35.61
N ASP B 468 14.93 20.55 -35.99
CA ASP B 468 14.39 19.34 -35.41
C ASP B 468 15.29 18.14 -35.67
N ARG B 469 15.76 17.99 -36.91
CA ARG B 469 16.60 16.84 -37.24
C ARG B 469 17.94 16.89 -36.51
N LEU B 470 18.58 18.05 -36.51
CA LEU B 470 19.87 18.16 -35.83
C LEU B 470 19.72 17.89 -34.35
N CYS B 471 18.62 18.38 -33.75
CA CYS B 471 18.42 18.14 -32.33
C CYS B 471 18.08 16.68 -32.05
N LEU B 472 17.42 15.99 -32.99
CA LEU B 472 17.20 14.56 -32.84
C LEU B 472 18.52 13.82 -32.78
N MET B 473 19.42 14.13 -33.71
CA MET B 473 20.72 13.46 -33.70
C MET B 473 21.46 13.74 -32.40
N ALA B 474 21.46 15.00 -31.97
CA ALA B 474 22.16 15.36 -30.73
C ALA B 474 21.57 14.63 -29.53
N PHE B 475 20.24 14.60 -29.42
CA PHE B 475 19.60 13.95 -28.29
C PHE B 475 19.86 12.46 -28.27
N SER B 476 19.79 11.80 -29.43
CA SER B 476 20.04 10.37 -29.48
C SER B 476 21.46 10.06 -29.03
N VAL B 477 22.44 10.80 -29.55
CA VAL B 477 23.83 10.57 -29.15
C VAL B 477 23.99 10.82 -27.66
N PHE B 478 23.40 11.89 -27.16
CA PHE B 478 23.57 12.25 -25.75
C PHE B 478 22.96 11.19 -24.84
N THR B 479 21.75 10.71 -25.16
CA THR B 479 21.12 9.73 -24.28
C THR B 479 21.87 8.40 -24.31
N ILE B 480 22.33 7.97 -25.48
CA ILE B 480 23.11 6.74 -25.55
C ILE B 480 24.38 6.87 -24.71
N ILE B 481 25.11 7.98 -24.90
CA ILE B 481 26.36 8.18 -24.19
C ILE B 481 26.13 8.23 -22.68
N CYS B 482 25.08 8.96 -22.26
CA CYS B 482 24.83 9.14 -20.84
C CYS B 482 24.42 7.82 -20.16
N THR B 483 23.53 7.06 -20.79
CA THR B 483 23.15 5.78 -20.21
C THR B 483 24.33 4.82 -20.15
N ILE B 484 25.12 4.77 -21.23
CA ILE B 484 26.30 3.90 -21.23
C ILE B 484 27.26 4.30 -20.12
N GLY B 485 27.51 5.59 -19.97
CA GLY B 485 28.43 6.04 -18.94
C GLY B 485 27.93 5.76 -17.54
N ILE B 486 26.64 6.00 -17.28
CA ILE B 486 26.09 5.75 -15.95
C ILE B 486 26.20 4.28 -15.59
N LEU B 487 25.85 3.39 -16.53
CA LEU B 487 25.94 1.97 -16.22
C LEU B 487 27.39 1.49 -16.17
N MET B 488 28.30 2.14 -16.90
CA MET B 488 29.72 1.83 -16.77
C MET B 488 30.27 2.22 -15.40
N SER B 489 29.75 3.31 -14.83
CA SER B 489 30.33 3.84 -13.60
C SER B 489 30.26 2.84 -12.46
N ALA B 490 29.21 2.05 -12.38
CA ALA B 490 29.09 1.07 -11.31
C ALA B 490 30.19 0.01 -11.43
N PRO B 491 30.98 -0.21 -10.39
CA PRO B 491 31.95 -1.30 -10.41
C PRO B 491 31.24 -2.65 -10.42
N ASN B 492 31.99 -3.67 -10.82
CA ASN B 492 31.52 -5.06 -10.94
C ASN B 492 30.25 -5.16 -11.81
N PHE B 493 29.95 -4.11 -12.58
CA PHE B 493 28.79 -4.17 -13.46
C PHE B 493 29.00 -5.21 -14.55
N VAL B 494 30.21 -5.29 -15.10
CA VAL B 494 30.47 -6.23 -16.19
C VAL B 494 30.37 -7.66 -15.69
N GLU B 495 30.84 -7.93 -14.47
CA GLU B 495 30.74 -9.28 -13.95
C GLU B 495 29.32 -9.60 -13.52
N ALA B 496 28.56 -8.60 -13.05
CA ALA B 496 27.16 -8.83 -12.78
C ALA B 496 26.40 -9.20 -14.06
N VAL B 497 26.68 -8.49 -15.15
CA VAL B 497 26.06 -8.81 -16.43
C VAL B 497 26.45 -10.21 -16.87
N SER B 498 27.75 -10.53 -16.79
CA SER B 498 28.22 -11.84 -17.24
C SER B 498 27.58 -12.96 -16.42
N LYS B 499 27.41 -12.75 -15.11
CA LYS B 499 26.86 -13.80 -14.26
C LYS B 499 25.34 -13.92 -14.40
N ASP B 500 24.64 -12.82 -14.66
CA ASP B 500 23.19 -12.88 -14.72
C ASP B 500 22.66 -13.14 -16.13
N PHE B 501 22.98 -12.26 -17.08
CA PHE B 501 22.42 -12.39 -18.41
C PHE B 501 23.12 -13.48 -19.22
N ALA B 502 24.44 -13.38 -19.34
CA ALA B 502 25.20 -14.37 -20.08
C ALA B 502 25.29 -15.69 -19.32
N GLY C 23 33.12 -24.32 39.98
CA GLY C 23 34.05 -24.80 40.98
C GLY C 23 33.41 -24.97 42.35
N GLU C 24 34.13 -25.62 43.27
CA GLU C 24 33.59 -25.83 44.60
C GLU C 24 33.37 -24.50 45.32
N PHE C 25 34.33 -23.57 45.18
CA PHE C 25 34.18 -22.26 45.82
C PHE C 25 32.99 -21.50 45.25
N GLN C 26 32.83 -21.52 43.93
CA GLN C 26 31.70 -20.83 43.32
C GLN C 26 30.37 -21.45 43.75
N ARG C 27 30.31 -22.78 43.80
CA ARG C 27 29.08 -23.45 44.22
C ARG C 27 28.75 -23.10 45.66
N LYS C 28 29.75 -23.12 46.55
CA LYS C 28 29.51 -22.75 47.94
C LYS C 28 29.05 -21.31 48.07
N LEU C 29 29.69 -20.41 47.31
CA LEU C 29 29.31 -19.00 47.37
C LEU C 29 27.88 -18.79 46.90
N TYR C 30 27.49 -19.44 45.80
CA TYR C 30 26.12 -19.32 45.31
C TYR C 30 25.12 -19.91 46.30
N LYS C 31 25.47 -21.03 46.92
CA LYS C 31 24.57 -21.64 47.91
C LYS C 31 24.38 -20.74 49.11
N GLU C 32 25.48 -20.14 49.61
CA GLU C 32 25.39 -19.34 50.82
C GLU C 32 24.82 -17.95 50.56
N LEU C 33 25.01 -17.42 49.35
CA LEU C 33 24.57 -16.06 49.04
C LEU C 33 23.04 -15.98 48.91
N VAL C 34 22.43 -16.99 48.29
CA VAL C 34 20.99 -16.99 48.10
C VAL C 34 20.25 -17.29 49.41
N LYS C 35 20.93 -17.90 50.37
CA LYS C 35 20.29 -18.25 51.63
C LYS C 35 19.74 -17.01 52.32
N ASN C 36 18.48 -17.09 52.76
CA ASN C 36 17.80 -16.00 53.46
C ASN C 36 17.81 -14.71 52.63
N TYR C 37 17.60 -14.84 51.33
CA TYR C 37 17.51 -13.70 50.43
C TYR C 37 16.09 -13.58 49.89
N ASN C 38 15.57 -12.35 49.91
CA ASN C 38 14.23 -12.07 49.45
C ASN C 38 14.29 -11.13 48.26
N PRO C 39 13.90 -11.56 47.05
CA PRO C 39 14.01 -10.67 45.89
C PRO C 39 13.14 -9.43 45.98
N LEU C 40 12.10 -9.45 46.81
CA LEU C 40 11.23 -8.28 46.95
C LEU C 40 11.88 -7.17 47.77
N GLU C 41 12.71 -7.54 48.75
CA GLU C 41 13.25 -6.55 49.67
C GLU C 41 14.21 -5.61 48.98
N ARG C 42 14.11 -4.33 49.30
CA ARG C 42 15.07 -3.35 48.81
C ARG C 42 16.41 -3.56 49.51
N PRO C 43 17.50 -3.73 48.78
CA PRO C 43 18.80 -4.07 49.40
C PRO C 43 19.52 -2.89 50.02
N VAL C 44 19.06 -2.48 51.19
CA VAL C 44 19.68 -1.41 51.95
C VAL C 44 19.92 -1.88 53.38
N ALA C 45 20.99 -1.39 53.99
CA ALA C 45 21.27 -1.74 55.38
C ALA C 45 20.35 -0.98 56.32
N ASN C 46 20.13 0.30 56.06
CA ASN C 46 19.22 1.13 56.84
C ASN C 46 17.97 1.39 56.00
N ASP C 47 16.82 0.99 56.53
CA ASP C 47 15.58 1.09 55.76
C ASP C 47 15.21 2.53 55.47
N SER C 48 15.44 3.43 56.42
CA SER C 48 15.05 4.82 56.25
C SER C 48 15.82 5.47 55.10
N GLN C 49 17.11 5.19 54.98
CA GLN C 49 17.92 5.80 53.93
C GLN C 49 17.50 5.29 52.56
N PRO C 50 17.36 6.18 51.58
CA PRO C 50 17.02 5.73 50.22
C PRO C 50 18.18 5.00 49.58
N LEU C 51 17.86 4.24 48.53
CA LEU C 51 18.85 3.49 47.77
C LEU C 51 19.23 4.29 46.55
N THR C 52 20.53 4.57 46.41
CA THR C 52 21.03 5.35 45.28
C THR C 52 21.17 4.45 44.06
N VAL C 53 20.53 4.82 42.96
CA VAL C 53 20.59 4.08 41.71
C VAL C 53 21.06 5.03 40.63
N TYR C 54 22.13 4.66 39.93
CA TYR C 54 22.71 5.47 38.87
C TYR C 54 22.18 4.96 37.54
N PHE C 55 21.33 5.75 36.89
CA PHE C 55 20.71 5.37 35.63
C PHE C 55 21.36 6.14 34.49
N SER C 56 21.71 5.44 33.43
CA SER C 56 22.30 6.05 32.25
C SER C 56 21.65 5.44 31.02
N LEU C 57 22.22 5.71 29.84
CA LEU C 57 21.68 5.19 28.60
C LEU C 57 22.80 5.12 27.58
N SER C 58 22.69 4.14 26.68
CA SER C 58 23.70 3.91 25.63
C SER C 58 22.96 3.80 24.30
N LEU C 59 22.78 4.94 23.64
CA LEU C 59 22.16 4.94 22.32
C LEU C 59 23.06 4.26 21.30
N LEU C 60 22.46 3.43 20.45
CA LEU C 60 23.21 2.73 19.42
C LEU C 60 22.74 3.03 18.01
N GLN C 61 21.44 3.18 17.80
CA GLN C 61 20.93 3.39 16.45
C GLN C 61 19.50 3.91 16.53
N ILE C 62 19.21 4.94 15.74
CA ILE C 62 17.83 5.40 15.56
C ILE C 62 17.29 4.59 14.38
N MET C 63 16.74 3.42 14.70
CA MET C 63 16.36 2.48 13.64
C MET C 63 15.26 3.05 12.75
N ASP C 64 14.28 3.72 13.34
CA ASP C 64 13.16 4.22 12.55
C ASP C 64 12.46 5.31 13.33
N VAL C 65 12.04 6.36 12.62
CA VAL C 65 11.13 7.37 13.15
C VAL C 65 9.95 7.47 12.20
N ASP C 66 8.75 7.55 12.77
CA ASP C 66 7.51 7.56 11.99
C ASP C 66 6.84 8.91 12.16
N GLU C 67 6.96 9.76 11.14
CA GLU C 67 6.29 11.05 11.18
C GLU C 67 4.78 10.88 11.22
N LYS C 68 4.26 9.92 10.46
CA LYS C 68 2.82 9.70 10.42
C LYS C 68 2.30 9.17 11.75
N ASN C 69 3.02 8.22 12.36
CA ASN C 69 2.58 7.62 13.61
C ASN C 69 3.11 8.33 14.85
N GLN C 70 4.01 9.31 14.69
CA GLN C 70 4.57 10.06 15.81
C GLN C 70 5.23 9.13 16.84
N VAL C 71 5.97 8.15 16.36
CA VAL C 71 6.67 7.20 17.21
C VAL C 71 8.14 7.17 16.81
N LEU C 72 9.01 6.97 17.79
CA LEU C 72 10.44 6.87 17.58
C LEU C 72 10.93 5.51 18.02
N THR C 73 11.60 4.79 17.13
CA THR C 73 12.09 3.45 17.38
C THR C 73 13.60 3.49 17.49
N THR C 74 14.12 3.23 18.69
CA THR C 74 15.55 3.30 18.96
C THR C 74 16.04 2.00 19.57
N ASN C 75 17.31 1.70 19.31
CA ASN C 75 17.99 0.53 19.85
C ASN C 75 18.98 1.04 20.88
N ILE C 76 18.63 0.93 22.16
CA ILE C 76 19.43 1.52 23.23
C ILE C 76 19.67 0.47 24.31
N TRP C 77 20.72 0.70 25.09
CA TRP C 77 21.07 -0.12 26.24
C TRP C 77 20.89 0.71 27.50
N LEU C 78 19.92 0.34 28.33
CA LEU C 78 19.81 0.97 29.63
C LEU C 78 21.00 0.58 30.50
N GLN C 79 21.43 1.50 31.35
CA GLN C 79 22.56 1.26 32.24
C GLN C 79 22.17 1.66 33.65
N MET C 80 22.00 0.68 34.52
CA MET C 80 21.66 0.91 35.91
C MET C 80 22.70 0.26 36.81
N SER C 81 22.92 0.86 37.97
CA SER C 81 23.91 0.37 38.91
C SER C 81 23.50 0.78 40.31
N TRP C 82 23.61 -0.15 41.25
CA TRP C 82 23.25 0.10 42.63
C TRP C 82 24.10 -0.79 43.53
N THR C 83 24.20 -0.41 44.79
CA THR C 83 24.96 -1.16 45.78
C THR C 83 24.01 -2.06 46.56
N ASP C 84 24.30 -3.36 46.58
CA ASP C 84 23.50 -4.35 47.28
C ASP C 84 24.21 -4.72 48.58
N HIS C 85 23.51 -4.60 49.70
CA HIS C 85 24.13 -4.86 50.99
C HIS C 85 24.31 -6.35 51.25
N TYR C 86 23.42 -7.19 50.71
CA TYR C 86 23.44 -8.61 51.02
C TYR C 86 24.33 -9.42 50.09
N LEU C 87 24.67 -8.89 48.92
CA LEU C 87 25.45 -9.63 47.93
C LEU C 87 26.93 -9.31 48.07
N GLN C 88 27.46 -9.54 49.26
CA GLN C 88 28.85 -9.24 49.59
C GLN C 88 29.54 -10.48 50.13
N TRP C 89 30.82 -10.63 49.79
CA TRP C 89 31.60 -11.75 50.28
C TRP C 89 33.07 -11.39 50.26
N ASN C 90 33.86 -12.15 51.01
CA ASN C 90 35.29 -11.94 51.10
C ASN C 90 35.99 -12.85 50.09
N VAL C 91 36.80 -12.24 49.21
CA VAL C 91 37.50 -12.98 48.16
C VAL C 91 38.49 -13.97 48.74
N SER C 92 38.93 -13.75 49.99
CA SER C 92 39.89 -14.66 50.61
C SER C 92 39.32 -16.07 50.72
N GLU C 93 38.05 -16.19 51.10
CA GLU C 93 37.40 -17.49 51.22
C GLU C 93 36.94 -18.05 49.88
N TYR C 94 36.89 -17.23 48.83
CA TYR C 94 36.53 -17.67 47.49
C TYR C 94 37.60 -17.19 46.53
N PRO C 95 38.73 -17.89 46.45
CA PRO C 95 39.91 -17.34 45.76
C PRO C 95 39.67 -17.02 44.29
N GLY C 96 38.87 -17.82 43.59
CA GLY C 96 38.71 -17.63 42.17
C GLY C 96 37.54 -16.75 41.78
N VAL C 97 36.55 -16.64 42.65
CA VAL C 97 35.30 -15.96 42.34
C VAL C 97 35.46 -14.47 42.59
N LYS C 98 35.23 -13.68 41.54
CA LYS C 98 35.25 -12.23 41.65
C LYS C 98 33.90 -11.58 41.35
N THR C 99 33.13 -12.13 40.41
CA THR C 99 31.81 -11.63 40.11
C THR C 99 30.85 -12.79 39.97
N VAL C 100 29.57 -12.54 40.30
CA VAL C 100 28.51 -13.52 40.14
C VAL C 100 27.38 -12.87 39.38
N ARG C 101 26.56 -13.71 38.74
CA ARG C 101 25.52 -13.24 37.84
C ARG C 101 24.20 -13.89 38.21
N PHE C 102 23.15 -13.07 38.29
CA PHE C 102 21.83 -13.56 38.61
C PHE C 102 20.85 -13.21 37.50
N PRO C 103 19.94 -14.12 37.16
CA PRO C 103 18.96 -13.85 36.11
C PRO C 103 17.79 -13.05 36.65
N ASP C 104 16.78 -12.87 35.80
CA ASP C 104 15.61 -12.11 36.18
C ASP C 104 14.83 -12.85 37.27
N GLY C 105 14.35 -12.11 38.25
CA GLY C 105 13.46 -12.64 39.25
C GLY C 105 14.11 -13.25 40.48
N GLN C 106 15.44 -13.31 40.55
CA GLN C 106 16.11 -13.89 41.71
C GLN C 106 16.81 -12.88 42.59
N ILE C 107 17.07 -11.66 42.11
CA ILE C 107 17.58 -10.58 42.95
C ILE C 107 16.79 -9.32 42.64
N TRP C 108 16.82 -8.39 43.60
CA TRP C 108 16.07 -7.16 43.45
C TRP C 108 16.60 -6.32 42.29
N LYS C 109 15.69 -5.81 41.47
CA LYS C 109 16.04 -4.95 40.36
C LYS C 109 15.11 -3.74 40.35
N PRO C 110 15.61 -2.56 40.00
CA PRO C 110 14.73 -1.40 39.89
C PRO C 110 13.75 -1.56 38.74
N ASP C 111 12.49 -1.25 39.00
CA ASP C 111 11.45 -1.32 37.98
C ASP C 111 11.39 0.00 37.22
N ILE C 112 12.47 0.28 36.50
CA ILE C 112 12.62 1.51 35.76
C ILE C 112 12.01 1.30 34.38
N LEU C 113 10.91 1.99 34.11
CA LEU C 113 10.16 1.83 32.87
C LEU C 113 10.22 3.12 32.05
N LEU C 114 10.05 2.97 30.74
CA LEU C 114 9.96 4.11 29.84
C LEU C 114 8.54 4.65 29.89
N TYR C 115 8.38 5.86 30.48
CA TYR C 115 7.05 6.40 30.73
C TYR C 115 6.28 6.60 29.43
N ASN C 116 6.89 7.27 28.46
CA ASN C 116 6.21 7.60 27.21
C ASN C 116 6.47 6.52 26.15
N SER C 117 6.07 5.30 26.49
CA SER C 117 6.26 4.16 25.61
C SER C 117 5.04 3.98 24.72
N ALA C 118 5.31 3.81 23.42
CA ALA C 118 4.27 3.54 22.44
C ALA C 118 4.30 2.10 21.95
N ASP C 119 4.85 1.19 22.73
CA ASP C 119 5.00 -0.20 22.34
C ASP C 119 3.85 -1.02 22.90
N GLU C 120 3.45 -2.05 22.15
CA GLU C 120 2.28 -2.84 22.54
C GLU C 120 2.44 -3.42 23.94
N ARG C 121 3.63 -3.92 24.27
CA ARG C 121 3.97 -4.21 25.65
C ARG C 121 4.76 -3.05 26.21
N PHE C 122 4.34 -2.56 27.37
CA PHE C 122 4.88 -1.30 27.90
C PHE C 122 6.37 -1.40 28.18
N ASP C 123 6.89 -2.58 28.46
CA ASP C 123 8.31 -2.79 28.71
C ASP C 123 8.90 -3.53 27.52
N ALA C 124 9.90 -2.92 26.88
CA ALA C 124 10.55 -3.50 25.72
C ALA C 124 11.94 -4.02 26.01
N THR C 125 12.42 -3.90 27.24
CA THR C 125 13.75 -4.38 27.59
C THR C 125 13.81 -5.90 27.52
N PHE C 126 15.01 -6.41 27.25
CA PHE C 126 15.29 -7.84 27.32
C PHE C 126 16.04 -8.10 28.62
N HIS C 127 15.41 -8.83 29.53
CA HIS C 127 15.95 -9.01 30.87
C HIS C 127 17.16 -9.95 30.82
N THR C 128 18.35 -9.37 30.94
CA THR C 128 19.59 -10.13 30.98
C THR C 128 20.05 -10.33 32.42
N ASN C 129 21.22 -10.92 32.58
CA ASN C 129 21.77 -11.16 33.90
C ASN C 129 22.21 -9.86 34.55
N VAL C 130 22.53 -9.93 35.84
CA VAL C 130 23.01 -8.79 36.60
C VAL C 130 24.37 -9.19 37.18
N LEU C 131 25.42 -8.47 36.80
CA LEU C 131 26.72 -8.69 37.41
C LEU C 131 26.75 -8.12 38.81
N VAL C 132 27.56 -8.72 39.66
CA VAL C 132 27.67 -8.33 41.06
C VAL C 132 29.13 -8.29 41.45
N ASN C 133 29.54 -7.21 42.11
CA ASN C 133 30.90 -7.04 42.60
C ASN C 133 31.24 -8.08 43.66
N SER C 134 32.48 -8.09 44.11
CA SER C 134 32.80 -8.78 45.35
C SER C 134 32.48 -7.94 46.57
N SER C 135 32.05 -6.69 46.36
CA SER C 135 31.70 -5.78 47.44
C SER C 135 30.23 -5.40 47.42
N GLY C 136 29.42 -6.03 46.58
CA GLY C 136 27.99 -5.81 46.55
C GLY C 136 27.50 -4.94 45.41
N HIS C 137 28.38 -4.20 44.75
CA HIS C 137 27.95 -3.34 43.65
CA HIS C 137 27.97 -3.34 43.65
C HIS C 137 27.40 -4.18 42.51
N CYS C 138 26.26 -3.74 41.98
CA CYS C 138 25.55 -4.46 40.94
C CYS C 138 25.53 -3.65 39.65
N GLN C 139 25.44 -4.37 38.54
CA GLN C 139 25.37 -3.78 37.21
C GLN C 139 24.26 -4.44 36.44
N TYR C 140 23.62 -3.68 35.56
CA TYR C 140 22.48 -4.20 34.80
C TYR C 140 22.36 -3.39 33.51
N LEU C 141 22.60 -4.03 32.38
CA LEU C 141 22.53 -3.39 31.07
C LEU C 141 21.58 -4.17 30.18
N PRO C 142 20.28 -4.00 30.38
CA PRO C 142 19.32 -4.70 29.54
C PRO C 142 19.13 -3.99 28.21
N PRO C 143 19.32 -4.68 27.10
CA PRO C 143 19.09 -4.08 25.79
C PRO C 143 17.60 -4.10 25.46
N GLY C 144 17.27 -3.57 24.31
CA GLY C 144 15.90 -3.58 23.84
C GLY C 144 15.67 -2.50 22.81
N ILE C 145 14.63 -2.70 22.00
CA ILE C 145 14.23 -1.73 21.00
C ILE C 145 13.00 -1.00 21.53
N PHE C 146 13.15 0.29 21.79
CA PHE C 146 12.15 1.08 22.48
C PHE C 146 11.34 1.89 21.47
N LYS C 147 10.02 1.82 21.58
CA LYS C 147 9.11 2.62 20.77
C LYS C 147 8.50 3.68 21.65
N SER C 148 8.98 4.91 21.52
CA SER C 148 8.51 6.03 22.33
C SER C 148 7.69 6.97 21.46
N SER C 149 6.61 7.49 22.02
CA SER C 149 5.72 8.42 21.32
C SER C 149 6.23 9.83 21.57
N CYS C 150 6.90 10.39 20.58
CA CYS C 150 7.45 11.74 20.65
C CYS C 150 6.74 12.64 19.66
N TYR C 151 6.43 13.85 20.10
CA TYR C 151 5.74 14.81 19.23
C TYR C 151 6.71 15.31 18.16
N ILE C 152 6.28 15.22 16.91
CA ILE C 152 7.14 15.47 15.76
C ILE C 152 6.62 16.69 15.00
N ASP C 153 7.49 17.68 14.79
CA ASP C 153 7.16 18.88 14.05
C ASP C 153 7.45 18.67 12.57
N VAL C 154 6.41 18.80 11.74
CA VAL C 154 6.56 18.79 10.30
C VAL C 154 6.39 20.19 9.71
N ARG C 155 6.40 21.21 10.55
CA ARG C 155 6.22 22.58 10.07
C ARG C 155 7.35 22.98 9.12
N TRP C 156 8.59 22.60 9.44
CA TRP C 156 9.75 22.94 8.64
C TRP C 156 10.23 21.76 7.79
N PHE C 157 9.38 20.76 7.60
CA PHE C 157 9.75 19.59 6.83
C PHE C 157 10.10 20.00 5.40
N PRO C 158 11.15 19.45 4.80
CA PRO C 158 12.10 18.45 5.34
C PRO C 158 13.28 19.06 6.09
N PHE C 159 13.27 20.35 6.39
CA PHE C 159 14.40 21.02 7.03
C PHE C 159 14.22 21.11 8.54
N ASP C 160 13.59 20.10 9.14
CA ASP C 160 13.24 20.13 10.55
C ASP C 160 14.27 19.40 11.40
N VAL C 161 14.42 19.86 12.64
CA VAL C 161 15.21 19.19 13.65
C VAL C 161 14.27 18.79 14.78
N GLN C 162 14.36 17.53 15.20
CA GLN C 162 13.38 16.93 16.09
C GLN C 162 13.98 16.74 17.48
N HIS C 163 13.17 16.96 18.51
CA HIS C 163 13.55 16.75 19.89
C HIS C 163 12.58 15.73 20.49
N CYS C 164 12.90 14.45 20.31
CA CYS C 164 12.10 13.36 20.85
C CYS C 164 12.60 13.00 22.24
N LYS C 165 11.70 12.96 23.21
CA LYS C 165 12.06 12.77 24.61
C LYS C 165 11.89 11.31 25.01
N LEU C 166 12.82 10.82 25.81
CA LEU C 166 12.72 9.51 26.44
C LEU C 166 12.67 9.73 27.95
N LYS C 167 11.60 9.30 28.58
CA LYS C 167 11.37 9.54 30.00
C LYS C 167 11.47 8.22 30.76
N PHE C 168 12.41 8.13 31.69
CA PHE C 168 12.63 6.95 32.50
C PHE C 168 12.49 7.30 33.96
N GLY C 169 12.02 6.34 34.74
CA GLY C 169 11.90 6.53 36.18
C GLY C 169 11.26 5.33 36.82
N SER C 170 11.53 5.18 38.11
CA SER C 170 10.95 4.07 38.86
C SER C 170 9.44 4.18 38.89
N TRP C 171 8.78 3.02 38.79
CA TRP C 171 7.32 3.00 38.74
C TRP C 171 6.67 2.97 40.11
N SER C 172 7.30 2.30 41.09
CA SER C 172 6.69 2.12 42.39
C SER C 172 7.54 2.65 43.54
N TYR C 173 8.73 3.20 43.26
CA TYR C 173 9.61 3.70 44.30
C TYR C 173 9.70 5.22 44.18
N GLY C 174 9.50 5.91 45.30
CA GLY C 174 9.53 7.35 45.34
C GLY C 174 10.89 7.91 45.67
N GLY C 175 10.91 9.18 46.07
CA GLY C 175 12.17 9.84 46.38
C GLY C 175 12.85 9.26 47.61
N TRP C 176 12.08 8.96 48.65
CA TRP C 176 12.65 8.43 49.87
C TRP C 176 13.05 6.96 49.78
N SER C 177 12.69 6.28 48.70
CA SER C 177 13.00 4.86 48.54
C SER C 177 14.13 4.62 47.55
N LEU C 178 14.00 5.13 46.33
CA LEU C 178 14.97 4.90 45.26
C LEU C 178 15.49 6.25 44.79
N ASP C 179 16.63 6.67 45.32
CA ASP C 179 17.24 7.96 44.96
C ASP C 179 17.86 7.82 43.57
N LEU C 180 17.02 7.94 42.56
CA LEU C 180 17.50 7.86 41.18
C LEU C 180 18.48 8.99 40.89
N GLN C 181 19.60 8.64 40.27
CA GLN C 181 20.63 9.59 39.89
C GLN C 181 20.95 9.40 38.42
N MET C 182 21.61 10.40 37.85
CA MET C 182 21.84 10.44 36.41
C MET C 182 23.32 10.25 36.09
N GLN C 183 23.58 9.71 34.90
CA GLN C 183 24.90 9.67 34.31
C GLN C 183 24.77 10.00 32.83
N GLU C 184 25.79 10.65 32.28
CA GLU C 184 25.72 11.15 30.92
C GLU C 184 25.50 10.01 29.93
N ALA C 185 24.65 10.26 28.94
CA ALA C 185 24.37 9.25 27.92
C ALA C 185 25.62 8.95 27.10
N ASP C 186 25.77 7.70 26.71
CA ASP C 186 26.94 7.23 25.99
C ASP C 186 26.56 7.02 24.52
N ILE C 187 27.33 7.63 23.62
CA ILE C 187 27.09 7.50 22.19
C ILE C 187 28.37 7.10 21.49
N SER C 188 29.29 6.48 22.23
CA SER C 188 30.53 5.99 21.61
C SER C 188 30.24 4.90 20.58
N GLY C 189 29.32 4.00 20.91
CA GLY C 189 28.95 2.92 20.03
C GLY C 189 27.88 3.25 19.00
N TYR C 190 27.42 4.50 18.96
CA TYR C 190 26.38 4.88 18.02
C TYR C 190 26.83 4.67 16.59
N ILE C 191 25.99 4.03 15.79
CA ILE C 191 26.25 3.86 14.37
C ILE C 191 25.44 4.89 13.60
N PRO C 192 26.04 5.62 12.66
CA PRO C 192 25.31 6.68 11.97
C PRO C 192 24.14 6.14 11.19
N ASN C 193 23.06 6.91 11.16
CA ASN C 193 21.87 6.58 10.40
C ASN C 193 21.93 7.27 9.04
N GLY C 194 21.38 6.60 8.03
CA GLY C 194 21.42 7.14 6.69
C GLY C 194 20.50 8.31 6.45
N GLU C 195 19.58 8.59 7.36
CA GLU C 195 18.60 9.65 7.20
C GLU C 195 18.74 10.78 8.20
N TRP C 196 19.02 10.46 9.47
CA TRP C 196 19.01 11.43 10.54
C TRP C 196 20.42 11.64 11.08
N ASP C 197 20.80 12.90 11.26
CA ASP C 197 22.09 13.28 11.82
C ASP C 197 21.84 13.62 13.29
N LEU C 198 22.55 12.92 14.18
CA LEU C 198 22.37 13.12 15.61
C LEU C 198 23.08 14.39 16.07
N VAL C 199 22.32 15.34 16.61
CA VAL C 199 22.91 16.53 17.19
C VAL C 199 23.44 16.26 18.60
N GLY C 200 22.70 15.51 19.39
CA GLY C 200 23.12 15.17 20.73
C GLY C 200 21.98 14.55 21.49
N ILE C 201 22.33 13.96 22.63
CA ILE C 201 21.34 13.32 23.50
C ILE C 201 21.56 13.82 24.92
N PRO C 202 21.28 15.09 25.22
CA PRO C 202 21.37 15.56 26.59
C PRO C 202 20.14 15.18 27.39
N GLY C 203 20.30 15.19 28.72
CA GLY C 203 19.23 14.80 29.60
C GLY C 203 19.04 15.80 30.74
N LYS C 204 18.01 15.55 31.52
CA LYS C 204 17.71 16.35 32.70
C LYS C 204 17.00 15.47 33.72
N ARG C 205 17.43 15.58 34.97
CA ARG C 205 16.82 14.83 36.07
C ARG C 205 15.80 15.71 36.77
N SER C 206 14.54 15.26 36.80
CA SER C 206 13.45 16.06 37.33
C SER C 206 12.69 15.28 38.38
N GLU C 207 12.16 16.02 39.36
CA GLU C 207 11.35 15.46 40.43
C GLU C 207 9.91 15.92 40.24
N ARG C 208 8.98 14.98 40.17
CA ARG C 208 7.59 15.28 39.85
C ARG C 208 6.67 14.60 40.84
N PHE C 209 5.68 15.34 41.34
CA PHE C 209 4.66 14.81 42.23
C PHE C 209 3.56 14.13 41.42
N TYR C 210 2.73 13.36 42.12
CA TYR C 210 1.61 12.67 41.49
C TYR C 210 0.39 12.74 42.40
N GLU C 211 -0.79 12.68 41.76
CA GLU C 211 -2.04 12.77 42.49
C GLU C 211 -2.30 11.57 43.39
N CYS C 212 -1.71 10.41 43.09
CA CYS C 212 -1.89 9.24 43.93
C CYS C 212 -1.34 9.49 45.32
N CYS C 213 -0.12 9.97 45.41
CA CYS C 213 0.70 9.80 46.60
C CYS C 213 1.44 11.10 46.89
N LYS C 214 1.74 11.31 48.17
CA LYS C 214 2.46 12.50 48.61
C LYS C 214 3.97 12.33 48.51
N GLU C 215 4.44 11.40 47.69
CA GLU C 215 5.86 11.08 47.58
C GLU C 215 6.37 11.52 46.20
N PRO C 216 7.36 12.41 46.13
CA PRO C 216 7.92 12.77 44.83
C PRO C 216 8.55 11.57 44.14
N TYR C 217 8.41 11.54 42.82
CA TYR C 217 8.97 10.46 42.00
C TYR C 217 10.02 11.04 41.06
N PRO C 218 11.31 10.93 41.40
CA PRO C 218 12.33 11.44 40.49
C PRO C 218 12.39 10.64 39.20
N ASP C 219 12.86 11.29 38.15
CA ASP C 219 12.92 10.68 36.83
C ASP C 219 14.11 11.23 36.06
N VAL C 220 14.49 10.53 35.00
CA VAL C 220 15.57 10.94 34.12
C VAL C 220 15.01 11.02 32.71
N THR C 221 15.04 12.21 32.12
CA THR C 221 14.49 12.45 30.79
C THR C 221 15.62 12.76 29.82
N PHE C 222 15.75 11.94 28.78
CA PHE C 222 16.77 12.14 27.76
C PHE C 222 16.11 12.69 26.50
N THR C 223 16.60 13.82 26.03
CA THR C 223 16.09 14.47 24.83
C THR C 223 16.99 14.11 23.66
N VAL C 224 16.45 13.40 22.68
CA VAL C 224 17.22 12.97 21.51
C VAL C 224 17.00 14.03 20.44
N THR C 225 17.99 14.91 20.27
CA THR C 225 17.92 15.96 19.27
C THR C 225 18.59 15.46 18.00
N MET C 226 17.82 15.29 16.94
CA MET C 226 18.32 14.76 15.68
C MET C 226 17.89 15.67 14.54
N ARG C 227 18.80 15.91 13.60
CA ARG C 227 18.54 16.74 12.43
C ARG C 227 18.39 15.85 11.20
N ARG C 228 17.37 16.12 10.40
CA ARG C 228 17.10 15.33 9.21
C ARG C 228 18.06 15.73 8.10
N ARG C 229 18.73 14.74 7.51
CA ARG C 229 19.56 14.98 6.34
C ARG C 229 18.66 15.17 5.13
N THR C 230 18.91 16.21 4.35
CA THR C 230 17.95 16.76 3.40
C THR C 230 18.27 16.36 1.95
N LEU C 231 19.39 15.68 1.71
CA LEU C 231 19.80 15.42 0.33
C LEU C 231 18.73 14.62 -0.42
N TYR C 232 18.26 13.52 0.16
CA TYR C 232 17.31 12.67 -0.55
C TYR C 232 16.00 13.40 -0.79
N TYR C 233 15.49 14.11 0.22
CA TYR C 233 14.21 14.79 0.06
C TYR C 233 14.32 15.93 -0.95
N GLY C 234 15.40 16.70 -0.89
CA GLY C 234 15.59 17.74 -1.89
C GLY C 234 15.73 17.20 -3.29
N LEU C 235 16.36 16.04 -3.44
CA LEU C 235 16.55 15.47 -4.78
C LEU C 235 15.28 14.84 -5.32
N ASN C 236 14.44 14.30 -4.45
CA ASN C 236 13.30 13.50 -4.91
C ASN C 236 11.96 14.21 -4.78
N LEU C 237 11.87 15.30 -4.03
CA LEU C 237 10.62 16.01 -3.82
C LEU C 237 10.66 17.44 -4.31
N LEU C 238 11.67 18.21 -3.89
CA LEU C 238 11.72 19.63 -4.23
C LEU C 238 12.15 19.84 -5.67
N ILE C 239 13.23 19.19 -6.10
CA ILE C 239 13.74 19.39 -7.45
C ILE C 239 12.72 18.98 -8.52
N PRO C 240 12.07 17.81 -8.44
CA PRO C 240 11.06 17.50 -9.46
C PRO C 240 9.94 18.52 -9.53
N CYS C 241 9.53 19.09 -8.39
CA CYS C 241 8.48 20.10 -8.44
C CYS C 241 8.96 21.38 -9.11
N VAL C 242 10.21 21.79 -8.84
CA VAL C 242 10.77 22.92 -9.57
C VAL C 242 10.74 22.65 -11.06
N LEU C 243 11.17 21.46 -11.46
CA LEU C 243 11.26 21.14 -12.87
C LEU C 243 9.89 21.13 -13.54
N ILE C 244 8.89 20.53 -12.88
CA ILE C 244 7.56 20.45 -13.49
C ILE C 244 6.90 21.82 -13.51
N SER C 245 7.08 22.63 -12.46
CA SER C 245 6.54 23.99 -12.48
C SER C 245 7.17 24.82 -13.59
N ALA C 246 8.49 24.70 -13.77
CA ALA C 246 9.15 25.43 -14.84
C ALA C 246 8.68 24.94 -16.20
N LEU C 247 8.42 23.64 -16.33
CA LEU C 247 7.93 23.10 -17.59
C LEU C 247 6.51 23.54 -17.87
N ALA C 248 5.72 23.80 -16.83
CA ALA C 248 4.37 24.33 -17.01
C ALA C 248 4.39 25.72 -17.63
N LEU C 249 5.51 26.43 -17.53
CA LEU C 249 5.63 27.77 -18.10
C LEU C 249 5.87 27.74 -19.60
N LEU C 250 6.13 26.56 -20.18
CA LEU C 250 6.33 26.47 -21.62
C LEU C 250 5.06 26.77 -22.40
N VAL C 251 3.89 26.69 -21.75
CA VAL C 251 2.63 27.02 -22.43
C VAL C 251 2.69 28.44 -22.95
N PHE C 252 3.50 29.29 -22.32
CA PHE C 252 3.66 30.68 -22.74
C PHE C 252 4.71 30.87 -23.81
N LEU C 253 5.26 29.78 -24.34
CA LEU C 253 6.10 29.87 -25.53
C LEU C 253 5.50 29.16 -26.74
N LEU C 254 4.59 28.23 -26.52
CA LEU C 254 3.93 27.55 -27.64
C LEU C 254 3.08 28.55 -28.41
N PRO C 255 3.20 28.60 -29.74
CA PRO C 255 2.28 29.42 -30.52
C PRO C 255 0.87 28.87 -30.45
N ALA C 256 -0.10 29.80 -30.43
CA ALA C 256 -1.50 29.40 -30.27
C ALA C 256 -2.04 28.63 -31.46
N ASP C 257 -1.37 28.72 -32.61
CA ASP C 257 -1.85 28.02 -33.80
C ASP C 257 -1.83 26.51 -33.59
N SER C 258 -0.80 25.99 -32.92
CA SER C 258 -0.73 24.58 -32.58
C SER C 258 -1.62 24.35 -31.36
N GLY C 259 -2.72 23.64 -31.56
CA GLY C 259 -3.66 23.43 -30.47
C GLY C 259 -3.15 22.44 -29.44
N GLU C 260 -2.13 22.84 -28.67
CA GLU C 260 -1.53 21.94 -27.70
C GLU C 260 -1.26 22.64 -26.38
N LYS C 261 -1.61 23.92 -26.27
CA LYS C 261 -1.37 24.67 -25.03
C LYS C 261 -2.15 24.10 -23.85
N ILE C 262 -3.45 23.85 -24.04
CA ILE C 262 -4.27 23.32 -22.95
C ILE C 262 -3.84 21.90 -22.61
N SER C 263 -3.48 21.12 -23.62
CA SER C 263 -2.98 19.77 -23.36
C SER C 263 -1.72 19.82 -22.49
N LEU C 264 -0.78 20.70 -22.85
CA LEU C 264 0.43 20.87 -22.05
C LEU C 264 0.10 21.24 -20.62
N GLY C 265 -0.72 22.29 -20.44
CA GLY C 265 -1.00 22.76 -19.10
C GLY C 265 -1.71 21.73 -18.24
N ILE C 266 -2.74 21.10 -18.80
CA ILE C 266 -3.54 20.17 -18.01
C ILE C 266 -2.79 18.87 -17.75
N THR C 267 -1.94 18.41 -18.67
CA THR C 267 -1.17 17.21 -18.39
C THR C 267 -0.10 17.49 -17.34
N VAL C 268 0.51 18.67 -17.38
CA VAL C 268 1.44 19.05 -16.31
C VAL C 268 0.71 19.08 -14.98
N LEU C 269 -0.50 19.64 -14.96
CA LEU C 269 -1.27 19.70 -13.72
C LEU C 269 -1.61 18.30 -13.21
N LEU C 270 -1.95 17.38 -14.11
CA LEU C 270 -2.26 16.01 -13.70
C LEU C 270 -1.02 15.31 -13.14
N SER C 271 0.13 15.50 -13.78
CA SER C 271 1.36 14.92 -13.26
C SER C 271 1.69 15.47 -11.88
N LEU C 272 1.52 16.78 -11.69
CA LEU C 272 1.74 17.36 -10.37
C LEU C 272 0.74 16.84 -9.35
N THR C 273 -0.50 16.57 -9.79
CA THR C 273 -1.48 15.97 -8.88
C THR C 273 -1.01 14.61 -8.40
N VAL C 274 -0.52 13.78 -9.32
CA VAL C 274 -0.01 12.46 -8.94
C VAL C 274 1.16 12.60 -7.97
N PHE C 275 2.09 13.51 -8.28
CA PHE C 275 3.25 13.71 -7.42
C PHE C 275 2.85 14.15 -6.02
N MET C 276 1.94 15.13 -5.93
CA MET C 276 1.54 15.64 -4.63
C MET C 276 0.76 14.60 -3.85
N LEU C 277 -0.03 13.77 -4.52
CA LEU C 277 -0.74 12.70 -3.83
C LEU C 277 0.25 11.70 -3.24
N ALA C 278 1.23 11.29 -4.04
CA ALA C 278 2.24 10.35 -3.54
C ALA C 278 3.01 10.93 -2.37
N VAL C 279 3.35 12.22 -2.44
CA VAL C 279 4.11 12.82 -1.34
C VAL C 279 3.25 12.92 -0.09
N ALA C 280 2.01 13.41 -0.23
CA ALA C 280 1.13 13.55 0.93
C ALA C 280 0.76 12.22 1.54
N GLU C 281 0.97 11.12 0.81
CA GLU C 281 0.75 9.81 1.40
C GLU C 281 1.66 9.53 2.59
N ILE C 282 2.79 10.24 2.71
CA ILE C 282 3.80 9.93 3.71
C ILE C 282 3.88 10.96 4.82
N MET C 283 2.98 11.94 4.86
CA MET C 283 3.05 12.95 5.89
C MET C 283 1.92 12.78 6.90
N PRO C 284 2.13 13.17 8.15
CA PRO C 284 1.09 12.98 9.17
C PRO C 284 -0.09 13.90 8.95
N ALA C 285 -1.22 13.53 9.54
CA ALA C 285 -2.42 14.36 9.50
C ALA C 285 -2.38 15.38 10.65
N THR C 286 -1.28 16.12 10.68
CA THR C 286 -1.02 17.10 11.72
C THR C 286 -1.65 18.44 11.36
N SER C 287 -2.35 19.04 12.32
CA SER C 287 -3.10 20.27 12.11
C SER C 287 -2.65 21.41 13.01
N ASP C 288 -1.52 21.28 13.70
CA ASP C 288 -0.97 22.42 14.42
C ASP C 288 -0.49 23.51 13.46
N SER C 289 0.12 23.13 12.35
CA SER C 289 0.60 24.13 11.40
C SER C 289 0.68 23.51 10.02
N VAL C 290 0.73 24.38 9.01
CA VAL C 290 0.86 23.95 7.62
C VAL C 290 2.31 23.60 7.34
N PRO C 291 2.61 22.39 6.86
CA PRO C 291 3.99 22.04 6.56
C PRO C 291 4.57 22.90 5.45
N LEU C 292 5.88 23.10 5.51
CA LEU C 292 6.56 23.90 4.49
C LEU C 292 6.39 23.30 3.11
N ILE C 293 6.50 21.98 3.01
CA ILE C 293 6.29 21.34 1.71
C ILE C 293 4.83 21.48 1.27
N ALA C 294 3.91 21.53 2.22
CA ALA C 294 2.51 21.77 1.87
C ALA C 294 2.31 23.15 1.28
N GLN C 295 2.92 24.18 1.88
CA GLN C 295 2.84 25.51 1.29
C GLN C 295 3.52 25.55 -0.08
N TYR C 296 4.63 24.85 -0.21
CA TYR C 296 5.32 24.77 -1.50
C TYR C 296 4.43 24.16 -2.58
N PHE C 297 3.77 23.05 -2.26
CA PHE C 297 2.90 22.40 -3.23
C PHE C 297 1.68 23.27 -3.53
N ALA C 298 1.16 23.98 -2.53
CA ALA C 298 0.07 24.89 -2.78
C ALA C 298 0.48 25.98 -3.75
N SER C 299 1.68 26.54 -3.57
CA SER C 299 2.17 27.56 -4.48
C SER C 299 2.33 27.02 -5.89
N THR C 300 2.88 25.81 -6.03
CA THR C 300 3.04 25.22 -7.35
C THR C 300 1.69 24.97 -8.01
N MET C 301 0.72 24.45 -7.26
CA MET C 301 -0.61 24.21 -7.81
C MET C 301 -1.26 25.52 -8.25
N ILE C 302 -1.14 26.56 -7.44
CA ILE C 302 -1.70 27.86 -7.80
C ILE C 302 -1.05 28.37 -9.08
N ILE C 303 0.27 28.23 -9.19
CA ILE C 303 0.98 28.73 -10.37
C ILE C 303 0.50 28.01 -11.62
N VAL C 304 0.39 26.67 -11.54
CA VAL C 304 -0.05 25.91 -12.71
C VAL C 304 -1.49 26.25 -13.07
N GLY C 305 -2.37 26.35 -12.08
CA GLY C 305 -3.76 26.67 -12.36
C GLY C 305 -3.92 28.05 -12.98
N LEU C 306 -3.21 29.04 -12.44
CA LEU C 306 -3.26 30.38 -13.02
C LEU C 306 -2.65 30.41 -14.41
N SER C 307 -1.63 29.58 -14.67
CA SER C 307 -1.10 29.47 -16.02
C SER C 307 -2.16 28.94 -16.98
N VAL C 308 -2.93 27.94 -16.53
CA VAL C 308 -4.00 27.42 -17.38
C VAL C 308 -5.07 28.48 -17.62
N VAL C 309 -5.40 29.26 -16.59
CA VAL C 309 -6.39 30.33 -16.75
C VAL C 309 -5.91 31.36 -17.75
N VAL C 310 -4.65 31.77 -17.63
CA VAL C 310 -4.08 32.75 -18.55
C VAL C 310 -4.05 32.18 -19.96
N THR C 311 -3.77 30.88 -20.09
CA THR C 311 -3.79 30.26 -21.40
C THR C 311 -5.19 30.30 -22.01
N VAL C 312 -6.21 30.09 -21.19
CA VAL C 312 -7.59 30.20 -21.68
C VAL C 312 -7.87 31.61 -22.14
N ILE C 313 -7.41 32.62 -21.38
CA ILE C 313 -7.62 34.01 -21.79
C ILE C 313 -6.88 34.30 -23.09
N VAL C 314 -5.66 33.79 -23.22
CA VAL C 314 -4.88 34.00 -24.44
C VAL C 314 -5.58 33.37 -25.64
N LEU C 315 -6.14 32.18 -25.47
CA LEU C 315 -6.86 31.55 -26.56
C LEU C 315 -8.15 32.29 -26.89
N GLN C 316 -8.80 32.89 -25.87
CA GLN C 316 -9.94 33.75 -26.17
C GLN C 316 -9.51 34.94 -27.03
N TYR C 317 -8.38 35.54 -26.70
CA TYR C 317 -7.89 36.66 -27.49
C TYR C 317 -7.48 36.24 -28.89
N HIS C 318 -6.91 35.04 -29.03
CA HIS C 318 -6.40 34.59 -30.32
C HIS C 318 -7.54 34.25 -31.27
N HIS C 319 -8.52 33.48 -30.81
CA HIS C 319 -9.67 33.11 -31.63
C HIS C 319 -10.82 34.08 -31.38
N HIS C 320 -10.60 35.33 -31.79
CA HIS C 320 -11.60 36.38 -31.69
C HIS C 320 -12.11 36.68 -33.09
N ASP C 321 -13.40 36.44 -33.31
CA ASP C 321 -13.98 36.69 -34.62
C ASP C 321 -13.93 38.18 -34.94
N PRO C 322 -13.49 38.56 -36.14
CA PRO C 322 -13.46 39.98 -36.48
C PRO C 322 -14.82 40.64 -36.46
N ASP C 323 -15.88 39.90 -36.76
CA ASP C 323 -17.23 40.45 -36.74
C ASP C 323 -17.80 40.56 -35.33
N GLY C 324 -17.12 40.03 -34.32
CA GLY C 324 -17.62 40.12 -32.96
C GLY C 324 -17.71 41.54 -32.46
N GLY C 325 -16.75 42.38 -32.84
CA GLY C 325 -16.76 43.77 -32.46
C GLY C 325 -15.36 44.32 -32.36
N LYS C 326 -15.27 45.65 -32.44
CA LYS C 326 -13.99 46.31 -32.34
C LYS C 326 -13.43 46.20 -30.93
N MET C 327 -12.12 46.03 -30.83
CA MET C 327 -11.50 45.92 -29.52
C MET C 327 -11.56 47.27 -28.80
N PRO C 328 -11.71 47.26 -27.47
CA PRO C 328 -11.80 48.52 -26.74
C PRO C 328 -10.56 49.38 -26.92
N LYS C 329 -10.79 50.70 -26.94
CA LYS C 329 -9.70 51.63 -27.20
C LYS C 329 -8.62 51.53 -26.13
N TRP C 330 -9.02 51.39 -24.86
CA TRP C 330 -8.04 51.35 -23.78
C TRP C 330 -7.12 50.15 -23.90
N THR C 331 -7.68 48.95 -24.02
CA THR C 331 -6.84 47.77 -24.15
C THR C 331 -6.04 47.80 -25.44
N ARG C 332 -6.63 48.33 -26.52
CA ARG C 332 -5.90 48.47 -27.76
C ARG C 332 -4.66 49.31 -27.57
N VAL C 333 -4.81 50.51 -26.99
CA VAL C 333 -3.69 51.42 -26.86
C VAL C 333 -2.63 50.84 -25.93
N ILE C 334 -3.03 50.28 -24.79
CA ILE C 334 -2.02 49.78 -23.87
C ILE C 334 -1.29 48.57 -24.47
N LEU C 335 -2.02 47.59 -25.01
CA LEU C 335 -1.41 46.36 -25.47
C LEU C 335 -0.68 46.52 -26.78
N LEU C 336 -0.93 47.59 -27.53
CA LEU C 336 -0.23 47.80 -28.79
C LEU C 336 0.81 48.91 -28.72
N ASN C 337 0.84 49.69 -27.63
CA ASN C 337 1.87 50.71 -27.47
C ASN C 337 2.78 50.43 -26.27
N TRP C 338 2.22 50.33 -25.06
CA TRP C 338 3.07 50.29 -23.88
C TRP C 338 3.79 48.96 -23.76
N CYS C 339 3.07 47.84 -23.92
CA CYS C 339 3.71 46.54 -23.83
C CYS C 339 4.63 46.29 -25.01
N ALA C 340 4.29 46.83 -26.19
CA ALA C 340 5.19 46.72 -27.33
C ALA C 340 6.49 47.50 -27.07
N TRP C 341 6.38 48.68 -26.48
CA TRP C 341 7.57 49.46 -26.15
C TRP C 341 8.41 48.76 -25.09
N PHE C 342 7.75 48.16 -24.09
CA PHE C 342 8.48 47.45 -23.04
C PHE C 342 9.21 46.25 -23.60
N LEU C 343 8.53 45.46 -24.43
CA LEU C 343 9.07 44.20 -24.94
C LEU C 343 9.81 44.35 -26.26
N ARG C 344 9.76 45.54 -26.88
CA ARG C 344 10.44 45.80 -28.15
C ARG C 344 9.99 44.80 -29.23
N MET C 345 8.68 44.60 -29.35
CA MET C 345 8.15 43.70 -30.35
C MET C 345 7.85 44.43 -31.65
N LYS C 346 8.05 43.74 -32.77
CA LYS C 346 7.81 44.29 -34.09
C LYS C 346 6.32 44.19 -34.43
N ARG C 347 5.68 45.34 -34.57
CA ARG C 347 4.29 45.40 -35.01
C ARG C 347 4.22 45.09 -36.50
N PRO C 348 3.52 44.03 -36.90
CA PRO C 348 3.43 43.73 -38.34
C PRO C 348 2.72 44.82 -39.11
N GLY C 349 3.15 45.02 -40.34
CA GLY C 349 2.57 46.04 -41.21
C GLY C 349 2.97 47.45 -40.82
N ASP C 430 -22.36 46.42 -75.52
CA ASP C 430 -21.90 47.43 -74.57
C ASP C 430 -22.34 47.16 -73.12
N PRO C 431 -23.63 46.82 -72.88
CA PRO C 431 -24.02 46.47 -71.50
C PRO C 431 -23.27 45.28 -70.93
N ASP C 432 -22.85 44.34 -71.79
CA ASP C 432 -22.16 43.16 -71.30
C ASP C 432 -20.84 43.51 -70.65
N LEU C 433 -20.11 44.47 -71.23
CA LEU C 433 -18.84 44.89 -70.65
C LEU C 433 -19.04 45.46 -69.26
N ALA C 434 -20.06 46.31 -69.08
CA ALA C 434 -20.34 46.88 -67.77
C ALA C 434 -20.81 45.81 -66.79
N LYS C 435 -21.55 44.81 -67.26
CA LYS C 435 -22.02 43.76 -66.37
C LYS C 435 -20.83 42.94 -65.85
N ILE C 436 -19.92 42.54 -66.75
CA ILE C 436 -18.71 41.85 -66.31
C ILE C 436 -17.89 42.75 -65.41
N LEU C 437 -17.87 44.04 -65.72
CA LEU C 437 -17.18 45.02 -64.89
C LEU C 437 -17.67 44.97 -63.45
N GLU C 438 -19.00 45.04 -63.26
CA GLU C 438 -19.52 45.10 -61.91
C GLU C 438 -19.41 43.75 -61.21
N GLU C 439 -19.42 42.66 -61.98
CA GLU C 439 -19.20 41.35 -61.37
C GLU C 439 -17.79 41.22 -60.82
N VAL C 440 -16.79 41.62 -61.61
CA VAL C 440 -15.41 41.62 -61.13
C VAL C 440 -15.24 42.61 -59.99
N ARG C 441 -15.94 43.74 -60.05
CA ARG C 441 -15.98 44.67 -58.93
C ARG C 441 -16.45 43.98 -57.66
N TYR C 442 -17.52 43.18 -57.76
CA TYR C 442 -17.99 42.45 -56.60
C TYR C 442 -16.93 41.49 -56.07
N ILE C 443 -16.29 40.74 -56.96
CA ILE C 443 -15.29 39.77 -56.51
C ILE C 443 -14.14 40.48 -55.79
N ALA C 444 -13.66 41.58 -56.37
CA ALA C 444 -12.54 42.29 -55.75
C ALA C 444 -12.95 42.93 -54.43
N ASN C 445 -14.17 43.46 -54.35
CA ASN C 445 -14.63 44.04 -53.09
C ASN C 445 -14.75 42.97 -52.01
N ARG C 446 -15.22 41.79 -52.38
CA ARG C 446 -15.26 40.68 -51.44
C ARG C 446 -13.85 40.33 -50.95
N PHE C 447 -12.89 40.31 -51.88
CA PHE C 447 -11.51 40.00 -51.48
C PHE C 447 -10.95 41.08 -50.55
N ARG C 448 -11.27 42.35 -50.82
CA ARG C 448 -10.79 43.43 -49.96
C ARG C 448 -11.39 43.34 -48.57
N CYS C 449 -12.69 43.05 -48.47
CA CYS C 449 -13.31 42.88 -47.16
C CYS C 449 -12.71 41.69 -46.41
N GLN C 450 -12.43 40.60 -47.14
CA GLN C 450 -11.77 39.46 -46.53
C GLN C 450 -10.40 39.85 -45.99
N ASP C 451 -9.64 40.64 -46.75
CA ASP C 451 -8.33 41.07 -46.30
C ASP C 451 -8.42 41.97 -45.07
N GLU C 452 -9.42 42.85 -45.03
CA GLU C 452 -9.60 43.70 -43.85
C GLU C 452 -9.92 42.86 -42.62
N SER C 453 -10.81 41.88 -42.76
CA SER C 453 -11.12 41.01 -41.63
C SER C 453 -9.89 40.21 -41.19
N GLU C 454 -9.10 39.76 -42.16
CA GLU C 454 -7.87 39.04 -41.83
C GLU C 454 -6.90 39.93 -41.08
N ALA C 455 -6.79 41.20 -41.48
CA ALA C 455 -5.91 42.13 -40.77
C ALA C 455 -6.38 42.35 -39.33
N VAL C 456 -7.69 42.51 -39.14
CA VAL C 456 -8.22 42.66 -37.79
C VAL C 456 -7.91 41.43 -36.94
N CYS C 457 -8.12 40.25 -37.50
CA CYS C 457 -7.83 39.02 -36.78
C CYS C 457 -6.34 38.91 -36.45
N SER C 458 -5.48 39.34 -37.38
CA SER C 458 -4.04 39.32 -37.13
C SER C 458 -3.67 40.26 -36.00
N GLU C 459 -4.30 41.43 -35.94
CA GLU C 459 -4.06 42.35 -34.82
C GLU C 459 -4.48 41.71 -33.50
N TRP C 460 -5.63 41.01 -33.51
CA TRP C 460 -6.05 40.30 -32.30
C TRP C 460 -5.03 39.23 -31.91
N LYS C 461 -4.50 38.50 -32.90
CA LYS C 461 -3.50 37.48 -32.61
C LYS C 461 -2.24 38.08 -32.01
N PHE C 462 -1.81 39.23 -32.53
CA PHE C 462 -0.63 39.90 -31.97
C PHE C 462 -0.89 40.35 -30.53
N ALA C 463 -2.10 40.84 -30.26
CA ALA C 463 -2.44 41.21 -28.89
C ALA C 463 -2.37 40.00 -27.98
N ALA C 464 -2.87 38.86 -28.45
CA ALA C 464 -2.78 37.63 -27.67
C ALA C 464 -1.33 37.24 -27.41
N CYS C 465 -0.47 37.36 -28.42
CA CYS C 465 0.94 37.04 -28.25
C CYS C 465 1.60 37.94 -27.23
N VAL C 466 1.29 39.25 -27.26
CA VAL C 466 1.90 40.18 -26.32
C VAL C 466 1.46 39.86 -24.89
N VAL C 467 0.15 39.61 -24.71
CA VAL C 467 -0.34 39.21 -23.39
C VAL C 467 0.38 37.96 -22.91
N ASP C 468 0.53 36.98 -23.81
CA ASP C 468 1.16 35.72 -23.46
C ASP C 468 2.59 35.95 -22.99
N ARG C 469 3.36 36.77 -23.73
CA ARG C 469 4.76 36.99 -23.38
C ARG C 469 4.90 37.71 -22.05
N LEU C 470 4.11 38.79 -21.86
CA LEU C 470 4.21 39.53 -20.61
C LEU C 470 3.83 38.64 -19.43
N CYS C 471 2.82 37.79 -19.62
CA CYS C 471 2.44 36.90 -18.52
C CYS C 471 3.49 35.82 -18.29
N LEU C 472 4.21 35.41 -19.35
CA LEU C 472 5.33 34.50 -19.16
C LEU C 472 6.38 35.12 -18.26
N MET C 473 6.76 36.37 -18.54
CA MET C 473 7.75 37.03 -17.70
C MET C 473 7.27 37.14 -16.26
N ALA C 474 6.01 37.55 -16.09
CA ALA C 474 5.45 37.71 -14.75
C ALA C 474 5.45 36.38 -13.99
N PHE C 475 5.01 35.30 -14.65
CA PHE C 475 4.94 34.01 -13.99
C PHE C 475 6.32 33.48 -13.64
N SER C 476 7.29 33.62 -14.54
CA SER C 476 8.64 33.16 -14.23
C SER C 476 9.19 33.89 -13.02
N VAL C 477 9.08 35.22 -13.01
CA VAL C 477 9.59 35.99 -11.89
C VAL C 477 8.88 35.59 -10.59
N PHE C 478 7.56 35.45 -10.65
CA PHE C 478 6.80 35.17 -9.45
C PHE C 478 7.13 33.78 -8.90
N THR C 479 7.27 32.79 -9.78
CA THR C 479 7.59 31.44 -9.31
C THR C 479 8.98 31.38 -8.71
N ILE C 480 9.95 32.06 -9.33
CA ILE C 480 11.30 32.08 -8.76
C ILE C 480 11.28 32.73 -7.39
N ILE C 481 10.63 33.88 -7.28
CA ILE C 481 10.58 34.61 -6.01
C ILE C 481 9.88 33.78 -4.95
N CYS C 482 8.77 33.14 -5.31
CA CYS C 482 7.99 32.39 -4.33
C CYS C 482 8.75 31.17 -3.82
N THR C 483 9.36 30.41 -4.73
CA THR C 483 10.14 29.25 -4.29
C THR C 483 11.32 29.67 -3.43
N ILE C 484 12.04 30.72 -3.85
CA ILE C 484 13.19 31.18 -3.08
C ILE C 484 12.75 31.61 -1.69
N GLY C 485 11.65 32.39 -1.60
CA GLY C 485 11.19 32.85 -0.31
C GLY C 485 10.71 31.73 0.59
N ILE C 486 9.99 30.76 0.03
CA ILE C 486 9.50 29.65 0.84
C ILE C 486 10.67 28.85 1.40
N LEU C 487 11.68 28.57 0.58
CA LEU C 487 12.82 27.81 1.09
C LEU C 487 13.70 28.63 2.01
N MET C 488 13.71 29.96 1.86
CA MET C 488 14.40 30.81 2.82
C MET C 488 13.71 30.81 4.17
N SER C 489 12.38 30.73 4.18
CA SER C 489 11.62 30.88 5.41
C SER C 489 12.01 29.82 6.45
N ALA C 490 12.41 28.64 6.00
CA ALA C 490 12.82 27.60 6.94
C ALA C 490 14.11 27.99 7.63
N PRO C 491 14.16 28.01 8.95
CA PRO C 491 15.42 28.24 9.65
C PRO C 491 16.36 27.06 9.45
N ASN C 492 17.65 27.34 9.66
CA ASN C 492 18.75 26.38 9.47
C ASN C 492 18.74 25.75 8.07
N PHE C 493 18.01 26.36 7.13
CA PHE C 493 18.05 25.88 5.75
C PHE C 493 19.44 26.02 5.16
N VAL C 494 20.09 27.15 5.41
CA VAL C 494 21.42 27.38 4.83
C VAL C 494 22.43 26.36 5.37
N GLU C 495 22.40 26.10 6.67
CA GLU C 495 23.34 25.13 7.23
C GLU C 495 22.98 23.71 6.81
N ALA C 496 21.70 23.41 6.63
CA ALA C 496 21.32 22.10 6.11
C ALA C 496 21.86 21.89 4.70
N VAL C 497 21.73 22.91 3.85
CA VAL C 497 22.27 22.82 2.49
C VAL C 497 23.79 22.67 2.54
N SER C 498 24.46 23.47 3.38
CA SER C 498 25.91 23.41 3.46
C SER C 498 26.38 22.04 3.93
N LYS C 499 25.68 21.44 4.89
CA LYS C 499 26.09 20.15 5.41
C LYS C 499 25.76 19.00 4.47
N ASP C 500 24.68 19.10 3.70
CA ASP C 500 24.26 17.99 2.86
C ASP C 500 24.86 18.07 1.45
N PHE C 501 24.56 19.15 0.72
CA PHE C 501 25.00 19.24 -0.66
C PHE C 501 26.48 19.60 -0.75
N ALA C 502 26.87 20.71 -0.13
CA ALA C 502 28.27 21.14 -0.16
C ALA C 502 29.14 20.23 0.69
N GLY D 23 17.02 -4.12 54.65
CA GLY D 23 17.20 -4.01 56.09
C GLY D 23 16.63 -5.18 56.84
N GLU D 24 17.08 -5.37 58.09
CA GLU D 24 16.58 -6.47 58.90
C GLU D 24 15.09 -6.31 59.18
N PHE D 25 14.64 -5.09 59.48
CA PHE D 25 13.22 -4.86 59.74
C PHE D 25 12.40 -5.13 58.48
N GLN D 26 12.86 -4.67 57.33
CA GLN D 26 12.13 -4.91 56.08
C GLN D 26 12.06 -6.40 55.77
N ARG D 27 13.17 -7.11 55.97
CA ARG D 27 13.19 -8.54 55.70
C ARG D 27 12.24 -9.29 56.63
N LYS D 28 12.24 -8.93 57.92
CA LYS D 28 11.31 -9.56 58.85
C LYS D 28 9.87 -9.25 58.49
N LEU D 29 9.59 -8.01 58.09
CA LEU D 29 8.23 -7.63 57.72
C LEU D 29 7.76 -8.41 56.50
N TYR D 30 8.62 -8.55 55.50
CA TYR D 30 8.25 -9.31 54.31
C TYR D 30 8.06 -10.79 54.64
N LYS D 31 8.91 -11.33 55.51
CA LYS D 31 8.76 -12.74 55.90
C LYS D 31 7.45 -12.96 56.64
N GLU D 32 7.08 -12.05 57.53
CA GLU D 32 5.87 -12.23 58.32
C GLU D 32 4.62 -11.93 57.52
N LEU D 33 4.67 -10.98 56.59
CA LEU D 33 3.49 -10.57 55.85
C LEU D 33 2.96 -11.69 54.95
N VAL D 34 3.86 -12.41 54.27
CA VAL D 34 3.44 -13.44 53.34
C VAL D 34 3.01 -14.70 54.06
N LYS D 35 3.38 -14.86 55.33
CA LYS D 35 3.01 -16.06 56.07
C LYS D 35 1.50 -16.19 56.16
N ASN D 36 1.01 -17.39 55.80
CA ASN D 36 -0.42 -17.69 55.82
C ASN D 36 -1.22 -16.70 54.99
N TYR D 37 -0.69 -16.34 53.82
CA TYR D 37 -1.36 -15.44 52.90
C TYR D 37 -1.72 -16.19 51.62
N ASN D 38 -2.98 -16.12 51.23
CA ASN D 38 -3.47 -16.79 50.03
C ASN D 38 -3.84 -15.75 48.99
N PRO D 39 -3.14 -15.68 47.85
CA PRO D 39 -3.45 -14.64 46.86
C PRO D 39 -4.84 -14.77 46.25
N LEU D 40 -5.47 -15.94 46.34
CA LEU D 40 -6.80 -16.12 45.77
C LEU D 40 -7.87 -15.48 46.64
N GLU D 41 -7.69 -15.47 47.95
CA GLU D 41 -8.71 -15.00 48.86
C GLU D 41 -8.95 -13.49 48.70
N ARG D 42 -10.21 -13.09 48.72
CA ARG D 42 -10.56 -11.69 48.70
C ARG D 42 -10.19 -11.06 50.04
N PRO D 43 -9.37 -10.02 50.08
CA PRO D 43 -8.87 -9.46 51.35
C PRO D 43 -9.89 -8.64 52.12
N VAL D 44 -10.84 -9.32 52.76
CA VAL D 44 -11.83 -8.68 53.60
C VAL D 44 -11.86 -9.39 54.95
N ALA D 45 -12.10 -8.60 56.00
CA ALA D 45 -12.22 -9.18 57.34
C ALA D 45 -13.52 -9.94 57.50
N ASN D 46 -14.61 -9.38 57.00
CA ASN D 46 -15.93 -10.02 57.02
C ASN D 46 -16.30 -10.40 55.60
N ASP D 47 -16.59 -11.67 55.37
CA ASP D 47 -16.81 -12.17 54.02
C ASP D 47 -18.09 -11.60 53.42
N SER D 48 -19.11 -11.38 54.24
CA SER D 48 -20.40 -10.95 53.72
C SER D 48 -20.34 -9.57 53.05
N GLN D 49 -19.65 -8.63 53.67
CA GLN D 49 -19.61 -7.27 53.11
C GLN D 49 -18.72 -7.23 51.87
N PRO D 50 -19.17 -6.58 50.80
CA PRO D 50 -18.33 -6.46 49.60
C PRO D 50 -17.08 -5.64 49.88
N LEU D 51 -16.10 -5.83 49.01
CA LEU D 51 -14.84 -5.09 49.06
C LEU D 51 -14.96 -3.87 48.15
N THR D 52 -14.66 -2.71 48.70
CA THR D 52 -14.76 -1.46 47.94
C THR D 52 -13.48 -1.24 47.15
N VAL D 53 -13.61 -1.07 45.83
CA VAL D 53 -12.47 -0.81 44.96
C VAL D 53 -12.76 0.48 44.19
N TYR D 54 -11.85 1.44 44.32
CA TYR D 54 -11.98 2.73 43.65
C TYR D 54 -11.20 2.67 42.34
N PHE D 55 -11.92 2.68 41.22
CA PHE D 55 -11.32 2.59 39.90
C PHE D 55 -11.34 3.95 39.24
N SER D 56 -10.21 4.34 38.66
CA SER D 56 -10.09 5.61 37.95
C SER D 56 -9.31 5.35 36.67
N LEU D 57 -8.91 6.44 36.01
CA LEU D 57 -8.16 6.35 34.76
C LEU D 57 -7.37 7.62 34.58
N SER D 58 -6.19 7.49 33.96
CA SER D 58 -5.30 8.61 33.70
C SER D 58 -4.93 8.60 32.23
N LEU D 59 -5.72 9.29 31.42
CA LEU D 59 -5.45 9.37 29.99
C LEU D 59 -4.17 10.17 29.75
N LEU D 60 -3.33 9.68 28.84
CA LEU D 60 -2.08 10.35 28.52
C LEU D 60 -1.99 10.78 27.06
N GLN D 61 -2.43 9.94 26.13
CA GLN D 61 -2.29 10.28 24.72
C GLN D 61 -3.24 9.42 23.91
N ILE D 62 -3.94 10.04 22.97
CA ILE D 62 -4.74 9.31 21.98
C ILE D 62 -3.78 9.00 20.84
N MET D 63 -3.07 7.87 20.96
CA MET D 63 -1.98 7.56 20.04
C MET D 63 -2.47 7.42 18.61
N ASP D 64 -3.61 6.76 18.42
CA ASP D 64 -4.10 6.52 17.07
C ASP D 64 -5.57 6.14 17.15
N VAL D 65 -6.35 6.63 16.19
CA VAL D 65 -7.71 6.19 15.96
C VAL D 65 -7.83 5.75 14.51
N ASP D 66 -8.51 4.62 14.29
CA ASP D 66 -8.60 4.02 12.97
C ASP D 66 -10.05 4.07 12.53
N GLU D 67 -10.37 5.03 11.66
CA GLU D 67 -11.73 5.13 11.13
C GLU D 67 -12.09 3.90 10.33
N LYS D 68 -11.15 3.40 9.52
CA LYS D 68 -11.40 2.23 8.70
C LYS D 68 -11.61 0.98 9.56
N ASN D 69 -10.80 0.82 10.60
CA ASN D 69 -10.86 -0.35 11.46
C ASN D 69 -11.78 -0.18 12.67
N GLN D 70 -12.31 1.02 12.89
CA GLN D 70 -13.19 1.30 14.03
C GLN D 70 -12.56 0.91 15.35
N VAL D 71 -11.27 1.21 15.50
CA VAL D 71 -10.52 0.92 16.71
C VAL D 71 -9.92 2.21 17.23
N LEU D 72 -9.76 2.31 18.54
CA LEU D 72 -9.15 3.46 19.19
C LEU D 72 -7.97 3.00 20.04
N THR D 73 -6.80 3.57 19.79
CA THR D 73 -5.58 3.20 20.47
C THR D 73 -5.19 4.33 21.43
N THR D 74 -5.22 4.05 22.73
CA THR D 74 -4.95 5.04 23.74
C THR D 74 -3.88 4.54 24.69
N ASN D 75 -3.16 5.48 25.29
CA ASN D 75 -2.11 5.21 26.27
C ASN D 75 -2.62 5.75 27.60
N ILE D 76 -3.08 4.86 28.47
CA ILE D 76 -3.73 5.25 29.72
C ILE D 76 -3.12 4.47 30.87
N TRP D 77 -3.28 5.01 32.07
CA TRP D 77 -2.89 4.36 33.31
C TRP D 77 -4.14 4.07 34.11
N LEU D 78 -4.50 2.80 34.24
CA LEU D 78 -5.58 2.43 35.14
C LEU D 78 -5.18 2.73 36.58
N GLN D 79 -6.15 3.13 37.39
CA GLN D 79 -5.91 3.45 38.79
C GLN D 79 -6.88 2.67 39.64
N MET D 80 -6.36 1.77 40.47
CA MET D 80 -7.17 0.97 41.36
C MET D 80 -6.66 1.12 42.78
N SER D 81 -7.59 1.08 43.73
CA SER D 81 -7.24 1.22 45.14
C SER D 81 -8.25 0.46 45.98
N TRP D 82 -7.75 -0.24 47.00
CA TRP D 82 -8.61 -0.99 47.89
C TRP D 82 -7.88 -1.20 49.20
N THR D 83 -8.64 -1.59 50.22
CA THR D 83 -8.11 -1.81 51.56
C THR D 83 -7.90 -3.31 51.75
N ASP D 84 -6.68 -3.69 52.11
CA ASP D 84 -6.32 -5.08 52.36
C ASP D 84 -6.27 -5.30 53.86
N HIS D 85 -7.04 -6.27 54.35
CA HIS D 85 -7.11 -6.50 55.79
C HIS D 85 -5.87 -7.19 56.32
N TYR D 86 -5.18 -7.97 55.49
CA TYR D 86 -4.07 -8.79 55.96
C TYR D 86 -2.72 -8.10 55.84
N LEU D 87 -2.60 -7.10 54.98
CA LEU D 87 -1.33 -6.42 54.74
C LEU D 87 -1.19 -5.19 55.62
N GLN D 88 -1.26 -5.42 56.92
CA GLN D 88 -1.20 -4.36 57.92
C GLN D 88 -0.10 -4.66 58.92
N TRP D 89 0.55 -3.61 59.41
CA TRP D 89 1.60 -3.77 60.40
C TRP D 89 1.75 -2.47 61.18
N ASN D 90 2.38 -2.57 62.34
CA ASN D 90 2.63 -1.42 63.19
C ASN D 90 4.03 -0.87 62.89
N VAL D 91 4.09 0.42 62.55
CA VAL D 91 5.36 1.05 62.19
C VAL D 91 6.33 1.08 63.36
N SER D 92 5.81 0.97 64.60
CA SER D 92 6.69 0.98 65.76
C SER D 92 7.68 -0.18 65.72
N GLU D 93 7.22 -1.36 65.33
CA GLU D 93 8.09 -2.53 65.24
C GLU D 93 8.92 -2.56 63.97
N TYR D 94 8.58 -1.75 62.97
CA TYR D 94 9.35 -1.64 61.73
C TYR D 94 9.61 -0.17 61.48
N PRO D 95 10.63 0.40 62.14
CA PRO D 95 10.78 1.86 62.15
C PRO D 95 10.98 2.47 60.77
N GLY D 96 11.69 1.79 59.87
CA GLY D 96 12.04 2.40 58.62
C GLY D 96 11.13 2.03 57.45
N VAL D 97 10.25 1.05 57.66
CA VAL D 97 9.42 0.54 56.58
C VAL D 97 8.06 1.22 56.64
N LYS D 98 7.70 1.94 55.57
CA LYS D 98 6.40 2.57 55.47
C LYS D 98 5.53 1.99 54.37
N THR D 99 6.11 1.53 53.27
CA THR D 99 5.37 0.89 52.20
C THR D 99 6.13 -0.34 51.73
N VAL D 100 5.39 -1.31 51.21
CA VAL D 100 5.97 -2.50 50.59
C VAL D 100 5.29 -2.71 49.25
N ARG D 101 6.02 -3.34 48.33
CA ARG D 101 5.55 -3.55 46.98
C ARG D 101 5.55 -5.03 46.66
N PHE D 102 4.45 -5.52 46.09
CA PHE D 102 4.34 -6.90 45.68
C PHE D 102 4.13 -6.98 44.17
N PRO D 103 4.74 -7.95 43.51
CA PRO D 103 4.59 -8.10 42.06
C PRO D 103 3.36 -8.93 41.73
N ASP D 104 3.20 -9.21 40.44
CA ASP D 104 2.06 -9.97 39.97
C ASP D 104 2.05 -11.37 40.59
N GLY D 105 0.86 -11.82 40.99
CA GLY D 105 0.65 -13.18 41.40
C GLY D 105 0.98 -13.51 42.85
N GLN D 106 1.30 -12.51 43.67
CA GLN D 106 1.60 -12.77 45.08
C GLN D 106 0.63 -12.10 46.05
N ILE D 107 -0.15 -11.11 45.62
CA ILE D 107 -1.23 -10.59 46.42
C ILE D 107 -2.47 -10.44 45.53
N TRP D 108 -3.63 -10.40 46.17
CA TRP D 108 -4.88 -10.34 45.44
C TRP D 108 -5.00 -9.02 44.68
N LYS D 109 -5.42 -9.12 43.43
CA LYS D 109 -5.64 -7.96 42.57
C LYS D 109 -6.98 -8.11 41.85
N PRO D 110 -7.76 -7.04 41.76
CA PRO D 110 -9.00 -7.12 40.98
C PRO D 110 -8.71 -7.45 39.52
N ASP D 111 -9.55 -8.32 38.96
CA ASP D 111 -9.42 -8.70 37.56
C ASP D 111 -10.30 -7.77 36.71
N ILE D 112 -9.94 -6.49 36.73
CA ILE D 112 -10.68 -5.46 36.02
C ILE D 112 -10.15 -5.44 34.58
N LEU D 113 -11.00 -5.78 33.64
CA LEU D 113 -10.64 -5.88 32.23
C LEU D 113 -11.43 -4.88 31.41
N LEU D 114 -10.87 -4.49 30.27
CA LEU D 114 -11.55 -3.62 29.33
C LEU D 114 -12.49 -4.49 28.49
N TYR D 115 -13.80 -4.30 28.67
CA TYR D 115 -14.78 -5.18 28.04
C TYR D 115 -14.69 -5.10 26.53
N ASN D 116 -14.74 -3.89 25.97
CA ASN D 116 -14.75 -3.71 24.52
C ASN D 116 -13.33 -3.55 23.99
N SER D 117 -12.51 -4.56 24.25
CA SER D 117 -11.12 -4.55 23.83
C SER D 117 -10.97 -5.19 22.46
N ALA D 118 -10.25 -4.50 21.57
CA ALA D 118 -9.96 -5.01 20.24
C ALA D 118 -8.53 -5.48 20.09
N ASP D 119 -7.78 -5.57 21.19
CA ASP D 119 -6.40 -6.03 21.14
C ASP D 119 -6.36 -7.54 20.99
N GLU D 120 -5.32 -8.03 20.31
CA GLU D 120 -5.16 -9.47 20.11
C GLU D 120 -5.19 -10.22 21.43
N ARG D 121 -4.41 -9.79 22.40
CA ARG D 121 -4.55 -10.26 23.77
C ARG D 121 -5.58 -9.37 24.47
N PHE D 122 -6.57 -10.00 25.09
CA PHE D 122 -7.70 -9.25 25.62
C PHE D 122 -7.28 -8.27 26.73
N ASP D 123 -6.20 -8.56 27.43
CA ASP D 123 -5.65 -7.67 28.44
C ASP D 123 -4.37 -7.05 27.91
N ALA D 124 -4.33 -5.72 27.85
CA ALA D 124 -3.16 -5.00 27.35
C ALA D 124 -2.38 -4.30 28.46
N THR D 125 -2.76 -4.49 29.72
CA THR D 125 -2.06 -3.85 30.81
C THR D 125 -0.68 -4.49 31.00
N PHE D 126 0.25 -3.69 31.53
CA PHE D 126 1.55 -4.19 31.95
C PHE D 126 1.53 -4.30 33.47
N HIS D 127 1.53 -5.53 33.98
CA HIS D 127 1.40 -5.77 35.40
C HIS D 127 2.63 -5.29 36.14
N THR D 128 2.51 -4.18 36.87
CA THR D 128 3.60 -3.61 37.64
C THR D 128 3.45 -4.00 39.10
N ASN D 129 4.36 -3.47 39.92
CA ASN D 129 4.29 -3.72 41.36
C ASN D 129 3.06 -3.05 41.96
N VAL D 130 2.82 -3.38 43.22
CA VAL D 130 1.61 -2.96 43.92
C VAL D 130 2.01 -2.46 45.30
N LEU D 131 1.93 -1.15 45.51
CA LEU D 131 2.29 -0.58 46.81
C LEU D 131 1.21 -0.85 47.85
N VAL D 132 1.62 -0.86 49.11
CA VAL D 132 0.73 -1.11 50.23
C VAL D 132 1.04 -0.11 51.33
N ASN D 133 0.00 0.43 51.95
CA ASN D 133 0.14 1.31 53.11
C ASN D 133 0.76 0.57 54.29
N SER D 134 1.04 1.29 55.37
CA SER D 134 1.27 0.65 56.65
C SER D 134 -0.02 0.33 57.37
N SER D 135 -1.16 0.77 56.83
CA SER D 135 -2.47 0.52 57.42
C SER D 135 -3.31 -0.42 56.57
N GLY D 136 -2.75 -1.00 55.52
CA GLY D 136 -3.43 -1.96 54.69
C GLY D 136 -3.94 -1.42 53.38
N HIS D 137 -4.04 -0.10 53.23
CA HIS D 137 -4.51 0.47 51.98
CA HIS D 137 -4.51 0.48 51.98
C HIS D 137 -3.56 0.12 50.84
N CYS D 138 -4.13 -0.09 49.67
CA CYS D 138 -3.40 -0.62 48.53
C CYS D 138 -3.58 0.26 47.30
N GLN D 139 -2.56 0.29 46.45
CA GLN D 139 -2.57 1.07 45.23
C GLN D 139 -2.08 0.21 44.07
N TYR D 140 -2.57 0.51 42.88
CA TYR D 140 -2.21 -0.27 41.70
C TYR D 140 -2.46 0.60 40.47
N LEU D 141 -1.38 0.92 39.74
CA LEU D 141 -1.46 1.75 38.53
C LEU D 141 -0.74 1.05 37.39
N PRO D 142 -1.38 0.05 36.79
CA PRO D 142 -0.78 -0.62 35.63
C PRO D 142 -0.94 0.24 34.39
N PRO D 143 0.13 0.47 33.65
CA PRO D 143 0.03 1.19 32.37
C PRO D 143 -0.35 0.21 31.27
N GLY D 144 -0.39 0.72 30.06
CA GLY D 144 -0.65 -0.12 28.91
C GLY D 144 -1.32 0.67 27.80
N ILE D 145 -1.13 0.19 26.58
CA ILE D 145 -1.74 0.78 25.39
C ILE D 145 -2.95 -0.07 25.04
N PHE D 146 -4.13 0.55 25.08
CA PHE D 146 -5.39 -0.15 24.97
C PHE D 146 -5.98 0.05 23.58
N LYS D 147 -6.41 -1.05 22.96
CA LYS D 147 -7.12 -1.00 21.70
C LYS D 147 -8.58 -1.34 21.96
N SER D 148 -9.45 -0.34 21.81
CA SER D 148 -10.87 -0.51 22.05
C SER D 148 -11.64 -0.32 20.75
N SER D 149 -12.66 -1.15 20.54
CA SER D 149 -13.50 -1.07 19.35
C SER D 149 -14.65 -0.12 19.66
N CYS D 150 -14.52 1.13 19.20
CA CYS D 150 -15.53 2.14 19.39
C CYS D 150 -16.16 2.50 18.06
N TYR D 151 -17.49 2.63 18.05
CA TYR D 151 -18.20 2.96 16.83
C TYR D 151 -17.89 4.40 16.42
N ILE D 152 -17.50 4.59 15.17
CA ILE D 152 -17.01 5.87 14.67
C ILE D 152 -17.94 6.37 13.59
N ASP D 153 -18.47 7.58 13.77
CA ASP D 153 -19.36 8.20 12.81
C ASP D 153 -18.54 9.02 11.81
N VAL D 154 -18.69 8.68 10.53
CA VAL D 154 -18.08 9.44 9.45
C VAL D 154 -19.11 10.23 8.66
N ARG D 155 -20.33 10.35 9.20
CA ARG D 155 -21.38 11.09 8.52
C ARG D 155 -20.99 12.56 8.33
N TRP D 156 -20.40 13.17 9.36
CA TRP D 156 -20.01 14.56 9.32
C TRP D 156 -18.52 14.74 9.05
N PHE D 157 -17.86 13.70 8.56
CA PHE D 157 -16.43 13.78 8.28
C PHE D 157 -16.17 14.87 7.24
N PRO D 158 -15.09 15.65 7.39
CA PRO D 158 -14.09 15.64 8.46
C PRO D 158 -14.47 16.49 9.68
N PHE D 159 -15.71 16.97 9.78
CA PHE D 159 -16.12 17.87 10.86
C PHE D 159 -16.84 17.12 11.96
N ASP D 160 -16.41 15.89 12.25
CA ASP D 160 -17.10 15.02 13.18
C ASP D 160 -16.46 15.06 14.56
N VAL D 161 -17.29 14.90 15.58
CA VAL D 161 -16.85 14.71 16.95
C VAL D 161 -17.20 13.29 17.37
N GLN D 162 -16.26 12.61 18.02
CA GLN D 162 -16.38 11.19 18.27
C GLN D 162 -16.56 10.92 19.77
N HIS D 163 -17.41 9.95 20.07
CA HIS D 163 -17.67 9.52 21.45
C HIS D 163 -17.30 8.04 21.54
N CYS D 164 -16.03 7.76 21.80
CA CYS D 164 -15.54 6.40 21.93
C CYS D 164 -15.57 5.99 23.39
N LYS D 165 -16.17 4.84 23.67
CA LYS D 165 -16.42 4.40 25.04
C LYS D 165 -15.36 3.38 25.46
N LEU D 166 -14.93 3.48 26.71
CA LEU D 166 -14.07 2.48 27.35
C LEU D 166 -14.85 1.89 28.52
N LYS D 167 -15.11 0.59 28.47
CA LYS D 167 -15.92 -0.08 29.47
C LYS D 167 -15.02 -0.96 30.34
N PHE D 168 -14.90 -0.61 31.61
CA PHE D 168 -14.10 -1.35 32.58
C PHE D 168 -15.01 -1.93 33.65
N GLY D 169 -14.65 -3.11 34.13
CA GLY D 169 -15.41 -3.72 35.20
C GLY D 169 -14.80 -5.07 35.56
N SER D 170 -15.06 -5.48 36.79
CA SER D 170 -14.56 -6.77 37.26
C SER D 170 -15.15 -7.89 36.41
N TRP D 171 -14.28 -8.79 35.97
CA TRP D 171 -14.72 -9.87 35.10
C TRP D 171 -15.45 -10.98 35.86
N SER D 172 -15.01 -11.29 37.07
CA SER D 172 -15.52 -12.44 37.80
C SER D 172 -16.24 -12.09 39.09
N TYR D 173 -16.00 -10.92 39.67
CA TYR D 173 -16.60 -10.52 40.94
C TYR D 173 -17.85 -9.69 40.66
N GLY D 174 -18.92 -9.99 41.39
CA GLY D 174 -20.18 -9.29 41.23
C GLY D 174 -20.35 -8.15 42.20
N GLY D 175 -21.59 -7.68 42.31
CA GLY D 175 -21.87 -6.55 43.19
C GLY D 175 -21.65 -6.88 44.66
N TRP D 176 -22.10 -8.06 45.09
CA TRP D 176 -21.95 -8.44 46.49
C TRP D 176 -20.52 -8.81 46.87
N SER D 177 -19.62 -8.92 45.89
CA SER D 177 -18.23 -9.27 46.15
C SER D 177 -17.29 -8.08 46.03
N LEU D 178 -17.30 -7.40 44.90
CA LEU D 178 -16.38 -6.30 44.63
C LEU D 178 -17.20 -5.05 44.32
N ASP D 179 -17.36 -4.18 45.32
CA ASP D 179 -18.11 -2.94 45.15
C ASP D 179 -17.26 -1.94 44.39
N LEU D 180 -17.29 -2.04 43.07
CA LEU D 180 -16.55 -1.12 42.23
C LEU D 180 -17.11 0.29 42.38
N GLN D 181 -16.22 1.27 42.44
CA GLN D 181 -16.59 2.67 42.58
C GLN D 181 -15.83 3.50 41.57
N MET D 182 -16.36 4.68 41.28
CA MET D 182 -15.79 5.59 40.30
C MET D 182 -14.93 6.65 40.96
N GLN D 183 -13.89 7.09 40.26
CA GLN D 183 -13.18 8.33 40.54
C GLN D 183 -12.98 9.05 39.21
N GLU D 184 -13.00 10.39 39.27
CA GLU D 184 -12.94 11.18 38.04
C GLU D 184 -11.64 10.93 37.30
N ALA D 185 -11.75 10.83 35.98
CA ALA D 185 -10.58 10.62 35.14
C ALA D 185 -9.64 11.80 35.21
N ASP D 186 -8.34 11.51 35.17
CA ASP D 186 -7.30 12.51 35.32
C ASP D 186 -6.67 12.75 33.96
N ILE D 187 -6.61 14.02 33.55
CA ILE D 187 -6.02 14.38 32.27
C ILE D 187 -4.98 15.49 32.47
N SER D 188 -4.42 15.56 33.68
CA SER D 188 -3.38 16.55 33.94
C SER D 188 -2.14 16.29 33.10
N GLY D 189 -1.76 15.03 32.94
CA GLY D 189 -0.60 14.65 32.16
C GLY D 189 -0.87 14.39 30.69
N TYR D 190 -2.10 14.65 30.23
CA TYR D 190 -2.42 14.41 28.83
C TYR D 190 -1.59 15.30 27.92
N ILE D 191 -0.97 14.70 26.91
CA ILE D 191 -0.18 15.45 25.94
C ILE D 191 -1.05 15.68 24.70
N PRO D 192 -1.15 16.92 24.22
CA PRO D 192 -2.03 17.19 23.08
C PRO D 192 -1.64 16.38 21.86
N ASN D 193 -2.65 15.91 21.13
CA ASN D 193 -2.46 15.19 19.90
C ASN D 193 -2.55 16.16 18.72
N GLY D 194 -1.78 15.87 17.68
CA GLY D 194 -1.73 16.76 16.53
C GLY D 194 -2.93 16.70 15.61
N GLU D 195 -3.86 15.79 15.86
CA GLU D 195 -5.02 15.62 14.99
C GLU D 195 -6.34 15.78 15.73
N TRP D 196 -6.45 15.30 16.96
CA TRP D 196 -7.70 15.27 17.69
C TRP D 196 -7.63 16.20 18.90
N ASP D 197 -8.64 17.04 19.04
CA ASP D 197 -8.76 17.94 20.18
C ASP D 197 -9.69 17.27 21.19
N LEU D 198 -9.17 17.00 22.39
CA LEU D 198 -9.95 16.33 23.41
C LEU D 198 -10.99 17.29 24.00
N VAL D 199 -12.25 16.88 23.98
CA VAL D 199 -13.31 17.67 24.59
C VAL D 199 -13.45 17.33 26.07
N GLY D 200 -13.39 16.05 26.41
CA GLY D 200 -13.46 15.62 27.78
C GLY D 200 -13.53 14.12 27.85
N ILE D 201 -13.35 13.60 29.06
CA ILE D 201 -13.44 12.16 29.29
C ILE D 201 -14.36 11.91 30.49
N PRO D 202 -15.66 12.16 30.35
CA PRO D 202 -16.57 11.85 31.45
C PRO D 202 -16.84 10.35 31.55
N GLY D 203 -17.21 9.92 32.76
CA GLY D 203 -17.47 8.53 33.01
C GLY D 203 -18.82 8.33 33.69
N LYS D 204 -19.22 7.07 33.78
CA LYS D 204 -20.50 6.71 34.36
C LYS D 204 -20.44 5.29 34.92
N ARG D 205 -20.81 5.14 36.19
CA ARG D 205 -20.81 3.83 36.85
C ARG D 205 -22.19 3.23 36.71
N SER D 206 -22.27 2.08 36.05
CA SER D 206 -23.54 1.43 35.75
C SER D 206 -23.53 0.00 36.28
N GLU D 207 -24.71 -0.47 36.67
CA GLU D 207 -24.90 -1.83 37.17
C GLU D 207 -25.72 -2.61 36.16
N ARG D 208 -25.18 -3.72 35.68
CA ARG D 208 -25.78 -4.49 34.60
C ARG D 208 -25.84 -5.96 34.96
N PHE D 209 -26.99 -6.58 34.71
CA PHE D 209 -27.20 -8.00 34.93
C PHE D 209 -26.67 -8.81 33.75
N TYR D 210 -26.49 -10.11 33.97
CA TYR D 210 -26.03 -11.01 32.94
C TYR D 210 -26.84 -12.30 32.97
N GLU D 211 -26.93 -12.95 31.81
CA GLU D 211 -27.72 -14.16 31.67
C GLU D 211 -27.12 -15.35 32.43
N CYS D 212 -25.80 -15.35 32.64
CA CYS D 212 -25.17 -16.46 33.36
C CYS D 212 -25.71 -16.56 34.78
N CYS D 213 -25.80 -15.42 35.46
CA CYS D 213 -25.77 -15.40 36.91
C CYS D 213 -26.81 -14.40 37.40
N LYS D 214 -27.28 -14.61 38.63
CA LYS D 214 -28.24 -13.73 39.27
C LYS D 214 -27.59 -12.61 40.06
N GLU D 215 -26.35 -12.26 39.73
CA GLU D 215 -25.59 -11.26 40.47
C GLU D 215 -25.29 -10.07 39.57
N PRO D 216 -25.66 -8.85 39.95
CA PRO D 216 -25.31 -7.69 39.12
C PRO D 216 -23.81 -7.46 39.11
N TYR D 217 -23.33 -6.96 37.97
CA TYR D 217 -21.90 -6.71 37.78
C TYR D 217 -21.67 -5.21 37.53
N PRO D 218 -21.34 -4.44 38.56
CA PRO D 218 -21.07 -3.01 38.35
C PRO D 218 -19.88 -2.81 37.43
N ASP D 219 -19.93 -1.71 36.69
CA ASP D 219 -18.88 -1.35 35.74
C ASP D 219 -18.69 0.15 35.72
N VAL D 220 -17.58 0.59 35.13
CA VAL D 220 -17.28 2.00 34.99
C VAL D 220 -16.98 2.25 33.51
N THR D 221 -17.79 3.09 32.89
CA THR D 221 -17.68 3.38 31.45
C THR D 221 -17.18 4.81 31.27
N PHE D 222 -16.06 4.96 30.58
CA PHE D 222 -15.46 6.26 30.30
C PHE D 222 -15.70 6.58 28.82
N THR D 223 -16.32 7.72 28.56
CA THR D 223 -16.61 8.17 27.20
C THR D 223 -15.57 9.21 26.82
N VAL D 224 -14.76 8.90 25.81
CA VAL D 224 -13.69 9.78 25.35
C VAL D 224 -14.26 10.61 24.21
N THR D 225 -14.66 11.85 24.52
CA THR D 225 -15.19 12.76 23.52
C THR D 225 -14.04 13.56 22.93
N MET D 226 -13.77 13.37 21.65
CA MET D 226 -12.69 14.07 20.97
C MET D 226 -13.20 14.68 19.68
N ARG D 227 -12.73 15.88 19.37
CA ARG D 227 -13.12 16.59 18.16
C ARG D 227 -11.94 16.60 17.19
N ARG D 228 -12.22 16.28 15.92
CA ARG D 228 -11.17 16.24 14.91
C ARG D 228 -10.80 17.65 14.49
N ARG D 229 -9.50 17.92 14.45
CA ARG D 229 -9.00 19.19 13.93
C ARG D 229 -8.98 19.12 12.41
N THR D 230 -9.68 20.05 11.76
CA THR D 230 -9.98 19.95 10.34
C THR D 230 -9.07 20.80 9.46
N LEU D 231 -7.98 21.35 10.01
CA LEU D 231 -7.10 22.17 9.19
C LEU D 231 -6.45 21.34 8.09
N TYR D 232 -5.83 20.21 8.46
CA TYR D 232 -5.16 19.38 7.47
C TYR D 232 -6.13 18.85 6.44
N TYR D 233 -7.29 18.39 6.89
CA TYR D 233 -8.27 17.83 5.95
C TYR D 233 -8.83 18.90 5.03
N GLY D 234 -9.15 20.07 5.57
CA GLY D 234 -9.66 21.14 4.74
C GLY D 234 -8.62 21.71 3.80
N LEU D 235 -7.34 21.51 4.11
CA LEU D 235 -6.30 22.02 3.22
C LEU D 235 -5.88 21.00 2.18
N ASN D 236 -6.07 19.70 2.45
CA ASN D 236 -5.58 18.66 1.57
C ASN D 236 -6.67 17.89 0.84
N LEU D 237 -7.94 18.04 1.23
CA LEU D 237 -9.03 17.31 0.61
C LEU D 237 -10.09 18.23 0.03
N LEU D 238 -10.50 19.25 0.78
CA LEU D 238 -11.58 20.13 0.31
C LEU D 238 -11.06 21.16 -0.67
N ILE D 239 -10.04 21.93 -0.27
CA ILE D 239 -9.53 23.01 -1.13
C ILE D 239 -9.11 22.51 -2.51
N PRO D 240 -8.34 21.42 -2.65
CA PRO D 240 -8.01 20.96 -4.00
C PRO D 240 -9.24 20.62 -4.83
N CYS D 241 -10.29 20.10 -4.20
CA CYS D 241 -11.51 19.80 -4.95
C CYS D 241 -12.20 21.06 -5.43
N VAL D 242 -12.26 22.10 -4.58
CA VAL D 242 -12.81 23.38 -5.03
C VAL D 242 -12.01 23.89 -6.22
N LEU D 243 -10.68 23.82 -6.11
CA LEU D 243 -9.83 24.34 -7.17
C LEU D 243 -10.02 23.59 -8.48
N ILE D 244 -10.06 22.26 -8.42
CA ILE D 244 -10.18 21.47 -9.63
C ILE D 244 -11.57 21.63 -10.24
N SER D 245 -12.62 21.69 -9.41
CA SER D 245 -13.95 21.92 -9.93
C SER D 245 -14.05 23.27 -10.60
N ALA D 246 -13.45 24.31 -10.00
CA ALA D 246 -13.46 25.63 -10.62
C ALA D 246 -12.67 25.63 -11.92
N LEU D 247 -11.56 24.89 -11.97
CA LEU D 247 -10.77 24.81 -13.18
C LEU D 247 -11.50 24.04 -14.28
N ALA D 248 -12.40 23.14 -13.89
CA ALA D 248 -13.23 22.45 -14.89
C ALA D 248 -14.18 23.40 -15.59
N LEU D 249 -14.56 24.51 -14.95
CA LEU D 249 -15.45 25.49 -15.55
C LEU D 249 -14.76 26.32 -16.63
N LEU D 250 -13.44 26.26 -16.73
CA LEU D 250 -12.73 27.00 -17.78
C LEU D 250 -13.10 26.52 -19.17
N VAL D 251 -13.63 25.29 -19.29
CA VAL D 251 -14.05 24.79 -20.60
C VAL D 251 -15.09 25.72 -21.20
N PHE D 252 -15.81 26.45 -20.36
CA PHE D 252 -16.84 27.38 -20.81
C PHE D 252 -16.28 28.74 -21.19
N LEU D 253 -14.98 28.95 -21.07
CA LEU D 253 -14.35 30.15 -21.61
C LEU D 253 -13.50 29.88 -22.84
N LEU D 254 -13.06 28.64 -23.04
CA LEU D 254 -12.27 28.30 -24.21
C LEU D 254 -13.08 28.49 -25.48
N PRO D 255 -12.60 29.25 -26.45
CA PRO D 255 -13.27 29.31 -27.75
C PRO D 255 -13.28 27.93 -28.40
N ALA D 256 -14.41 27.62 -29.06
CA ALA D 256 -14.58 26.30 -29.65
C ALA D 256 -13.67 26.04 -30.84
N ASP D 257 -13.07 27.08 -31.41
CA ASP D 257 -12.21 26.89 -32.58
C ASP D 257 -10.97 26.09 -32.22
N SER D 258 -10.44 26.28 -31.01
CA SER D 258 -9.33 25.48 -30.53
C SER D 258 -9.88 24.17 -29.98
N GLY D 259 -9.55 23.06 -30.62
CA GLY D 259 -10.09 21.78 -30.21
C GLY D 259 -9.45 21.27 -28.93
N GLU D 260 -9.76 21.92 -27.81
CA GLU D 260 -9.14 21.57 -26.54
C GLU D 260 -10.15 21.53 -25.39
N LYS D 261 -11.42 21.83 -25.68
CA LYS D 261 -12.45 21.85 -24.65
C LYS D 261 -12.66 20.47 -24.02
N ILE D 262 -12.84 19.45 -24.86
CA ILE D 262 -13.04 18.10 -24.35
C ILE D 262 -11.79 17.62 -23.63
N SER D 263 -10.61 17.93 -24.17
CA SER D 263 -9.37 17.55 -23.51
C SER D 263 -9.30 18.14 -22.10
N LEU D 264 -9.59 19.44 -21.98
CA LEU D 264 -9.58 20.09 -20.67
C LEU D 264 -10.55 19.42 -19.72
N GLY D 265 -11.82 19.31 -20.12
CA GLY D 265 -12.82 18.77 -19.23
C GLY D 265 -12.52 17.35 -18.80
N ILE D 266 -12.07 16.53 -19.74
CA ILE D 266 -11.89 15.11 -19.45
C ILE D 266 -10.61 14.86 -18.65
N THR D 267 -9.55 15.62 -18.92
CA THR D 267 -8.36 15.50 -18.08
C THR D 267 -8.65 15.97 -16.66
N VAL D 268 -9.48 17.01 -16.51
CA VAL D 268 -9.90 17.42 -15.16
C VAL D 268 -10.68 16.30 -14.49
N LEU D 269 -11.58 15.64 -15.23
CA LEU D 269 -12.34 14.54 -14.67
C LEU D 269 -11.42 13.39 -14.25
N LEU D 270 -10.40 13.10 -15.05
CA LEU D 270 -9.45 12.04 -14.69
C LEU D 270 -8.67 12.40 -13.43
N SER D 271 -8.22 13.66 -13.33
CA SER D 271 -7.53 14.08 -12.11
C SER D 271 -8.43 13.95 -10.89
N LEU D 272 -9.70 14.35 -11.02
CA LEU D 272 -10.63 14.19 -9.92
C LEU D 272 -10.86 12.73 -9.59
N THR D 273 -10.87 11.86 -10.60
CA THR D 273 -11.00 10.43 -10.35
C THR D 273 -9.84 9.92 -9.50
N VAL D 274 -8.62 10.31 -9.86
CA VAL D 274 -7.45 9.90 -9.09
C VAL D 274 -7.55 10.41 -7.65
N PHE D 275 -7.92 11.69 -7.50
CA PHE D 275 -8.02 12.27 -6.17
C PHE D 275 -9.06 11.57 -5.32
N MET D 276 -10.24 11.31 -5.89
CA MET D 276 -11.31 10.69 -5.12
C MET D 276 -10.97 9.24 -4.79
N LEU D 277 -10.26 8.54 -5.67
CA LEU D 277 -9.82 7.18 -5.36
C LEU D 277 -8.85 7.20 -4.18
N ALA D 278 -7.87 8.10 -4.23
CA ALA D 278 -6.91 8.19 -3.13
C ALA D 278 -7.60 8.54 -1.82
N VAL D 279 -8.59 9.43 -1.86
CA VAL D 279 -9.27 9.81 -0.62
C VAL D 279 -10.11 8.65 -0.10
N ALA D 280 -10.87 8.00 -0.97
CA ALA D 280 -11.71 6.89 -0.56
C ALA D 280 -10.90 5.71 -0.07
N GLU D 281 -9.61 5.67 -0.39
CA GLU D 281 -8.75 4.62 0.17
C GLU D 281 -8.68 4.67 1.69
N ILE D 282 -8.99 5.80 2.32
CA ILE D 282 -8.77 5.98 3.75
C ILE D 282 -10.05 6.04 4.56
N MET D 283 -11.21 5.77 3.95
CA MET D 283 -12.44 5.87 4.71
C MET D 283 -13.03 4.49 5.00
N PRO D 284 -13.76 4.34 6.11
CA PRO D 284 -14.37 3.05 6.41
C PRO D 284 -15.44 2.69 5.40
N ALA D 285 -15.62 1.39 5.22
CA ALA D 285 -16.65 0.87 4.31
C ALA D 285 -17.97 0.69 5.06
N THR D 286 -18.38 1.76 5.73
CA THR D 286 -19.61 1.76 6.51
C THR D 286 -20.78 2.12 5.61
N SER D 287 -21.98 1.66 5.99
CA SER D 287 -23.20 1.92 5.25
C SER D 287 -24.29 2.51 6.13
N ASP D 288 -23.94 3.02 7.30
CA ASP D 288 -24.93 3.66 8.15
C ASP D 288 -25.49 4.91 7.47
N SER D 289 -24.63 5.73 6.88
CA SER D 289 -25.06 6.93 6.19
C SER D 289 -23.97 7.36 5.22
N VAL D 290 -24.36 8.21 4.27
CA VAL D 290 -23.41 8.74 3.29
C VAL D 290 -22.54 9.79 3.96
N PRO D 291 -21.22 9.66 3.90
CA PRO D 291 -20.35 10.68 4.50
C PRO D 291 -20.46 12.00 3.77
N LEU D 292 -20.22 13.08 4.53
CA LEU D 292 -20.31 14.42 3.96
C LEU D 292 -19.33 14.62 2.82
N ILE D 293 -18.10 14.11 2.98
CA ILE D 293 -17.13 14.24 1.90
C ILE D 293 -17.54 13.39 0.71
N ALA D 294 -18.25 12.28 0.94
CA ALA D 294 -18.76 11.51 -0.19
C ALA D 294 -19.83 12.27 -0.96
N GLN D 295 -20.74 12.94 -0.25
CA GLN D 295 -21.71 13.79 -0.94
C GLN D 295 -21.01 14.91 -1.70
N TYR D 296 -19.98 15.49 -1.08
CA TYR D 296 -19.21 16.55 -1.74
C TYR D 296 -18.57 16.05 -3.03
N PHE D 297 -17.95 14.87 -2.98
CA PHE D 297 -17.31 14.32 -4.18
C PHE D 297 -18.34 13.95 -5.23
N ALA D 298 -19.50 13.47 -4.80
CA ALA D 298 -20.57 13.19 -5.76
C ALA D 298 -21.00 14.46 -6.46
N SER D 299 -21.14 15.56 -5.71
CA SER D 299 -21.52 16.83 -6.33
C SER D 299 -20.45 17.29 -7.32
N THR D 300 -19.18 17.19 -6.95
CA THR D 300 -18.11 17.60 -7.85
C THR D 300 -18.08 16.75 -9.12
N MET D 301 -18.23 15.43 -8.97
CA MET D 301 -18.24 14.54 -10.13
C MET D 301 -19.41 14.85 -11.04
N ILE D 302 -20.59 15.08 -10.46
CA ILE D 302 -21.77 15.39 -11.26
C ILE D 302 -21.56 16.71 -12.00
N ILE D 303 -20.98 17.71 -11.33
CA ILE D 303 -20.76 19.00 -11.97
C ILE D 303 -19.81 18.86 -13.15
N VAL D 304 -18.71 18.12 -12.96
CA VAL D 304 -17.74 17.95 -14.04
C VAL D 304 -18.35 17.17 -15.20
N GLY D 305 -19.10 16.10 -14.90
CA GLY D 305 -19.72 15.33 -15.96
C GLY D 305 -20.74 16.13 -16.75
N LEU D 306 -21.57 16.91 -16.05
CA LEU D 306 -22.52 17.77 -16.74
C LEU D 306 -21.82 18.86 -17.54
N SER D 307 -20.67 19.34 -17.06
CA SER D 307 -19.89 20.29 -17.85
C SER D 307 -19.42 19.64 -19.14
N VAL D 308 -18.98 18.39 -19.08
CA VAL D 308 -18.57 17.69 -20.29
C VAL D 308 -19.76 17.50 -21.24
N VAL D 309 -20.92 17.17 -20.69
CA VAL D 309 -22.11 17.00 -21.52
C VAL D 309 -22.47 18.32 -22.22
N VAL D 310 -22.44 19.42 -21.47
CA VAL D 310 -22.75 20.72 -22.06
C VAL D 310 -21.70 21.09 -23.10
N THR D 311 -20.44 20.72 -22.88
CA THR D 311 -19.41 20.96 -23.88
C THR D 311 -19.71 20.21 -25.16
N VAL D 312 -20.19 18.96 -25.02
CA VAL D 312 -20.57 18.19 -26.21
C VAL D 312 -21.72 18.88 -26.94
N ILE D 313 -22.71 19.38 -26.20
CA ILE D 313 -23.83 20.09 -26.82
C ILE D 313 -23.33 21.35 -27.53
N VAL D 314 -22.42 22.08 -26.89
CA VAL D 314 -21.87 23.31 -27.48
C VAL D 314 -21.12 22.99 -28.76
N LEU D 315 -20.35 21.90 -28.77
CA LEU D 315 -19.63 21.54 -29.98
C LEU D 315 -20.56 21.05 -31.07
N GLN D 316 -21.68 20.42 -30.70
CA GLN D 316 -22.71 20.11 -31.70
C GLN D 316 -23.25 21.39 -32.32
N TYR D 317 -23.52 22.39 -31.49
CA TYR D 317 -24.05 23.64 -32.02
C TYR D 317 -23.02 24.38 -32.86
N HIS D 318 -21.73 24.29 -32.49
CA HIS D 318 -20.69 25.00 -33.22
C HIS D 318 -20.41 24.36 -34.57
N HIS D 319 -20.22 23.04 -34.59
CA HIS D 319 -19.96 22.31 -35.83
C HIS D 319 -21.27 21.81 -36.42
N HIS D 320 -22.12 22.76 -36.77
CA HIS D 320 -23.40 22.49 -37.42
C HIS D 320 -23.31 22.95 -38.87
N ASP D 321 -23.32 22.01 -39.79
CA ASP D 321 -23.18 22.35 -41.20
C ASP D 321 -24.40 23.13 -41.67
N PRO D 322 -24.21 24.13 -42.53
CA PRO D 322 -25.36 24.96 -42.95
C PRO D 322 -26.41 24.19 -43.73
N ASP D 323 -26.04 23.11 -44.42
CA ASP D 323 -26.98 22.39 -45.27
C ASP D 323 -27.85 21.39 -44.51
N GLY D 324 -27.60 21.17 -43.23
CA GLY D 324 -28.40 20.21 -42.47
C GLY D 324 -29.84 20.63 -42.34
N GLY D 325 -30.09 21.91 -42.14
CA GLY D 325 -31.44 22.41 -41.99
C GLY D 325 -31.45 23.73 -41.26
N LYS D 326 -32.56 24.46 -41.43
CA LYS D 326 -32.71 25.75 -40.79
C LYS D 326 -32.83 25.59 -39.28
N MET D 327 -32.28 26.57 -38.55
CA MET D 327 -32.39 26.55 -37.10
C MET D 327 -33.86 26.70 -36.70
N PRO D 328 -34.33 25.89 -35.75
CA PRO D 328 -35.75 25.98 -35.35
C PRO D 328 -36.10 27.38 -34.88
N LYS D 329 -37.35 27.79 -35.17
CA LYS D 329 -37.75 29.17 -34.90
C LYS D 329 -37.70 29.48 -33.41
N TRP D 330 -38.14 28.55 -32.57
CA TRP D 330 -38.19 28.82 -31.13
C TRP D 330 -36.80 29.01 -30.55
N THR D 331 -35.90 28.05 -30.79
CA THR D 331 -34.54 28.20 -30.26
C THR D 331 -33.84 29.39 -30.89
N ARG D 332 -34.12 29.66 -32.16
CA ARG D 332 -33.55 30.83 -32.83
C ARG D 332 -33.94 32.10 -32.09
N VAL D 333 -35.25 32.30 -31.85
CA VAL D 333 -35.69 33.56 -31.27
C VAL D 333 -35.19 33.68 -29.83
N ILE D 334 -35.28 32.60 -29.04
CA ILE D 334 -34.85 32.72 -27.65
C ILE D 334 -33.34 32.97 -27.57
N LEU D 335 -32.54 32.19 -28.29
CA LEU D 335 -31.09 32.28 -28.14
C LEU D 335 -30.50 33.48 -28.86
N LEU D 336 -31.25 34.12 -29.76
CA LEU D 336 -30.73 35.31 -30.41
C LEU D 336 -31.36 36.60 -29.89
N ASN D 337 -32.43 36.53 -29.10
CA ASN D 337 -33.03 37.73 -28.53
C ASN D 337 -32.94 37.75 -27.01
N TRP D 338 -33.48 36.74 -26.32
CA TRP D 338 -33.63 36.85 -24.87
C TRP D 338 -32.29 36.75 -24.17
N CYS D 339 -31.47 35.76 -24.53
CA CYS D 339 -30.17 35.62 -23.91
C CYS D 339 -29.23 36.73 -24.33
N ALA D 340 -29.35 37.21 -25.57
CA ALA D 340 -28.54 38.34 -26.01
C ALA D 340 -28.88 39.60 -25.22
N TRP D 341 -30.17 39.83 -24.97
CA TRP D 341 -30.58 40.96 -24.14
C TRP D 341 -30.09 40.79 -22.72
N PHE D 342 -30.13 39.56 -22.21
CA PHE D 342 -29.69 39.29 -20.84
C PHE D 342 -28.19 39.52 -20.72
N LEU D 343 -27.41 38.93 -21.62
CA LEU D 343 -25.96 38.98 -21.53
C LEU D 343 -25.35 40.20 -22.23
N ARG D 344 -26.17 41.01 -22.89
CA ARG D 344 -25.70 42.21 -23.58
C ARG D 344 -24.58 41.89 -24.58
N MET D 345 -24.76 40.82 -25.33
CA MET D 345 -23.77 40.42 -26.32
C MET D 345 -24.03 41.11 -27.66
N LYS D 346 -22.94 41.39 -28.37
CA LYS D 346 -23.01 42.07 -29.66
C LYS D 346 -23.34 41.06 -30.76
N ARG D 347 -24.40 41.34 -31.50
CA ARG D 347 -24.78 40.49 -32.62
C ARG D 347 -23.99 40.89 -33.86
N PRO D 348 -23.16 40.01 -34.41
CA PRO D 348 -22.39 40.38 -35.61
C PRO D 348 -23.30 40.69 -36.79
N GLY D 349 -22.89 41.68 -37.58
CA GLY D 349 -23.65 42.10 -38.74
C GLY D 349 -24.87 42.93 -38.39
N ASP D 430 -19.08 38.46 -80.63
CA ASP D 430 -20.19 38.87 -79.79
C ASP D 430 -20.63 37.77 -78.80
N PRO D 431 -20.86 36.54 -79.25
CA PRO D 431 -21.25 35.48 -78.31
C PRO D 431 -20.19 35.21 -77.24
N ASP D 432 -18.91 35.40 -77.58
CA ASP D 432 -17.85 35.14 -76.61
C ASP D 432 -17.97 36.05 -75.40
N LEU D 433 -18.28 37.33 -75.63
CA LEU D 433 -18.44 38.27 -74.53
C LEU D 433 -19.56 37.84 -73.59
N ALA D 434 -20.71 37.48 -74.15
CA ALA D 434 -21.84 37.08 -73.32
C ALA D 434 -21.56 35.77 -72.59
N LYS D 435 -20.83 34.85 -73.22
CA LYS D 435 -20.54 33.58 -72.58
C LYS D 435 -19.53 33.75 -71.44
N ILE D 436 -18.50 34.57 -71.66
CA ILE D 436 -17.60 34.92 -70.56
C ILE D 436 -18.38 35.61 -69.44
N LEU D 437 -19.34 36.46 -69.83
CA LEU D 437 -20.19 37.13 -68.85
C LEU D 437 -20.94 36.13 -67.99
N GLU D 438 -21.56 35.13 -68.61
CA GLU D 438 -22.31 34.16 -67.83
C GLU D 438 -21.38 33.28 -67.00
N GLU D 439 -20.16 33.05 -67.46
CA GLU D 439 -19.21 32.26 -66.67
C GLU D 439 -18.78 33.01 -65.41
N VAL D 440 -18.47 34.30 -65.56
CA VAL D 440 -18.17 35.12 -64.39
C VAL D 440 -19.40 35.25 -63.49
N ARG D 441 -20.59 35.28 -64.09
CA ARG D 441 -21.81 35.23 -63.28
C ARG D 441 -21.88 33.96 -62.45
N TYR D 442 -21.51 32.83 -63.04
CA TYR D 442 -21.47 31.58 -62.27
C TYR D 442 -20.49 31.69 -61.10
N ILE D 443 -19.30 32.22 -61.35
CA ILE D 443 -18.31 32.32 -60.29
C ILE D 443 -18.81 33.23 -59.16
N ALA D 444 -19.40 34.38 -59.54
CA ALA D 444 -19.91 35.31 -58.54
C ALA D 444 -21.05 34.70 -57.74
N ASN D 445 -21.96 33.98 -58.41
CA ASN D 445 -23.07 33.35 -57.69
C ASN D 445 -22.56 32.28 -56.75
N ARG D 446 -21.54 31.53 -57.16
CA ARG D 446 -20.93 30.56 -56.25
C ARG D 446 -20.35 31.25 -55.02
N PHE D 447 -19.68 32.37 -55.22
CA PHE D 447 -19.12 33.10 -54.09
C PHE D 447 -20.22 33.63 -53.17
N ARG D 448 -21.32 34.12 -53.75
CA ARG D 448 -22.43 34.61 -52.93
C ARG D 448 -23.06 33.49 -52.12
N CYS D 449 -23.26 32.32 -52.72
CA CYS D 449 -23.81 31.19 -51.98
C CYS D 449 -22.86 30.76 -50.87
N GLN D 450 -21.56 30.78 -51.14
CA GLN D 450 -20.57 30.48 -50.11
C GLN D 450 -20.67 31.48 -48.95
N ASP D 451 -20.86 32.76 -49.28
CA ASP D 451 -20.99 33.77 -48.24
C ASP D 451 -22.24 33.55 -47.40
N GLU D 452 -23.35 33.19 -48.04
CA GLU D 452 -24.57 32.92 -47.30
C GLU D 452 -24.40 31.73 -46.36
N SER D 453 -23.77 30.66 -46.84
CA SER D 453 -23.50 29.51 -45.98
C SER D 453 -22.58 29.88 -44.82
N GLU D 454 -21.57 30.70 -45.10
CA GLU D 454 -20.68 31.15 -44.03
C GLU D 454 -21.43 31.98 -42.99
N ALA D 455 -22.35 32.83 -43.44
CA ALA D 455 -23.15 33.61 -42.50
C ALA D 455 -24.02 32.72 -41.63
N VAL D 456 -24.64 31.70 -42.21
CA VAL D 456 -25.46 30.78 -41.44
C VAL D 456 -24.60 30.05 -40.41
N CYS D 457 -23.42 29.59 -40.83
CA CYS D 457 -22.53 28.90 -39.89
C CYS D 457 -22.07 29.83 -38.77
N SER D 458 -21.80 31.09 -39.09
CA SER D 458 -21.41 32.05 -38.06
C SER D 458 -22.54 32.29 -37.07
N GLU D 459 -23.79 32.33 -37.57
CA GLU D 459 -24.93 32.45 -36.67
C GLU D 459 -25.03 31.25 -35.74
N TRP D 460 -24.79 30.04 -36.27
CA TRP D 460 -24.77 28.86 -35.42
C TRP D 460 -23.67 28.95 -34.37
N LYS D 461 -22.49 29.43 -34.77
CA LYS D 461 -21.39 29.58 -33.82
C LYS D 461 -21.73 30.58 -32.71
N PHE D 462 -22.39 31.68 -33.08
CA PHE D 462 -22.80 32.64 -32.06
C PHE D 462 -23.82 32.04 -31.11
N ALA D 463 -24.75 31.23 -31.63
CA ALA D 463 -25.69 30.54 -30.75
C ALA D 463 -24.95 29.62 -29.79
N ALA D 464 -23.94 28.91 -30.29
CA ALA D 464 -23.13 28.06 -29.42
C ALA D 464 -22.44 28.88 -28.34
N CYS D 465 -21.89 30.04 -28.70
CA CYS D 465 -21.24 30.89 -27.71
C CYS D 465 -22.22 31.37 -26.65
N VAL D 466 -23.45 31.73 -27.06
CA VAL D 466 -24.44 32.22 -26.11
C VAL D 466 -24.81 31.11 -25.13
N VAL D 467 -25.07 29.90 -25.66
CA VAL D 467 -25.35 28.76 -24.79
C VAL D 467 -24.19 28.53 -23.83
N ASP D 468 -22.97 28.63 -24.34
CA ASP D 468 -21.78 28.37 -23.53
C ASP D 468 -21.69 29.36 -22.38
N ARG D 469 -21.90 30.65 -22.66
CA ARG D 469 -21.79 31.67 -21.62
C ARG D 469 -22.89 31.51 -20.56
N LEU D 470 -24.13 31.31 -20.99
CA LEU D 470 -25.21 31.15 -20.03
C LEU D 470 -24.99 29.93 -19.15
N CYS D 471 -24.50 28.84 -19.75
CA CYS D 471 -24.26 27.64 -18.97
C CYS D 471 -23.06 27.82 -18.04
N LEU D 472 -22.08 28.63 -18.43
CA LEU D 472 -21.00 28.96 -17.51
C LEU D 472 -21.53 29.65 -16.27
N MET D 473 -22.38 30.66 -16.46
CA MET D 473 -22.95 31.36 -15.31
C MET D 473 -23.74 30.40 -14.43
N ALA D 474 -24.57 29.56 -15.06
CA ALA D 474 -25.38 28.62 -14.29
C ALA D 474 -24.52 27.65 -13.49
N PHE D 475 -23.48 27.09 -14.14
CA PHE D 475 -22.62 26.13 -13.46
C PHE D 475 -21.84 26.77 -12.32
N SER D 476 -21.34 27.99 -12.53
CA SER D 476 -20.62 28.66 -11.45
C SER D 476 -21.51 28.88 -10.24
N VAL D 477 -22.73 29.39 -10.49
CA VAL D 477 -23.66 29.64 -9.38
C VAL D 477 -24.01 28.33 -8.68
N PHE D 478 -24.28 27.28 -9.46
CA PHE D 478 -24.69 26.01 -8.87
C PHE D 478 -23.55 25.42 -8.04
N THR D 479 -22.32 25.48 -8.54
CA THR D 479 -21.18 24.95 -7.81
C THR D 479 -20.98 25.67 -6.49
N ILE D 480 -21.01 27.01 -6.54
CA ILE D 480 -20.83 27.79 -5.30
C ILE D 480 -21.93 27.45 -4.30
N ILE D 481 -23.18 27.41 -4.77
CA ILE D 481 -24.31 27.15 -3.88
C ILE D 481 -24.21 25.76 -3.28
N CYS D 482 -23.88 24.76 -4.10
CA CYS D 482 -23.83 23.39 -3.61
C CYS D 482 -22.71 23.20 -2.60
N THR D 483 -21.52 23.73 -2.89
CA THR D 483 -20.43 23.58 -1.94
C THR D 483 -20.74 24.30 -0.62
N ILE D 484 -21.26 25.52 -0.71
CA ILE D 484 -21.60 26.27 0.51
C ILE D 484 -22.65 25.52 1.32
N GLY D 485 -23.69 25.01 0.66
CA GLY D 485 -24.73 24.29 1.38
C GLY D 485 -24.24 23.01 2.02
N ILE D 486 -23.42 22.25 1.28
CA ILE D 486 -22.90 20.99 1.83
C ILE D 486 -22.04 21.26 3.04
N LEU D 487 -21.16 22.26 2.97
CA LEU D 487 -20.31 22.56 4.12
C LEU D 487 -21.10 23.16 5.26
N MET D 488 -22.19 23.89 4.97
CA MET D 488 -23.05 24.40 6.03
C MET D 488 -23.80 23.29 6.73
N SER D 489 -24.15 22.22 6.01
CA SER D 489 -25.00 21.17 6.56
C SER D 489 -24.37 20.51 7.79
N ALA D 490 -23.05 20.42 7.83
CA ALA D 490 -22.38 19.81 8.98
C ALA D 490 -22.55 20.70 10.21
N PRO D 491 -23.08 20.17 11.31
CA PRO D 491 -23.13 20.96 12.55
C PRO D 491 -21.73 21.20 13.09
N ASN D 492 -21.63 22.20 13.95
CA ASN D 492 -20.38 22.68 14.56
C ASN D 492 -19.31 23.01 13.52
N PHE D 493 -19.71 23.17 12.26
CA PHE D 493 -18.75 23.55 11.23
C PHE D 493 -18.18 24.94 11.50
N VAL D 494 -19.04 25.88 11.92
CA VAL D 494 -18.58 27.25 12.13
C VAL D 494 -17.58 27.30 13.29
N GLU D 495 -17.82 26.54 14.35
CA GLU D 495 -16.87 26.53 15.46
C GLU D 495 -15.62 25.76 15.11
N ALA D 496 -15.73 24.72 14.28
CA ALA D 496 -14.53 24.04 13.80
C ALA D 496 -13.64 24.98 13.01
N VAL D 497 -14.25 25.77 12.11
CA VAL D 497 -13.49 26.74 11.35
C VAL D 497 -12.86 27.78 12.27
N SER D 498 -13.65 28.30 13.21
CA SER D 498 -13.14 29.33 14.12
C SER D 498 -11.97 28.81 14.94
N LYS D 499 -12.05 27.56 15.39
CA LYS D 499 -10.99 27.00 16.23
C LYS D 499 -9.76 26.61 15.41
N ASP D 500 -9.92 26.16 14.17
CA ASP D 500 -8.78 25.70 13.39
C ASP D 500 -8.13 26.83 12.59
N PHE D 501 -8.88 27.47 11.69
CA PHE D 501 -8.29 28.46 10.81
C PHE D 501 -8.10 29.79 11.52
N ALA D 502 -9.17 30.38 12.03
CA ALA D 502 -9.09 31.65 12.75
C ALA D 502 -8.37 31.48 14.07
N GLY E 23 -11.52 -13.28 54.60
CA GLY E 23 -11.95 -13.62 55.94
C GLY E 23 -11.40 -14.95 56.41
N GLU E 24 -11.58 -15.24 57.70
CA GLU E 24 -11.11 -16.51 58.24
C GLU E 24 -11.84 -17.69 57.60
N PHE E 25 -13.15 -17.56 57.41
CA PHE E 25 -13.91 -18.64 56.79
C PHE E 25 -13.48 -18.86 55.35
N GLN E 26 -13.30 -17.79 54.59
CA GLN E 26 -12.87 -17.93 53.21
C GLN E 26 -11.47 -18.53 53.12
N ARG E 27 -10.57 -18.10 54.01
CA ARG E 27 -9.22 -18.65 54.01
C ARG E 27 -9.23 -20.14 54.33
N LYS E 28 -10.02 -20.54 55.33
CA LYS E 28 -10.12 -21.95 55.67
C LYS E 28 -10.73 -22.75 54.52
N LEU E 29 -11.74 -22.21 53.87
CA LEU E 29 -12.38 -22.91 52.75
C LEU E 29 -11.40 -23.09 51.60
N TYR E 30 -10.64 -22.05 51.29
CA TYR E 30 -9.65 -22.17 50.22
C TYR E 30 -8.55 -23.16 50.58
N LYS E 31 -8.11 -23.15 51.84
CA LYS E 31 -7.07 -24.08 52.26
C LYS E 31 -7.56 -25.52 52.18
N GLU E 32 -8.80 -25.78 52.60
CA GLU E 32 -9.31 -27.15 52.61
C GLU E 32 -9.76 -27.60 51.23
N LEU E 33 -10.13 -26.67 50.35
CA LEU E 33 -10.65 -27.05 49.04
C LEU E 33 -9.56 -27.57 48.14
N VAL E 34 -8.38 -26.93 48.14
CA VAL E 34 -7.30 -27.34 47.26
C VAL E 34 -6.60 -28.59 47.79
N LYS E 35 -6.81 -28.94 49.05
CA LYS E 35 -6.17 -30.12 49.63
C LYS E 35 -6.57 -31.37 48.86
N ASN E 36 -5.56 -32.17 48.48
CA ASN E 36 -5.77 -33.41 47.75
C ASN E 36 -6.58 -33.19 46.47
N TYR E 37 -6.28 -32.10 45.76
CA TYR E 37 -6.94 -31.78 44.51
C TYR E 37 -5.94 -31.84 43.36
N ASN E 38 -6.30 -32.58 42.32
CA ASN E 38 -5.44 -32.75 41.15
C ASN E 38 -6.06 -32.02 39.97
N PRO E 39 -5.43 -30.98 39.43
CA PRO E 39 -6.02 -30.27 38.29
C PRO E 39 -6.14 -31.12 37.03
N LEU E 40 -5.38 -32.21 36.93
CA LEU E 40 -5.46 -33.05 35.74
C LEU E 40 -6.70 -33.95 35.76
N GLU E 41 -7.14 -34.36 36.94
CA GLU E 41 -8.22 -35.32 37.05
C GLU E 41 -9.54 -34.72 36.56
N ARG E 42 -10.30 -35.50 35.82
CA ARG E 42 -11.63 -35.09 35.40
C ARG E 42 -12.56 -35.12 36.62
N PRO E 43 -13.23 -34.02 36.94
CA PRO E 43 -14.01 -33.95 38.19
C PRO E 43 -15.36 -34.65 38.12
N VAL E 44 -15.33 -35.98 38.21
CA VAL E 44 -16.53 -36.80 38.22
C VAL E 44 -16.48 -37.74 39.42
N ALA E 45 -17.66 -38.06 39.95
CA ALA E 45 -17.73 -39.00 41.07
C ALA E 45 -17.55 -40.44 40.58
N ASN E 46 -18.11 -40.75 39.42
CA ASN E 46 -18.00 -42.08 38.82
C ASN E 46 -17.20 -41.95 37.52
N ASP E 47 -16.08 -42.66 37.44
CA ASP E 47 -15.16 -42.50 36.32
C ASP E 47 -15.80 -42.96 35.01
N SER E 48 -16.62 -44.01 35.06
CA SER E 48 -17.20 -44.55 33.84
C SER E 48 -18.16 -43.55 33.19
N GLN E 49 -18.91 -42.80 33.98
CA GLN E 49 -19.85 -41.85 33.43
C GLN E 49 -19.11 -40.66 32.82
N PRO E 50 -19.59 -40.12 31.70
CA PRO E 50 -18.97 -38.92 31.13
C PRO E 50 -19.39 -37.67 31.89
N LEU E 51 -18.63 -36.61 31.69
CA LEU E 51 -18.88 -35.33 32.33
C LEU E 51 -19.64 -34.43 31.37
N THR E 52 -20.76 -33.89 31.82
CA THR E 52 -21.59 -33.04 30.98
C THR E 52 -21.05 -31.61 31.02
N VAL E 53 -20.76 -31.06 29.85
CA VAL E 53 -20.28 -29.69 29.72
C VAL E 53 -21.21 -28.95 28.78
N TYR E 54 -21.78 -27.84 29.27
CA TYR E 54 -22.70 -27.02 28.48
C TYR E 54 -21.90 -25.88 27.85
N PHE E 55 -21.69 -25.97 26.54
CA PHE E 55 -20.91 -24.98 25.81
C PHE E 55 -21.85 -24.06 25.06
N SER E 56 -21.62 -22.75 25.18
CA SER E 56 -22.40 -21.75 24.47
C SER E 56 -21.43 -20.71 23.92
N LEU E 57 -21.97 -19.60 23.43
CA LEU E 57 -21.15 -18.53 22.88
C LEU E 57 -21.93 -17.24 22.92
N SER E 58 -21.22 -16.13 23.10
CA SER E 58 -21.83 -14.81 23.23
C SER E 58 -21.15 -13.88 22.24
N LEU E 59 -21.69 -13.80 21.03
CA LEU E 59 -21.16 -12.91 20.01
C LEU E 59 -21.37 -11.46 20.42
N LEU E 60 -20.35 -10.63 20.21
CA LEU E 60 -20.42 -9.22 20.55
C LEU E 60 -20.19 -8.30 19.36
N GLN E 61 -19.26 -8.62 18.48
CA GLN E 61 -18.94 -7.73 17.37
C GLN E 61 -18.18 -8.50 16.32
N ILE E 62 -18.57 -8.33 15.05
CA ILE E 62 -17.81 -8.84 13.91
C ILE E 62 -16.83 -7.73 13.56
N MET E 63 -15.67 -7.73 14.21
CA MET E 63 -14.74 -6.61 14.07
C MET E 63 -14.21 -6.49 12.66
N ASP E 64 -13.93 -7.62 12.01
CA ASP E 64 -13.36 -7.57 10.66
C ASP E 64 -13.59 -8.90 9.98
N VAL E 65 -13.83 -8.85 8.68
CA VAL E 65 -13.84 -10.02 7.82
C VAL E 65 -13.02 -9.70 6.57
N ASP E 66 -12.06 -10.57 6.27
CA ASP E 66 -11.11 -10.34 5.19
C ASP E 66 -11.50 -11.23 4.01
N GLU E 67 -12.12 -10.62 2.99
CA GLU E 67 -12.45 -11.36 1.78
C GLU E 67 -11.19 -11.88 1.09
N LYS E 68 -10.15 -11.04 1.03
CA LYS E 68 -8.91 -11.44 0.38
C LYS E 68 -8.22 -12.56 1.13
N ASN E 69 -8.20 -12.49 2.46
CA ASN E 69 -7.52 -13.48 3.28
C ASN E 69 -8.42 -14.62 3.72
N GLN E 70 -9.73 -14.55 3.45
CA GLN E 70 -10.68 -15.59 3.84
C GLN E 70 -10.64 -15.87 5.33
N VAL E 71 -10.55 -14.81 6.13
CA VAL E 71 -10.51 -14.92 7.59
C VAL E 71 -11.66 -14.08 8.15
N LEU E 72 -12.19 -14.51 9.29
CA LEU E 72 -13.24 -13.78 9.99
C LEU E 72 -12.77 -13.49 11.42
N THR E 73 -12.77 -12.22 11.79
CA THR E 73 -12.30 -11.78 13.09
C THR E 73 -13.50 -11.35 13.92
N THR E 74 -13.73 -12.04 15.04
CA THR E 74 -14.90 -11.82 15.87
C THR E 74 -14.48 -11.64 17.32
N ASN E 75 -15.31 -10.92 18.07
CA ASN E 75 -15.11 -10.67 19.49
C ASN E 75 -16.23 -11.40 20.23
N ILE E 76 -15.93 -12.59 20.76
CA ILE E 76 -16.94 -13.44 21.38
C ILE E 76 -16.48 -13.85 22.76
N TRP E 77 -17.46 -14.21 23.59
CA TRP E 77 -17.22 -14.76 24.92
C TRP E 77 -17.69 -16.21 24.92
N LEU E 78 -16.76 -17.15 25.03
CA LEU E 78 -17.15 -18.53 25.21
C LEU E 78 -17.81 -18.71 26.57
N GLN E 79 -18.80 -19.60 26.62
CA GLN E 79 -19.51 -19.88 27.85
C GLN E 79 -19.48 -21.38 28.12
N MET E 80 -18.84 -21.76 29.21
CA MET E 80 -18.74 -23.17 29.60
C MET E 80 -19.26 -23.34 31.01
N SER E 81 -19.81 -24.51 31.29
CA SER E 81 -20.38 -24.80 32.60
C SER E 81 -20.36 -26.30 32.83
N TRP E 82 -19.90 -26.71 34.00
CA TRP E 82 -19.87 -28.12 34.35
C TRP E 82 -19.89 -28.24 35.87
N THR E 83 -20.10 -29.46 36.34
CA THR E 83 -20.23 -29.73 37.77
C THR E 83 -18.96 -30.40 38.27
N ASP E 84 -18.38 -29.85 39.33
CA ASP E 84 -17.22 -30.43 39.99
C ASP E 84 -17.68 -31.19 41.22
N HIS E 85 -17.28 -32.46 41.32
CA HIS E 85 -17.65 -33.25 42.49
C HIS E 85 -16.83 -32.85 43.71
N TYR E 86 -15.63 -32.29 43.50
CA TYR E 86 -14.72 -32.01 44.60
C TYR E 86 -14.84 -30.59 45.13
N LEU E 87 -15.36 -29.66 44.34
CA LEU E 87 -15.45 -28.25 44.74
C LEU E 87 -16.80 -27.95 45.37
N GLN E 88 -17.11 -28.70 46.43
CA GLN E 88 -18.38 -28.58 47.13
C GLN E 88 -18.13 -28.33 48.60
N TRP E 89 -19.01 -27.55 49.23
CA TRP E 89 -18.90 -27.27 50.65
C TRP E 89 -20.27 -26.87 51.17
N ASN E 90 -20.39 -26.92 52.50
CA ASN E 90 -21.63 -26.54 53.17
C ASN E 90 -21.53 -25.08 53.62
N VAL E 91 -22.52 -24.27 53.22
CA VAL E 91 -22.51 -22.86 53.53
C VAL E 91 -22.67 -22.62 55.04
N SER E 92 -23.18 -23.61 55.77
CA SER E 92 -23.35 -23.44 57.21
C SER E 92 -22.01 -23.22 57.90
N GLU E 93 -20.98 -23.97 57.51
CA GLU E 93 -19.67 -23.81 58.11
C GLU E 93 -18.88 -22.63 57.52
N TYR E 94 -19.31 -22.08 56.40
CA TYR E 94 -18.68 -20.91 55.77
C TYR E 94 -19.79 -19.90 55.50
N PRO E 95 -20.23 -19.17 56.53
CA PRO E 95 -21.46 -18.36 56.38
C PRO E 95 -21.37 -17.30 55.30
N GLY E 96 -20.23 -16.66 55.13
CA GLY E 96 -20.12 -15.55 54.20
C GLY E 96 -19.78 -15.96 52.78
N VAL E 97 -19.15 -17.11 52.62
CA VAL E 97 -18.62 -17.53 51.33
C VAL E 97 -19.71 -18.25 50.54
N LYS E 98 -20.04 -17.73 49.36
CA LYS E 98 -20.98 -18.36 48.46
C LYS E 98 -20.35 -18.82 47.17
N THR E 99 -19.32 -18.15 46.67
CA THR E 99 -18.61 -18.54 45.47
C THR E 99 -17.12 -18.40 45.69
N VAL E 100 -16.34 -19.19 44.95
CA VAL E 100 -14.89 -19.08 44.96
C VAL E 100 -14.41 -19.04 43.53
N ARG E 101 -13.24 -18.45 43.32
CA ARG E 101 -12.70 -18.24 41.99
C ARG E 101 -11.30 -18.83 41.92
N PHE E 102 -11.03 -19.57 40.86
CA PHE E 102 -9.73 -20.19 40.66
C PHE E 102 -9.13 -19.73 39.34
N PRO E 103 -7.85 -19.40 39.31
CA PRO E 103 -7.21 -18.93 38.08
C PRO E 103 -6.86 -20.12 37.18
N ASP E 104 -6.17 -19.80 36.09
CA ASP E 104 -5.79 -20.83 35.12
C ASP E 104 -4.77 -21.77 35.76
N GLY E 105 -4.93 -23.06 35.49
CA GLY E 105 -3.96 -24.05 35.88
C GLY E 105 -4.09 -24.59 37.29
N GLN E 106 -5.14 -24.23 38.02
CA GLN E 106 -5.34 -24.74 39.38
C GLN E 106 -6.57 -25.61 39.55
N ILE E 107 -7.55 -25.54 38.63
CA ILE E 107 -8.65 -26.48 38.61
C ILE E 107 -8.86 -26.95 37.18
N TRP E 108 -9.50 -28.10 37.05
CA TRP E 108 -9.69 -28.71 35.74
C TRP E 108 -10.60 -27.84 34.88
N LYS E 109 -10.19 -27.64 33.62
CA LYS E 109 -10.98 -26.91 32.64
C LYS E 109 -11.00 -27.69 31.34
N PRO E 110 -12.13 -27.69 30.63
CA PRO E 110 -12.16 -28.35 29.32
C PRO E 110 -11.26 -27.64 28.32
N ASP E 111 -10.49 -28.42 27.57
CA ASP E 111 -9.63 -27.87 26.53
C ASP E 111 -10.42 -27.76 25.23
N ILE E 112 -11.34 -26.81 25.23
CA ILE E 112 -12.22 -26.58 24.09
C ILE E 112 -11.59 -25.51 23.22
N LEU E 113 -11.15 -25.90 22.02
CA LEU E 113 -10.47 -25.01 21.10
C LEU E 113 -11.33 -24.76 19.87
N LEU E 114 -11.01 -23.68 19.16
CA LEU E 114 -11.66 -23.39 17.89
C LEU E 114 -10.91 -24.15 16.80
N TYR E 115 -11.56 -25.15 16.22
CA TYR E 115 -10.88 -26.05 15.28
C TYR E 115 -10.37 -25.28 14.07
N ASN E 116 -11.23 -24.51 13.42
CA ASN E 116 -10.88 -23.80 12.20
C ASN E 116 -10.34 -22.40 12.52
N SER E 117 -9.27 -22.38 13.29
CA SER E 117 -8.66 -21.13 13.73
C SER E 117 -7.53 -20.73 12.80
N ALA E 118 -7.59 -19.50 12.31
CA ALA E 118 -6.54 -18.94 11.47
C ALA E 118 -5.64 -18.00 12.24
N ASP E 119 -5.60 -18.11 13.57
CA ASP E 119 -4.79 -17.25 14.40
C ASP E 119 -3.39 -17.82 14.57
N GLU E 120 -2.40 -16.92 14.68
CA GLU E 120 -1.01 -17.36 14.83
C GLU E 120 -0.86 -18.31 16.00
N ARG E 121 -1.41 -17.94 17.16
CA ARG E 121 -1.56 -18.87 18.27
C ARG E 121 -2.93 -19.52 18.16
N PHE E 122 -2.94 -20.86 18.20
CA PHE E 122 -4.16 -21.59 17.89
C PHE E 122 -5.28 -21.28 18.88
N ASP E 123 -4.94 -20.91 20.11
CA ASP E 123 -5.93 -20.54 21.12
C ASP E 123 -5.85 -19.04 21.35
N ALA E 124 -6.96 -18.35 21.08
CA ALA E 124 -7.02 -16.90 21.24
C ALA E 124 -7.77 -16.47 22.49
N THR E 125 -8.24 -17.41 23.30
CA THR E 125 -8.95 -17.06 24.52
C THR E 125 -8.02 -16.40 25.52
N PHE E 126 -8.60 -15.55 26.37
CA PHE E 126 -7.90 -14.96 27.49
C PHE E 126 -8.36 -15.68 28.75
N HIS E 127 -7.48 -16.49 29.33
CA HIS E 127 -7.84 -17.33 30.46
C HIS E 127 -8.15 -16.47 31.67
N THR E 128 -9.43 -16.39 32.04
CA THR E 128 -9.87 -15.64 33.20
C THR E 128 -10.15 -16.59 34.36
N ASN E 129 -10.64 -16.03 35.45
CA ASN E 129 -10.97 -16.84 36.62
C ASN E 129 -12.16 -17.74 36.32
N VAL E 130 -12.41 -18.67 37.25
CA VAL E 130 -13.42 -19.70 37.08
C VAL E 130 -14.29 -19.71 38.33
N LEU E 131 -15.55 -19.31 38.18
CA LEU E 131 -16.47 -19.27 39.31
C LEU E 131 -16.92 -20.68 39.69
N VAL E 132 -17.23 -20.85 40.97
CA VAL E 132 -17.68 -22.12 41.50
C VAL E 132 -18.88 -21.87 42.43
N ASN E 133 -19.91 -22.69 42.27
CA ASN E 133 -21.06 -22.66 43.17
C ASN E 133 -20.67 -23.07 44.58
N SER E 134 -21.61 -22.99 45.51
CA SER E 134 -21.46 -23.68 46.78
C SER E 134 -21.88 -25.14 46.68
N SER E 135 -22.44 -25.55 45.54
CA SER E 135 -22.86 -26.93 45.30
C SER E 135 -21.97 -27.64 44.28
N GLY E 136 -20.89 -27.00 43.84
CA GLY E 136 -19.96 -27.60 42.92
C GLY E 136 -20.08 -27.16 41.48
N HIS E 137 -21.21 -26.56 41.11
CA HIS E 137 -21.39 -26.11 39.74
CA HIS E 137 -21.40 -26.09 39.74
C HIS E 137 -20.36 -25.03 39.40
N CYS E 138 -19.90 -25.06 38.16
CA CYS E 138 -18.82 -24.20 37.71
C CYS E 138 -19.23 -23.38 36.50
N GLN E 139 -18.58 -22.23 36.36
CA GLN E 139 -18.81 -21.32 35.24
C GLN E 139 -17.46 -20.87 34.70
N TYR E 140 -17.42 -20.55 33.41
CA TYR E 140 -16.16 -20.16 32.77
C TYR E 140 -16.51 -19.37 31.51
N LEU E 141 -16.17 -18.08 31.50
CA LEU E 141 -16.45 -17.20 30.37
C LEU E 141 -15.17 -16.51 29.93
N PRO E 142 -14.32 -17.21 29.18
CA PRO E 142 -13.09 -16.59 28.69
C PRO E 142 -13.36 -15.76 27.45
N PRO E 143 -13.02 -14.48 27.48
CA PRO E 143 -13.17 -13.64 26.29
C PRO E 143 -12.06 -13.95 25.29
N GLY E 144 -12.04 -13.18 24.22
CA GLY E 144 -10.98 -13.30 23.23
C GLY E 144 -11.46 -12.93 21.86
N ILE E 145 -10.51 -12.52 21.03
CA ILE E 145 -10.78 -12.17 19.63
C ILE E 145 -10.31 -13.33 18.77
N PHE E 146 -11.26 -13.95 18.06
CA PHE E 146 -11.01 -15.19 17.36
C PHE E 146 -10.87 -14.92 15.86
N LYS E 147 -9.81 -15.46 15.28
CA LYS E 147 -9.59 -15.41 13.83
C LYS E 147 -9.84 -16.79 13.26
N SER E 148 -10.97 -16.96 12.59
CA SER E 148 -11.37 -18.24 12.02
C SER E 148 -11.34 -18.14 10.51
N SER E 149 -10.86 -19.21 9.86
CA SER E 149 -10.76 -19.25 8.41
C SER E 149 -12.06 -19.82 7.86
N CYS E 150 -12.90 -18.95 7.33
CA CYS E 150 -14.18 -19.33 6.76
C CYS E 150 -14.18 -19.08 5.26
N TYR E 151 -14.78 -19.99 4.51
CA TYR E 151 -14.85 -19.85 3.06
C TYR E 151 -15.82 -18.74 2.70
N ILE E 152 -15.38 -17.81 1.87
CA ILE E 152 -16.11 -16.59 1.56
C ILE E 152 -16.46 -16.59 0.07
N ASP E 153 -17.74 -16.48 -0.24
CA ASP E 153 -18.22 -16.43 -1.62
C ASP E 153 -18.29 -14.99 -2.09
N VAL E 154 -17.56 -14.67 -3.14
CA VAL E 154 -17.62 -13.37 -3.80
C VAL E 154 -18.32 -13.47 -5.15
N ARG E 155 -19.03 -14.57 -5.41
CA ARG E 155 -19.75 -14.72 -6.66
C ARG E 155 -20.83 -13.65 -6.80
N TRP E 156 -21.54 -13.35 -5.71
CA TRP E 156 -22.62 -12.39 -5.71
C TRP E 156 -22.20 -11.05 -5.12
N PHE E 157 -20.91 -10.81 -5.01
CA PHE E 157 -20.39 -9.57 -4.44
C PHE E 157 -20.87 -8.38 -5.28
N PRO E 158 -21.28 -7.27 -4.65
CA PRO E 158 -21.35 -7.00 -3.20
C PRO E 158 -22.66 -7.43 -2.55
N PHE E 159 -23.54 -8.14 -3.26
CA PHE E 159 -24.85 -8.51 -2.73
C PHE E 159 -24.85 -9.91 -2.15
N ASP E 160 -23.74 -10.31 -1.53
CA ASP E 160 -23.55 -11.66 -1.03
C ASP E 160 -23.91 -11.77 0.45
N VAL E 161 -24.40 -12.94 0.83
CA VAL E 161 -24.61 -13.32 2.22
C VAL E 161 -23.60 -14.40 2.55
N GLN E 162 -23.05 -14.35 3.76
CA GLN E 162 -21.94 -15.21 4.15
C GLN E 162 -22.33 -16.10 5.31
N HIS E 163 -21.91 -17.36 5.25
CA HIS E 163 -22.11 -18.33 6.33
C HIS E 163 -20.73 -18.81 6.77
N CYS E 164 -20.12 -18.08 7.69
CA CYS E 164 -18.82 -18.44 8.24
C CYS E 164 -19.03 -19.30 9.48
N LYS E 165 -18.40 -20.47 9.51
CA LYS E 165 -18.61 -21.45 10.56
C LYS E 165 -17.53 -21.33 11.62
N LEU E 166 -17.92 -21.48 12.88
CA LEU E 166 -17.00 -21.58 14.00
C LEU E 166 -17.16 -22.98 14.60
N LYS E 167 -16.08 -23.74 14.63
CA LYS E 167 -16.11 -25.13 15.08
C LYS E 167 -15.41 -25.23 16.43
N PHE E 168 -16.18 -25.61 17.45
CA PHE E 168 -15.67 -25.77 18.81
C PHE E 168 -15.87 -27.21 19.25
N GLY E 169 -14.94 -27.70 20.06
CA GLY E 169 -15.04 -29.05 20.58
C GLY E 169 -13.80 -29.38 21.38
N SER E 170 -13.98 -30.31 22.32
CA SER E 170 -12.87 -30.74 23.15
C SER E 170 -11.78 -31.35 22.29
N TRP E 171 -10.54 -30.93 22.53
CA TRP E 171 -9.42 -31.39 21.73
C TRP E 171 -8.99 -32.81 22.07
N SER E 172 -9.04 -33.20 23.34
CA SER E 172 -8.49 -34.48 23.77
C SER E 172 -9.44 -35.32 24.60
N TYR E 173 -10.72 -34.96 24.68
CA TYR E 173 -11.72 -35.76 25.38
C TYR E 173 -12.77 -36.22 24.40
N GLY E 174 -13.12 -37.50 24.44
CA GLY E 174 -14.08 -38.09 23.54
C GLY E 174 -15.50 -38.06 24.08
N GLY E 175 -16.36 -38.84 23.42
CA GLY E 175 -17.75 -38.89 23.82
C GLY E 175 -17.97 -39.51 25.19
N TRP E 176 -17.22 -40.57 25.50
CA TRP E 176 -17.39 -41.24 26.78
C TRP E 176 -16.74 -40.49 27.94
N SER E 177 -16.02 -39.40 27.67
CA SER E 177 -15.34 -38.65 28.71
C SER E 177 -15.98 -37.29 28.95
N LEU E 178 -16.11 -36.47 27.91
CA LEU E 178 -16.65 -35.11 28.02
C LEU E 178 -17.89 -35.03 27.13
N ASP E 179 -19.06 -35.25 27.73
CA ASP E 179 -20.33 -35.19 27.00
C ASP E 179 -20.66 -33.73 26.74
N LEU E 180 -20.06 -33.18 25.69
CA LEU E 180 -20.31 -31.81 25.31
C LEU E 180 -21.77 -31.62 24.92
N GLN E 181 -22.39 -30.58 25.47
CA GLN E 181 -23.75 -30.21 25.12
C GLN E 181 -23.74 -28.78 24.60
N MET E 182 -24.88 -28.34 24.09
CA MET E 182 -24.97 -27.06 23.41
C MET E 182 -26.06 -26.20 24.02
N GLN E 183 -25.79 -24.90 24.11
CA GLN E 183 -26.78 -23.91 24.50
C GLN E 183 -26.83 -22.84 23.42
N GLU E 184 -28.00 -22.23 23.24
CA GLU E 184 -28.21 -21.28 22.16
C GLU E 184 -27.27 -20.09 22.30
N ALA E 185 -26.76 -19.63 21.16
CA ALA E 185 -25.87 -18.48 21.16
C ALA E 185 -26.60 -17.22 21.62
N ASP E 186 -25.88 -16.37 22.34
CA ASP E 186 -26.43 -15.16 22.92
C ASP E 186 -25.95 -13.96 22.12
N ILE E 187 -26.88 -13.14 21.65
CA ILE E 187 -26.55 -11.94 20.88
C ILE E 187 -27.26 -10.74 21.48
N SER E 188 -27.58 -10.81 22.77
CA SER E 188 -28.22 -9.67 23.43
C SER E 188 -27.27 -8.48 23.48
N GLY E 189 -26.00 -8.72 23.76
CA GLY E 189 -25.00 -7.68 23.83
C GLY E 189 -24.33 -7.35 22.52
N TYR E 190 -24.77 -7.95 21.41
CA TYR E 190 -24.14 -7.71 20.12
C TYR E 190 -24.30 -6.25 19.73
N ILE E 191 -23.20 -5.62 19.33
CA ILE E 191 -23.23 -4.24 18.85
C ILE E 191 -23.24 -4.26 17.33
N PRO E 192 -24.11 -3.50 16.68
CA PRO E 192 -24.21 -3.57 15.22
C PRO E 192 -22.91 -3.12 14.55
N ASN E 193 -22.62 -3.76 13.43
CA ASN E 193 -21.47 -3.40 12.60
C ASN E 193 -21.93 -2.43 11.51
N GLY E 194 -21.01 -1.56 11.09
CA GLY E 194 -21.35 -0.60 10.06
C GLY E 194 -21.34 -1.13 8.65
N GLU E 195 -20.96 -2.40 8.47
CA GLU E 195 -20.83 -2.99 7.16
C GLU E 195 -21.69 -4.24 6.98
N TRP E 196 -21.81 -5.07 8.02
CA TRP E 196 -22.45 -6.37 7.92
C TRP E 196 -23.68 -6.41 8.80
N ASP E 197 -24.81 -6.87 8.24
CA ASP E 197 -26.05 -7.03 8.97
C ASP E 197 -26.13 -8.50 9.36
N LEU E 198 -26.20 -8.76 10.67
CA LEU E 198 -26.25 -10.12 11.17
C LEU E 198 -27.64 -10.71 10.96
N VAL E 199 -27.72 -11.78 10.17
CA VAL E 199 -28.97 -12.49 9.99
C VAL E 199 -29.27 -13.40 11.18
N GLY E 200 -28.27 -14.13 11.65
CA GLY E 200 -28.44 -14.99 12.81
C GLY E 200 -27.18 -15.78 13.04
N ILE E 201 -27.13 -16.40 14.20
CA ILE E 201 -25.99 -17.26 14.56
C ILE E 201 -26.53 -18.59 15.08
N PRO E 202 -27.14 -19.41 14.23
CA PRO E 202 -27.57 -20.73 14.68
C PRO E 202 -26.40 -21.68 14.77
N GLY E 203 -26.66 -22.86 15.37
CA GLY E 203 -25.62 -23.84 15.56
C GLY E 203 -26.18 -25.25 15.48
N LYS E 204 -25.25 -26.21 15.55
CA LYS E 204 -25.60 -27.62 15.45
C LYS E 204 -24.52 -28.44 16.15
N ARG E 205 -24.94 -29.38 16.98
CA ARG E 205 -24.01 -30.24 17.72
C ARG E 205 -23.87 -31.56 16.96
N SER E 206 -22.65 -31.87 16.55
CA SER E 206 -22.37 -33.02 15.71
C SER E 206 -21.32 -33.91 16.35
N GLU E 207 -21.40 -35.20 16.04
CA GLU E 207 -20.47 -36.21 16.54
C GLU E 207 -19.68 -36.75 15.36
N ARG E 208 -18.35 -36.67 15.44
CA ARG E 208 -17.49 -37.02 14.33
C ARG E 208 -16.38 -37.95 14.80
N PHE E 209 -16.13 -39.01 14.04
CA PHE E 209 -15.04 -39.94 14.31
C PHE E 209 -13.74 -39.40 13.75
N TYR E 210 -12.63 -39.97 14.22
CA TYR E 210 -11.30 -39.59 13.77
C TYR E 210 -10.45 -40.83 13.53
N GLU E 211 -9.50 -40.69 12.60
CA GLU E 211 -8.64 -41.81 12.23
C GLU E 211 -7.68 -42.22 13.34
N CYS E 212 -7.41 -41.33 14.29
CA CYS E 212 -6.54 -41.68 15.41
C CYS E 212 -7.15 -42.79 16.25
N CYS E 213 -8.41 -42.64 16.63
CA CYS E 213 -8.95 -43.33 17.78
C CYS E 213 -10.36 -43.80 17.45
N LYS E 214 -10.80 -44.83 18.17
CA LYS E 214 -12.13 -45.39 18.00
C LYS E 214 -13.18 -44.70 18.86
N GLU E 215 -12.92 -43.46 19.26
CA GLU E 215 -13.79 -42.72 20.17
C GLU E 215 -14.37 -41.51 19.44
N PRO E 216 -15.70 -41.38 19.36
CA PRO E 216 -16.28 -40.20 18.72
C PRO E 216 -15.99 -38.94 19.52
N TYR E 217 -15.84 -37.84 18.80
CA TYR E 217 -15.55 -36.54 19.41
C TYR E 217 -16.67 -35.57 19.12
N PRO E 218 -17.61 -35.36 20.04
CA PRO E 218 -18.69 -34.41 19.81
C PRO E 218 -18.16 -32.99 19.72
N ASP E 219 -18.89 -32.16 18.99
CA ASP E 219 -18.49 -30.78 18.75
C ASP E 219 -19.73 -29.90 18.62
N VAL E 220 -19.51 -28.58 18.72
CA VAL E 220 -20.57 -27.60 18.56
C VAL E 220 -20.11 -26.60 17.51
N THR E 221 -20.86 -26.53 16.40
CA THR E 221 -20.51 -25.68 15.27
C THR E 221 -21.53 -24.55 15.17
N PHE E 222 -21.05 -23.31 15.20
CA PHE E 222 -21.89 -22.13 15.10
C PHE E 222 -21.69 -21.52 13.71
N THR E 223 -22.78 -21.32 12.99
CA THR E 223 -22.75 -20.71 11.66
C THR E 223 -23.19 -19.26 11.79
N VAL E 224 -22.28 -18.34 11.46
CA VAL E 224 -22.55 -16.91 11.55
C VAL E 224 -23.03 -16.46 10.17
N THR E 225 -24.34 -16.37 10.01
CA THR E 225 -24.93 -15.89 8.76
C THR E 225 -25.03 -14.37 8.81
N MET E 226 -24.23 -13.70 7.99
CA MET E 226 -24.22 -12.24 7.95
C MET E 226 -24.43 -11.76 6.52
N ARG E 227 -25.21 -10.70 6.36
CA ARG E 227 -25.49 -10.10 5.06
C ARG E 227 -24.76 -8.78 4.94
N ARG E 228 -24.09 -8.59 3.81
CA ARG E 228 -23.35 -7.35 3.58
C ARG E 228 -24.30 -6.22 3.25
N ARG E 229 -24.10 -5.07 3.90
CA ARG E 229 -24.88 -3.88 3.59
C ARG E 229 -24.23 -3.18 2.40
N THR E 230 -24.99 -3.01 1.32
CA THR E 230 -24.44 -2.65 0.02
C THR E 230 -24.56 -1.18 -0.31
N LEU E 231 -24.91 -0.33 0.67
CA LEU E 231 -25.04 1.09 0.38
C LEU E 231 -23.71 1.69 -0.04
N TYR E 232 -22.66 1.45 0.75
CA TYR E 232 -21.35 2.03 0.45
C TYR E 232 -20.81 1.49 -0.87
N TYR E 233 -20.93 0.18 -1.08
CA TYR E 233 -20.40 -0.40 -2.31
C TYR E 233 -21.16 0.08 -3.53
N GLY E 234 -22.50 0.14 -3.45
CA GLY E 234 -23.27 0.67 -4.55
C GLY E 234 -22.97 2.12 -4.85
N LEU E 235 -22.71 2.91 -3.81
CA LEU E 235 -22.45 4.33 -4.02
C LEU E 235 -21.03 4.58 -4.53
N ASN E 236 -20.08 3.72 -4.19
CA ASN E 236 -18.68 3.99 -4.48
C ASN E 236 -18.10 3.16 -5.62
N LEU E 237 -18.77 2.08 -6.02
CA LEU E 237 -18.27 1.22 -7.08
C LEU E 237 -19.22 1.14 -8.26
N LEU E 238 -20.49 0.81 -8.02
CA LEU E 238 -21.42 0.60 -9.13
C LEU E 238 -21.82 1.92 -9.78
N ILE E 239 -22.20 2.92 -8.96
CA ILE E 239 -22.64 4.20 -9.52
C ILE E 239 -21.55 4.90 -10.32
N PRO E 240 -20.30 5.02 -9.85
CA PRO E 240 -19.28 5.68 -10.69
C PRO E 240 -19.06 4.96 -12.01
N CYS E 241 -19.15 3.63 -12.03
CA CYS E 241 -18.97 2.93 -13.30
C CYS E 241 -20.13 3.18 -14.25
N VAL E 242 -21.36 3.22 -13.74
CA VAL E 242 -22.48 3.60 -14.59
C VAL E 242 -22.26 4.98 -15.18
N LEU E 243 -21.83 5.92 -14.33
CA LEU E 243 -21.64 7.29 -14.79
C LEU E 243 -20.54 7.38 -15.85
N ILE E 244 -19.42 6.70 -15.63
CA ILE E 244 -18.30 6.77 -16.57
C ILE E 244 -18.65 6.07 -17.87
N SER E 245 -19.35 4.93 -17.80
CA SER E 245 -19.77 4.25 -19.02
C SER E 245 -20.74 5.12 -19.81
N ALA E 246 -21.68 5.78 -19.13
CA ALA E 246 -22.60 6.67 -19.82
C ALA E 246 -21.87 7.85 -20.44
N LEU E 247 -20.85 8.37 -19.74
CA LEU E 247 -20.06 9.47 -20.29
C LEU E 247 -19.24 9.03 -21.49
N ALA E 248 -18.88 7.74 -21.55
CA ALA E 248 -18.18 7.21 -22.71
C ALA E 248 -19.04 7.25 -23.97
N LEU E 249 -20.36 7.25 -23.82
CA LEU E 249 -21.26 7.29 -24.96
C LEU E 249 -21.41 8.70 -25.54
N LEU E 250 -20.89 9.72 -24.87
CA LEU E 250 -20.94 11.08 -25.40
C LEU E 250 -20.18 11.22 -26.70
N VAL E 251 -19.24 10.31 -26.97
CA VAL E 251 -18.49 10.37 -28.23
C VAL E 251 -19.46 10.32 -29.40
N PHE E 252 -20.52 9.55 -29.28
CA PHE E 252 -21.54 9.44 -30.32
C PHE E 252 -22.43 10.67 -30.41
N LEU E 253 -22.10 11.74 -29.70
CA LEU E 253 -22.73 13.04 -29.91
C LEU E 253 -21.76 14.10 -30.38
N LEU E 254 -20.46 13.92 -30.15
CA LEU E 254 -19.47 14.87 -30.63
C LEU E 254 -19.45 14.88 -32.15
N PRO E 255 -19.56 16.04 -32.79
CA PRO E 255 -19.36 16.10 -34.24
C PRO E 255 -17.92 15.76 -34.58
N ALA E 256 -17.75 15.05 -35.70
CA ALA E 256 -16.42 14.58 -36.10
C ALA E 256 -15.49 15.70 -36.51
N ASP E 257 -16.02 16.90 -36.79
CA ASP E 257 -15.15 18.00 -37.21
C ASP E 257 -14.19 18.41 -36.10
N SER E 258 -14.65 18.39 -34.86
CA SER E 258 -13.79 18.70 -33.72
C SER E 258 -13.00 17.44 -33.36
N GLY E 259 -11.67 17.53 -33.44
CA GLY E 259 -10.82 16.38 -33.26
C GLY E 259 -10.65 15.95 -31.81
N GLU E 260 -11.70 15.37 -31.22
CA GLU E 260 -11.62 15.02 -29.81
C GLU E 260 -12.28 13.67 -29.48
N LYS E 261 -12.78 12.96 -30.49
CA LYS E 261 -13.57 11.76 -30.20
C LYS E 261 -12.74 10.63 -29.58
N ILE E 262 -11.60 10.28 -30.21
CA ILE E 262 -10.75 9.23 -29.64
C ILE E 262 -10.15 9.70 -28.32
N SER E 263 -9.83 10.99 -28.21
CA SER E 263 -9.35 11.51 -26.92
C SER E 263 -10.36 11.24 -25.82
N LEU E 264 -11.62 11.61 -26.06
CA LEU E 264 -12.67 11.35 -25.08
C LEU E 264 -12.78 9.87 -24.77
N GLY E 265 -12.94 9.04 -25.80
CA GLY E 265 -13.17 7.62 -25.56
C GLY E 265 -12.02 6.96 -24.82
N ILE E 266 -10.79 7.29 -25.21
CA ILE E 266 -9.65 6.59 -24.65
C ILE E 266 -9.28 7.13 -23.28
N THR E 267 -9.55 8.40 -22.98
CA THR E 267 -9.29 8.84 -21.62
C THR E 267 -10.35 8.32 -20.67
N VAL E 268 -11.58 8.16 -21.16
CA VAL E 268 -12.59 7.44 -20.37
C VAL E 268 -12.15 6.01 -20.11
N LEU E 269 -11.59 5.36 -21.14
CA LEU E 269 -11.10 3.99 -20.95
C LEU E 269 -9.97 3.95 -19.93
N LEU E 270 -9.07 4.92 -19.97
CA LEU E 270 -7.97 4.97 -19.00
C LEU E 270 -8.49 5.18 -17.59
N SER E 271 -9.47 6.08 -17.43
CA SER E 271 -10.05 6.30 -16.11
C SER E 271 -10.72 5.04 -15.59
N LEU E 272 -11.45 4.33 -16.45
CA LEU E 272 -12.05 3.06 -16.04
C LEU E 272 -10.98 2.03 -15.71
N THR E 273 -9.84 2.06 -16.40
CA THR E 273 -8.74 1.16 -16.08
C THR E 273 -8.24 1.41 -14.66
N VAL E 274 -8.03 2.69 -14.33
CA VAL E 274 -7.60 3.03 -12.97
C VAL E 274 -8.63 2.57 -11.95
N PHE E 275 -9.91 2.82 -12.23
CA PHE E 275 -10.96 2.45 -11.29
C PHE E 275 -11.01 0.94 -11.07
N MET E 276 -10.97 0.17 -12.15
CA MET E 276 -11.05 -1.29 -12.01
C MET E 276 -9.82 -1.84 -11.34
N LEU E 277 -8.64 -1.25 -11.58
CA LEU E 277 -7.44 -1.69 -10.88
C LEU E 277 -7.57 -1.46 -9.38
N ALA E 278 -8.03 -0.26 -8.99
CA ALA E 278 -8.19 0.04 -7.57
C ALA E 278 -9.21 -0.89 -6.93
N VAL E 279 -10.30 -1.21 -7.64
CA VAL E 279 -11.30 -2.10 -7.06
C VAL E 279 -10.76 -3.51 -6.94
N ALA E 280 -10.12 -4.02 -7.99
CA ALA E 280 -9.59 -5.38 -7.97
C ALA E 280 -8.47 -5.53 -6.95
N GLU E 281 -7.89 -4.42 -6.49
CA GLU E 281 -6.91 -4.51 -5.41
C GLU E 281 -7.51 -5.08 -4.12
N ILE E 282 -8.84 -5.06 -3.97
CA ILE E 282 -9.48 -5.41 -2.71
C ILE E 282 -10.22 -6.74 -2.76
N MET E 283 -10.18 -7.45 -3.89
CA MET E 283 -10.95 -8.67 -3.98
C MET E 283 -10.05 -9.90 -3.90
N PRO E 284 -10.56 -11.03 -3.40
CA PRO E 284 -9.73 -12.23 -3.31
C PRO E 284 -9.41 -12.80 -4.68
N ALA E 285 -8.29 -13.51 -4.75
CA ALA E 285 -7.86 -14.15 -5.99
C ALA E 285 -8.41 -15.58 -6.08
N THR E 286 -9.73 -15.68 -5.90
CA THR E 286 -10.42 -16.96 -5.97
C THR E 286 -10.78 -17.28 -7.40
N SER E 287 -10.90 -18.58 -7.70
CA SER E 287 -11.24 -19.04 -9.05
C SER E 287 -12.43 -19.98 -9.04
N ASP E 288 -13.21 -20.01 -7.96
CA ASP E 288 -14.43 -20.81 -7.93
C ASP E 288 -15.42 -20.32 -8.98
N SER E 289 -15.59 -19.00 -9.10
CA SER E 289 -16.52 -18.44 -10.05
C SER E 289 -16.16 -16.98 -10.29
N VAL E 290 -16.69 -16.43 -11.38
CA VAL E 290 -16.47 -15.04 -11.74
C VAL E 290 -17.32 -14.14 -10.84
N PRO E 291 -16.73 -13.18 -10.14
CA PRO E 291 -17.54 -12.28 -9.31
C PRO E 291 -18.51 -11.47 -10.15
N LEU E 292 -19.64 -11.13 -9.53
CA LEU E 292 -20.64 -10.31 -10.22
C LEU E 292 -20.06 -8.97 -10.63
N ILE E 293 -19.30 -8.33 -9.73
CA ILE E 293 -18.68 -7.06 -10.10
C ILE E 293 -17.63 -7.27 -11.17
N ALA E 294 -16.99 -8.45 -11.21
CA ALA E 294 -16.05 -8.73 -12.28
C ALA E 294 -16.75 -8.80 -13.63
N GLN E 295 -17.91 -9.48 -13.69
CA GLN E 295 -18.67 -9.50 -14.94
C GLN E 295 -19.14 -8.10 -15.31
N TYR E 296 -19.56 -7.33 -14.32
CA TYR E 296 -20.00 -5.96 -14.57
C TYR E 296 -18.88 -5.10 -15.16
N PHE E 297 -17.68 -5.20 -14.58
CA PHE E 297 -16.55 -4.44 -15.10
C PHE E 297 -16.15 -4.93 -16.49
N ALA E 298 -16.23 -6.23 -16.73
CA ALA E 298 -15.96 -6.75 -18.06
C ALA E 298 -16.94 -6.17 -19.07
N SER E 299 -18.22 -6.10 -18.71
CA SER E 299 -19.20 -5.51 -19.62
C SER E 299 -18.90 -4.06 -19.90
N THR E 300 -18.54 -3.30 -18.86
CA THR E 300 -18.20 -1.88 -19.08
C THR E 300 -16.98 -1.74 -19.98
N MET E 301 -15.95 -2.56 -19.75
CA MET E 301 -14.75 -2.49 -20.58
C MET E 301 -15.05 -2.82 -22.03
N ILE E 302 -15.86 -3.86 -22.26
CA ILE E 302 -16.24 -4.22 -23.62
C ILE E 302 -17.02 -3.08 -24.28
N ILE E 303 -17.94 -2.47 -23.53
CA ILE E 303 -18.75 -1.40 -24.11
C ILE E 303 -17.86 -0.24 -24.53
N VAL E 304 -16.92 0.15 -23.67
CA VAL E 304 -16.03 1.25 -24.01
C VAL E 304 -15.12 0.90 -25.18
N GLY E 305 -14.59 -0.33 -25.20
CA GLY E 305 -13.74 -0.74 -26.31
C GLY E 305 -14.47 -0.73 -27.64
N LEU E 306 -15.68 -1.28 -27.68
CA LEU E 306 -16.46 -1.22 -28.91
C LEU E 306 -16.88 0.20 -29.25
N SER E 307 -17.03 1.07 -28.25
CA SER E 307 -17.26 2.47 -28.56
C SER E 307 -16.08 3.07 -29.29
N VAL E 308 -14.86 2.76 -28.85
CA VAL E 308 -13.67 3.27 -29.53
C VAL E 308 -13.58 2.69 -30.94
N VAL E 309 -13.88 1.40 -31.10
CA VAL E 309 -13.82 0.77 -32.42
C VAL E 309 -14.82 1.43 -33.37
N VAL E 310 -16.06 1.63 -32.90
CA VAL E 310 -17.06 2.27 -33.74
C VAL E 310 -16.64 3.71 -34.05
N THR E 311 -15.98 4.37 -33.10
CA THR E 311 -15.51 5.72 -33.35
C THR E 311 -14.47 5.74 -34.47
N VAL E 312 -13.57 4.76 -34.46
CA VAL E 312 -12.60 4.66 -35.56
C VAL E 312 -13.30 4.40 -36.88
N ILE E 313 -14.35 3.57 -36.87
CA ILE E 313 -15.09 3.32 -38.11
C ILE E 313 -15.77 4.59 -38.60
N VAL E 314 -16.37 5.35 -37.68
CA VAL E 314 -17.04 6.61 -38.04
C VAL E 314 -16.03 7.60 -38.60
N LEU E 315 -14.83 7.65 -38.02
CA LEU E 315 -13.82 8.57 -38.53
C LEU E 315 -13.29 8.11 -39.89
N GLN E 316 -13.24 6.80 -40.14
CA GLN E 316 -12.94 6.33 -41.48
C GLN E 316 -14.00 6.79 -42.47
N TYR E 317 -15.27 6.72 -42.07
CA TYR E 317 -16.34 7.14 -42.96
C TYR E 317 -16.34 8.64 -43.17
N HIS E 318 -15.94 9.41 -42.16
CA HIS E 318 -15.98 10.86 -42.25
C HIS E 318 -14.84 11.40 -43.12
N HIS E 319 -13.61 10.95 -42.86
CA HIS E 319 -12.46 11.37 -43.64
C HIS E 319 -12.23 10.37 -44.78
N HIS E 320 -13.17 10.37 -45.71
CA HIS E 320 -13.10 9.52 -46.89
C HIS E 320 -12.83 10.41 -48.11
N ASP E 321 -11.69 10.16 -48.76
CA ASP E 321 -11.33 10.98 -49.91
C ASP E 321 -12.32 10.74 -51.04
N PRO E 322 -12.84 11.81 -51.65
CA PRO E 322 -13.80 11.64 -52.75
C PRO E 322 -13.22 10.89 -53.94
N ASP E 323 -11.90 10.99 -54.16
CA ASP E 323 -11.25 10.27 -55.25
C ASP E 323 -10.94 8.83 -54.92
N GLY E 324 -11.15 8.41 -53.67
CA GLY E 324 -10.84 7.03 -53.29
C GLY E 324 -11.68 6.02 -54.03
N GLY E 325 -12.96 6.30 -54.19
CA GLY E 325 -13.85 5.41 -54.91
C GLY E 325 -15.29 5.65 -54.53
N LYS E 326 -16.18 5.29 -55.46
CA LYS E 326 -17.60 5.41 -55.21
C LYS E 326 -18.05 4.46 -54.11
N MET E 327 -19.04 4.90 -53.34
CA MET E 327 -19.56 4.07 -52.26
C MET E 327 -20.22 2.81 -52.84
N PRO E 328 -20.14 1.68 -52.15
CA PRO E 328 -20.92 0.52 -52.59
C PRO E 328 -22.40 0.84 -52.62
N LYS E 329 -23.08 0.30 -53.64
CA LYS E 329 -24.48 0.63 -53.84
C LYS E 329 -25.33 0.16 -52.67
N TRP E 330 -25.04 -1.02 -52.13
CA TRP E 330 -25.84 -1.55 -51.03
C TRP E 330 -25.73 -0.67 -49.79
N THR E 331 -24.51 -0.37 -49.35
CA THR E 331 -24.36 0.46 -48.17
C THR E 331 -24.90 1.86 -48.41
N ARG E 332 -24.74 2.38 -49.64
CA ARG E 332 -25.31 3.68 -49.98
C ARG E 332 -26.82 3.67 -49.77
N VAL E 333 -27.51 2.70 -50.38
CA VAL E 333 -28.97 2.71 -50.33
C VAL E 333 -29.46 2.49 -48.91
N ILE E 334 -28.87 1.54 -48.18
CA ILE E 334 -29.36 1.29 -46.82
C ILE E 334 -29.11 2.49 -45.92
N LEU E 335 -27.88 3.03 -45.93
CA LEU E 335 -27.55 4.08 -44.98
C LEU E 335 -28.13 5.43 -45.35
N LEU E 336 -28.56 5.62 -46.60
CA LEU E 336 -29.17 6.88 -46.98
C LEU E 336 -30.68 6.80 -47.15
N ASN E 337 -31.27 5.61 -47.09
CA ASN E 337 -32.72 5.48 -47.14
C ASN E 337 -33.30 4.89 -45.87
N TRP E 338 -32.87 3.69 -45.47
CA TRP E 338 -33.57 2.99 -44.39
C TRP E 338 -33.31 3.66 -43.04
N CYS E 339 -32.06 3.95 -42.75
CA CYS E 339 -31.74 4.60 -41.47
C CYS E 339 -32.22 6.04 -41.44
N ALA E 340 -32.19 6.73 -42.58
CA ALA E 340 -32.72 8.08 -42.64
C ALA E 340 -34.23 8.09 -42.37
N TRP E 341 -34.95 7.14 -42.96
CA TRP E 341 -36.38 7.01 -42.69
C TRP E 341 -36.63 6.65 -41.24
N PHE E 342 -35.79 5.77 -40.68
CA PHE E 342 -35.94 5.38 -39.28
C PHE E 342 -35.69 6.56 -38.36
N LEU E 343 -34.58 7.26 -38.55
CA LEU E 343 -34.17 8.34 -37.66
C LEU E 343 -34.74 9.70 -38.05
N ARG E 344 -35.48 9.77 -39.16
CA ARG E 344 -36.09 11.03 -39.62
C ARG E 344 -35.04 12.13 -39.78
N MET E 345 -33.88 11.76 -40.34
CA MET E 345 -32.83 12.73 -40.58
C MET E 345 -33.09 13.51 -41.86
N LYS E 346 -32.62 14.76 -41.88
CA LYS E 346 -32.77 15.62 -43.04
C LYS E 346 -31.60 15.43 -43.99
N ARG E 347 -31.91 15.04 -45.22
CA ARG E 347 -30.89 14.85 -46.24
C ARG E 347 -30.54 16.20 -46.85
N PRO E 348 -29.29 16.67 -46.73
CA PRO E 348 -28.94 17.96 -47.32
C PRO E 348 -29.07 17.94 -48.84
N GLY E 349 -29.47 19.08 -49.38
CA GLY E 349 -29.66 19.21 -50.81
C GLY E 349 -30.89 18.51 -51.33
N ASP E 430 -9.29 39.50 -81.88
CA ASP E 430 -10.30 38.43 -81.91
C ASP E 430 -9.85 37.16 -81.17
N PRO E 431 -8.68 36.59 -81.50
CA PRO E 431 -8.27 35.36 -80.80
C PRO E 431 -8.05 35.56 -79.31
N ASP E 432 -7.71 36.78 -78.89
CA ASP E 432 -7.50 37.04 -77.46
C ASP E 432 -8.78 36.84 -76.68
N LEU E 433 -9.92 37.26 -77.24
CA LEU E 433 -11.19 37.06 -76.56
C LEU E 433 -11.48 35.58 -76.37
N ALA E 434 -11.23 34.77 -77.40
CA ALA E 434 -11.46 33.34 -77.29
C ALA E 434 -10.49 32.69 -76.30
N LYS E 435 -9.26 33.19 -76.25
CA LYS E 435 -8.29 32.62 -75.30
C LYS E 435 -8.71 32.92 -73.86
N ILE E 436 -9.11 34.17 -73.58
CA ILE E 436 -9.63 34.50 -72.26
C ILE E 436 -10.87 33.66 -71.96
N LEU E 437 -11.71 33.44 -72.98
CA LEU E 437 -12.87 32.59 -72.82
C LEU E 437 -12.48 31.20 -72.34
N GLU E 438 -11.53 30.57 -73.03
CA GLU E 438 -11.15 29.21 -72.64
C GLU E 438 -10.48 29.20 -71.27
N GLU E 439 -9.77 30.27 -70.93
CA GLU E 439 -9.11 30.34 -69.63
C GLU E 439 -10.11 30.40 -68.49
N VAL E 440 -11.08 31.32 -68.59
CA VAL E 440 -12.13 31.38 -67.57
C VAL E 440 -12.97 30.12 -67.59
N ARG E 441 -13.11 29.49 -68.76
CA ARG E 441 -13.81 28.20 -68.82
C ARG E 441 -13.08 27.15 -67.99
N TYR E 442 -11.74 27.11 -68.11
CA TYR E 442 -10.96 26.21 -67.27
C TYR E 442 -11.16 26.50 -65.79
N ILE E 443 -11.12 27.79 -65.42
CA ILE E 443 -11.26 28.13 -64.00
C ILE E 443 -12.62 27.68 -63.47
N ALA E 444 -13.69 27.97 -64.22
CA ALA E 444 -15.02 27.60 -63.75
C ALA E 444 -15.22 26.09 -63.75
N ASN E 445 -14.64 25.39 -64.71
CA ASN E 445 -14.73 23.92 -64.71
C ASN E 445 -14.01 23.34 -63.51
N ARG E 446 -12.86 23.90 -63.15
CA ARG E 446 -12.17 23.47 -61.95
C ARG E 446 -13.02 23.72 -60.71
N PHE E 447 -13.70 24.87 -60.65
CA PHE E 447 -14.57 25.14 -59.51
C PHE E 447 -15.74 24.15 -59.46
N ARG E 448 -16.31 23.81 -60.61
CA ARG E 448 -17.40 22.84 -60.64
C ARG E 448 -16.95 21.46 -60.18
N CYS E 449 -15.76 21.02 -60.63
CA CYS E 449 -15.25 19.74 -60.16
C CYS E 449 -14.98 19.76 -58.66
N GLN E 450 -14.46 20.88 -58.16
CA GLN E 450 -14.27 21.02 -56.72
C GLN E 450 -15.60 20.92 -55.98
N ASP E 451 -16.65 21.54 -56.52
CA ASP E 451 -17.96 21.47 -55.89
C ASP E 451 -18.51 20.04 -55.89
N GLU E 452 -18.30 19.31 -56.99
CA GLU E 452 -18.76 17.92 -57.03
C GLU E 452 -18.03 17.07 -55.99
N SER E 453 -16.71 17.25 -55.86
CA SER E 453 -15.97 16.52 -54.84
C SER E 453 -16.44 16.91 -53.44
N GLU E 454 -16.73 18.19 -53.23
CA GLU E 454 -17.26 18.63 -51.95
C GLU E 454 -18.60 17.97 -51.64
N ALA E 455 -19.46 17.86 -52.64
CA ALA E 455 -20.76 17.22 -52.43
C ALA E 455 -20.60 15.76 -52.08
N VAL E 456 -19.70 15.05 -52.76
CA VAL E 456 -19.46 13.64 -52.44
C VAL E 456 -18.95 13.50 -51.02
N CYS E 457 -17.98 14.34 -50.64
CA CYS E 457 -17.43 14.26 -49.28
C CYS E 457 -18.48 14.60 -48.23
N SER E 458 -19.36 15.56 -48.53
CA SER E 458 -20.43 15.90 -47.59
C SER E 458 -21.40 14.75 -47.43
N GLU E 459 -21.71 14.05 -48.52
CA GLU E 459 -22.57 12.88 -48.41
C GLU E 459 -21.90 11.79 -47.56
N TRP E 460 -20.58 11.60 -47.73
CA TRP E 460 -19.85 10.67 -46.88
C TRP E 460 -19.94 11.06 -45.41
N LYS E 461 -19.82 12.37 -45.14
CA LYS E 461 -19.93 12.85 -43.77
C LYS E 461 -21.31 12.57 -43.19
N PHE E 462 -22.35 12.76 -44.00
CA PHE E 462 -23.70 12.45 -43.53
C PHE E 462 -23.86 10.97 -43.24
N ALA E 463 -23.28 10.11 -44.07
CA ALA E 463 -23.31 8.68 -43.81
C ALA E 463 -22.63 8.36 -42.48
N ALA E 464 -21.49 9.00 -42.22
CA ALA E 464 -20.81 8.80 -40.94
C ALA E 464 -21.70 9.25 -39.78
N CYS E 465 -22.38 10.38 -39.94
CA CYS E 465 -23.27 10.86 -38.87
C CYS E 465 -24.40 9.87 -38.61
N VAL E 466 -24.97 9.31 -39.67
CA VAL E 466 -26.08 8.35 -39.49
C VAL E 466 -25.59 7.09 -38.78
N VAL E 467 -24.42 6.58 -39.20
CA VAL E 467 -23.83 5.43 -38.52
C VAL E 467 -23.63 5.76 -37.04
N ASP E 468 -23.11 6.95 -36.76
CA ASP E 468 -22.82 7.35 -35.38
C ASP E 468 -24.09 7.36 -34.56
N ARG E 469 -25.17 7.95 -35.09
CA ARG E 469 -26.41 8.05 -34.33
C ARG E 469 -27.02 6.69 -34.07
N LEU E 470 -27.07 5.83 -35.09
CA LEU E 470 -27.66 4.51 -34.89
C LEU E 470 -26.84 3.71 -33.88
N CYS E 471 -25.52 3.82 -33.92
CA CYS E 471 -24.72 3.12 -32.94
C CYS E 471 -24.87 3.71 -31.55
N LEU E 472 -25.13 5.02 -31.45
CA LEU E 472 -25.43 5.61 -30.15
C LEU E 472 -26.67 4.98 -29.54
N MET E 473 -27.74 4.89 -30.33
CA MET E 473 -28.97 4.28 -29.82
C MET E 473 -28.72 2.83 -29.41
N ALA E 474 -28.03 2.07 -30.27
CA ALA E 474 -27.78 0.66 -29.98
C ALA E 474 -26.96 0.51 -28.69
N PHE E 475 -25.90 1.31 -28.54
CA PHE E 475 -25.03 1.18 -27.39
C PHE E 475 -25.72 1.60 -26.11
N SER E 476 -26.52 2.67 -26.15
CA SER E 476 -27.26 3.07 -24.96
C SER E 476 -28.21 1.97 -24.52
N VAL E 477 -28.96 1.40 -25.48
CA VAL E 477 -29.90 0.34 -25.13
C VAL E 477 -29.16 -0.87 -24.58
N PHE E 478 -28.05 -1.25 -25.22
CA PHE E 478 -27.30 -2.42 -24.78
C PHE E 478 -26.73 -2.21 -23.39
N THR E 479 -26.18 -1.03 -23.11
CA THR E 479 -25.61 -0.76 -21.80
C THR E 479 -26.68 -0.83 -20.72
N ILE E 480 -27.84 -0.19 -20.95
CA ILE E 480 -28.90 -0.22 -19.96
C ILE E 480 -29.36 -1.65 -19.72
N ILE E 481 -29.59 -2.40 -20.80
CA ILE E 481 -30.08 -3.77 -20.68
C ILE E 481 -29.08 -4.64 -19.94
N CYS E 482 -27.80 -4.52 -20.29
CA CYS E 482 -26.78 -5.38 -19.69
C CYS E 482 -26.60 -5.08 -18.20
N THR E 483 -26.55 -3.80 -17.84
CA THR E 483 -26.40 -3.46 -16.43
C THR E 483 -27.61 -3.91 -15.63
N ILE E 484 -28.82 -3.69 -16.16
CA ILE E 484 -30.03 -4.12 -15.45
C ILE E 484 -30.02 -5.63 -15.27
N GLY E 485 -29.68 -6.37 -16.32
CA GLY E 485 -29.67 -7.82 -16.23
C GLY E 485 -28.63 -8.34 -15.25
N ILE E 486 -27.43 -7.76 -15.28
CA ILE E 486 -26.38 -8.21 -14.38
C ILE E 486 -26.77 -7.96 -12.93
N LEU E 487 -27.32 -6.78 -12.64
CA LEU E 487 -27.72 -6.51 -11.26
C LEU E 487 -28.95 -7.33 -10.86
N MET E 488 -29.82 -7.66 -11.81
CA MET E 488 -30.96 -8.52 -11.52
C MET E 488 -30.52 -9.94 -11.20
N SER E 489 -29.44 -10.41 -11.84
CA SER E 489 -29.05 -11.81 -11.71
C SER E 489 -28.70 -12.17 -10.26
N ALA E 490 -28.27 -11.20 -9.48
CA ALA E 490 -27.92 -11.48 -8.09
C ALA E 490 -29.17 -11.77 -7.28
N PRO E 491 -29.25 -12.91 -6.60
CA PRO E 491 -30.38 -13.15 -5.69
C PRO E 491 -30.34 -12.17 -4.52
N ASN E 492 -31.51 -12.00 -3.91
CA ASN E 492 -31.74 -11.09 -2.78
C ASN E 492 -31.30 -9.66 -3.09
N PHE E 493 -31.11 -9.34 -4.38
CA PHE E 493 -30.75 -7.96 -4.74
C PHE E 493 -31.86 -7.00 -4.38
N VAL E 494 -33.12 -7.39 -4.65
CA VAL E 494 -34.23 -6.47 -4.40
C VAL E 494 -34.39 -6.20 -2.91
N GLU E 495 -34.20 -7.23 -2.08
CA GLU E 495 -34.32 -7.00 -0.64
C GLU E 495 -33.11 -6.25 -0.10
N ALA E 496 -31.93 -6.46 -0.70
CA ALA E 496 -30.78 -5.66 -0.32
C ALA E 496 -31.01 -4.18 -0.62
N VAL E 497 -31.55 -3.88 -1.79
CA VAL E 497 -31.87 -2.49 -2.14
C VAL E 497 -32.92 -1.93 -1.18
N SER E 498 -33.98 -2.70 -0.92
CA SER E 498 -35.04 -2.23 -0.04
C SER E 498 -34.51 -1.94 1.35
N LYS E 499 -33.62 -2.80 1.86
CA LYS E 499 -33.11 -2.63 3.21
C LYS E 499 -32.07 -1.51 3.30
N ASP E 500 -31.28 -1.30 2.25
CA ASP E 500 -30.20 -0.31 2.33
C ASP E 500 -30.66 1.08 1.87
N PHE E 501 -31.12 1.20 0.62
CA PHE E 501 -31.44 2.51 0.09
C PHE E 501 -32.79 2.99 0.60
N ALA E 502 -33.85 2.21 0.34
CA ALA E 502 -35.19 2.58 0.79
C ALA E 502 -35.30 2.46 2.31
C1 NAG F . -3.53 -48.78 22.45
C2 NAG F . -4.82 -49.58 22.58
C3 NAG F . -5.36 -49.97 21.25
C4 NAG F . -4.48 -49.67 20.05
C5 NAG F . -3.73 -48.33 20.08
C6 NAG F . -4.36 -47.37 19.12
C7 NAG F . -5.11 -50.97 24.71
C8 NAG F . -4.82 -52.22 25.54
N2 NAG F . -4.51 -50.81 23.38
O3 NAG F . -6.64 -49.29 21.07
O4 NAG F . -3.54 -50.72 19.88
O5 NAG F . -3.71 -47.70 21.41
O6 NAG F . -3.74 -46.12 19.24
O7 NAG F . -5.82 -50.13 25.13
C1 NAG F . -3.90 -51.41 18.67
C2 NAG F . -2.63 -51.87 17.95
C3 NAG F . -2.93 -52.65 16.72
C4 NAG F . -3.89 -53.78 16.97
C5 NAG F . -5.15 -53.30 17.70
C6 NAG F . -5.98 -54.51 18.06
C7 NAG F . -0.42 -50.58 17.84
C8 NAG F . 0.38 -49.34 17.44
N2 NAG F . -1.84 -50.65 17.55
O3 NAG F . -1.69 -53.20 16.21
O4 NAG F . -4.27 -54.35 15.72
O5 NAG F . -4.83 -52.57 18.94
O6 NAG F . -6.87 -54.16 19.10
O7 NAG F . 0.11 -51.48 18.39
C1 NAG G . 32.67 -35.82 23.24
C2 NAG G . 32.90 -37.24 22.76
C3 NAG G . 33.56 -37.28 21.42
C4 NAG G . 34.04 -35.95 20.87
C5 NAG G . 33.14 -34.74 21.12
C6 NAG G . 32.47 -34.35 19.83
C7 NAG G . 33.23 -39.06 24.51
C8 NAG G . 34.10 -39.78 25.55
N2 NAG G . 33.77 -37.93 23.76
O3 NAG G . 32.62 -37.85 20.46
O4 NAG G . 35.34 -35.67 21.40
O5 NAG G . 32.10 -34.99 22.12
O6 NAG G . 31.57 -33.31 20.08
O7 NAG G . 32.11 -39.40 24.33
C1 NAG G . 36.27 -35.73 20.32
C2 NAG G . 37.35 -34.66 20.51
C3 NAG G . 38.39 -34.71 19.45
C4 NAG G . 38.96 -36.09 19.28
C5 NAG G . 37.88 -37.15 19.10
C6 NAG G . 38.52 -38.51 19.08
C7 NAG G . 36.99 -32.31 21.47
C8 NAG G . 36.32 -30.94 21.41
N2 NAG G . 36.69 -33.31 20.46
O3 NAG G . 39.46 -33.81 19.81
O4 NAG G . 39.80 -36.09 18.12
O5 NAG G . 36.89 -37.10 20.19
O6 NAG G . 37.54 -39.48 19.39
O7 NAG G . 37.76 -32.56 22.33
C1 NAG H . 32.99 -2.49 42.32
C2 NAG H . 34.48 -2.77 42.32
C3 NAG H . 35.25 -1.71 41.61
C4 NAG H . 34.48 -0.46 41.25
C5 NAG H . 33.04 -0.67 40.74
C6 NAG H . 32.96 -0.37 39.27
C7 NAG H . 35.47 -4.15 44.22
C8 NAG H . 35.97 -4.29 45.66
N2 NAG H . 34.96 -2.88 43.73
O3 NAG H . 35.80 -2.29 40.39
O4 NAG H . 34.44 0.42 42.37
O5 NAG H . 32.54 -2.04 40.97
O6 NAG H . 31.66 -0.63 38.82
O7 NAG H . 35.52 -5.08 43.48
C1 NAG H . 35.21 1.59 42.02
C2 NAG H . 34.56 2.82 42.63
C3 NAG H . 35.35 4.05 42.36
C4 NAG H . 36.80 3.91 42.73
C5 NAG H . 37.43 2.65 42.12
C6 NAG H . 38.82 2.49 42.66
C7 NAG H . 32.05 3.26 42.89
C8 NAG H . 30.67 3.43 42.29
N2 NAG H . 33.20 2.99 42.03
O3 NAG H . 34.78 5.14 43.13
O4 NAG H . 37.51 5.05 42.26
O5 NAG H . 36.65 1.44 42.44
O6 NAG H . 39.23 1.15 42.49
O7 NAG H . 32.21 3.35 44.07
C1 NAG I . -2.96 5.21 53.46
C2 NAG I . -2.21 6.24 54.28
C3 NAG I . -2.63 7.63 53.97
C4 NAG I . -3.84 7.77 53.06
C5 NAG I . -3.92 6.79 51.88
C6 NAG I . -3.61 7.50 50.60
C7 NAG I . -1.39 5.50 56.59
C8 NAG I . -1.64 5.21 58.07
N2 NAG I . -2.47 5.95 55.74
O3 NAG I . -1.51 8.32 53.35
O4 NAG I . -5.04 7.67 53.83
O5 NAG I . -2.99 5.65 52.02
O6 NAG I . -3.68 6.59 49.54
O7 NAG I . -0.30 5.38 56.14
C1 NAG I . -5.67 8.97 53.80
C2 NAG I . -7.18 8.78 53.75
C3 NAG I . -7.91 10.08 53.79
C4 NAG I . -7.46 10.95 54.94
C5 NAG I . -5.94 11.11 54.97
C6 NAG I . -5.55 11.87 56.22
C7 NAG I . -8.48 6.97 52.49
C8 NAG I . -8.85 6.25 51.19
N2 NAG I . -7.55 8.09 52.47
O3 NAG I . -9.33 9.82 53.94
O4 NAG I . -8.04 12.24 54.78
O5 NAG I . -5.26 9.81 54.98
O6 NAG I . -4.21 11.61 56.52
O7 NAG I . -8.96 6.61 53.52
C1 NAG J . -25.59 -23.37 41.13
C2 NAG J . -26.55 -22.67 42.08
C3 NAG J . -27.76 -22.18 41.38
C4 NAG J . -27.94 -22.63 39.94
C5 NAG J . -26.65 -22.65 39.09
C6 NAG J . -26.68 -21.51 38.12
C7 NAG J . -26.51 -23.39 44.53
C8 NAG J . -26.91 -24.37 45.64
N2 NAG J . -26.93 -23.64 43.16
O3 NAG J . -27.76 -20.73 41.41
O4 NAG J . -28.52 -23.93 39.92
O5 NAG J . -25.42 -22.56 39.88
O6 NAG J . -25.49 -21.51 37.38
O7 NAG J . -25.87 -22.43 44.79
C1 NAG J . -29.84 -23.79 39.37
C2 NAG J . -30.18 -25.00 38.51
C3 NAG J . -31.55 -24.94 37.97
C4 NAG J . -32.59 -24.68 39.03
C5 NAG J . -32.23 -23.47 39.88
C6 NAG J . -33.22 -23.35 41.01
C7 NAG J . -28.56 -26.30 37.01
C8 NAG J . -27.57 -26.35 35.83
N2 NAG J . -29.21 -25.05 37.36
O3 NAG J . -31.85 -26.22 37.33
O4 NAG J . -33.84 -24.45 38.40
O5 NAG J . -30.88 -23.57 40.44
O6 NAG J . -32.65 -22.58 42.04
O7 NAG J . -28.77 -27.28 37.65
N1 NCT K . 21.44 -29.76 18.22
C1 NCT K . 20.99 -29.94 16.94
C2 NCT K . 21.56 -30.91 16.14
C3 NCT K . 22.58 -31.70 16.64
C4 NCT K . 23.02 -31.53 17.91
C5 NCT K . 22.45 -30.56 18.71
N2 NCT K . 19.53 -31.56 14.68
C6 NCT K . 21.09 -31.13 14.72
C7 NCT K . 21.23 -29.98 13.98
C8 NCT K . 19.84 -29.59 13.51
C9 NCT K . 18.84 -30.50 14.34
C10 NCT K . 19.36 -32.56 13.66
C1 NAG L . 19.16 -54.37 25.81
C2 NAG L . 19.19 -55.58 26.74
C3 NAG L . 20.47 -56.32 26.67
C4 NAG L . 20.85 -56.68 25.26
C5 NAG L . 20.87 -55.44 24.36
C6 NAG L . 21.14 -55.87 22.95
C7 NAG L . 18.32 -55.92 29.12
C8 NAG L . 18.14 -55.43 30.56
N2 NAG L . 19.00 -55.08 28.15
O3 NAG L . 20.33 -57.55 27.44
O4 NAG L . 22.14 -57.27 25.27
O5 NAG L . 19.58 -54.73 24.41
O6 NAG L . 20.46 -55.03 22.06
O7 NAG L . 17.91 -56.99 28.81
N1 NCT M . 25.99 -5.91 31.06
C1 NCT M . 26.47 -5.79 29.80
C2 NCT M . 27.77 -5.42 29.58
C3 NCT M . 28.60 -5.17 30.65
C4 NCT M . 28.14 -5.29 31.93
C5 NCT M . 26.83 -5.66 32.14
N2 NCT M . 28.26 -6.67 27.36
C6 NCT M . 28.32 -5.26 28.17
C7 NCT M . 27.61 -4.33 27.47
C8 NCT M . 26.96 -5.06 26.29
C9 NCT M . 27.22 -6.61 26.56
C10 NCT M . 29.44 -6.79 26.56
C1 NAG N . 43.69 -22.77 39.50
C2 NAG N . 44.39 -23.73 40.46
C3 NAG N . 45.48 -23.08 41.22
C4 NAG N . 46.44 -22.34 40.33
C5 NAG N . 45.72 -21.34 39.44
C6 NAG N . 46.72 -20.72 38.50
C7 NAG N . 43.52 -25.60 41.97
C8 NAG N . 42.48 -26.14 42.96
N2 NAG N . 43.37 -24.25 41.43
O3 NAG N . 46.21 -24.10 41.95
O4 NAG N . 47.37 -21.63 41.15
O5 NAG N . 44.66 -22.00 38.64
O6 NAG N . 46.09 -20.44 37.27
O7 NAG N . 44.43 -26.29 41.63
N1 NCT O . 2.04 3.27 40.66
C1 NCT O . 2.51 4.28 39.88
C2 NCT O . 2.71 5.53 40.43
C3 NCT O . 2.43 5.76 41.75
C4 NCT O . 1.95 4.76 42.54
C5 NCT O . 1.75 3.50 41.99
N2 NCT O . 4.76 6.33 39.09
C6 NCT O . 3.25 6.67 39.58
C7 NCT O . 2.48 6.86 38.47
C8 NCT O . 3.35 6.56 37.27
C9 NCT O . 4.71 5.93 37.85
C10 NCT O . 5.55 7.52 39.17
C1 NAG P . 19.14 4.94 59.99
C2 NAG P . 19.91 4.58 61.26
C3 NAG P . 19.47 5.37 62.43
C4 NAG P . 19.44 6.85 62.17
C5 NAG P . 18.62 7.18 60.93
C6 NAG P . 18.71 8.65 60.66
C7 NAG P . 20.68 2.35 62.25
C8 NAG P . 20.44 0.87 62.55
N2 NAG P . 19.66 3.13 61.57
O3 NAG P . 20.39 5.12 63.54
O4 NAG P . 18.88 7.51 63.30
O5 NAG P . 19.10 6.44 59.76
O6 NAG P . 18.76 8.86 59.27
O7 NAG P . 21.71 2.85 62.57
N1 NCT Q . -17.43 -14.94 33.93
C1 NCT Q . -17.83 -13.74 33.44
C2 NCT Q . -19.08 -13.24 33.80
C3 NCT Q . -19.89 -13.95 34.64
C4 NCT Q . -19.47 -15.15 35.14
C5 NCT Q . -18.24 -15.65 34.79
N2 NCT Q . -18.54 -10.70 33.66
C6 NCT Q . -19.55 -11.89 33.26
C7 NCT Q . -19.65 -11.93 31.89
C8 NCT Q . -18.72 -10.87 31.36
C9 NCT Q . -17.82 -10.41 32.60
C10 NCT Q . -19.31 -9.54 34.01
C1 NAG R . -20.44 -9.68 59.03
C2 NAG R . -20.44 -9.86 60.55
C3 NAG R . -21.73 -10.35 61.07
C4 NAG R . -22.89 -9.52 60.59
C5 NAG R . -22.90 -9.39 59.07
C6 NAG R . -24.01 -8.46 58.66
C7 NAG R . -18.64 -10.72 62.15
C8 NAG R . -17.56 -11.76 62.53
N2 NAG R . -19.38 -10.87 60.91
O3 NAG R . -21.71 -10.31 62.52
O4 NAG R . -24.11 -10.11 61.01
O5 NAG R . -21.62 -8.87 58.56
O6 NAG R . -23.68 -7.83 57.45
O7 NAG R . -18.88 -9.82 62.89
N1 NCT S . -5.58 -35.45 19.77
C1 NCT S . -6.54 -34.90 18.98
C2 NCT S . -7.57 -35.68 18.51
C3 NCT S . -7.63 -37.02 18.84
C4 NCT S . -6.68 -37.58 19.63
C5 NCT S . -5.64 -36.79 20.10
N2 NCT S . -9.53 -34.01 18.46
C6 NCT S . -8.65 -35.08 17.63
C7 NCT S . -8.11 -34.43 16.55
C8 NCT S . -8.56 -32.99 16.62
C9 NCT S . -9.18 -32.82 18.08
C10 NCT S . -10.92 -34.20 18.13
C1 NAG T . -20.55 -46.20 37.83
C2 NAG T . -20.94 -46.94 39.10
C3 NAG T . -21.13 -48.39 38.88
C4 NAG T . -22.07 -48.68 37.74
C5 NAG T . -21.65 -47.96 36.47
C6 NAG T . -22.68 -48.20 35.41
C7 NAG T . -20.16 -46.70 41.54
C8 NAG T . -19.04 -46.51 42.56
N2 NAG T . -19.84 -46.75 40.11
O3 NAG T . -21.68 -48.98 40.10
O4 NAG T . -22.09 -50.08 37.50
O5 NAG T . -21.50 -46.52 36.69
O6 NAG T . -22.74 -47.08 34.56
O7 NAG T . -21.28 -46.81 41.89
#